data_8TNL
#
_entry.id   8TNL
#
_cell.length_a   1.00
_cell.length_b   1.00
_cell.length_c   1.00
_cell.angle_alpha   90.00
_cell.angle_beta   90.00
_cell.angle_gamma   90.00
#
_symmetry.space_group_name_H-M   'P 1'
#
loop_
_entity.id
_entity.type
_entity.pdbx_description
1 polymer 'H7.HK1 Neutralizing Antibody Heavy Chain'
2 polymer 'H7.HK1 Neutralizing Antibody Heavy Chain'
3 polymer Hemagglutinin
4 non-polymer 2-acetamido-2-deoxy-beta-D-glucopyranose
#
loop_
_entity_poly.entity_id
_entity_poly.type
_entity_poly.pdbx_seq_one_letter_code
_entity_poly.pdbx_strand_id
1 'polypeptide(L)'
;QVQLQESGPGLVKPSETLSLTCSVSGGSINSYYWTWIRQPPGKGLEWVGYIYHSGSTSYNPSLKSRITISVAPSKNHFSL
ELTSMTAADTAVYYCARLGGHGDYGSDYWGQGTLVTVSS
;
H,D,A
2 'polypeptide(L)'
;DIVMTQSPVSLPVTPGEPASISCNSSQSLLHSNGYAHLDWYLQKPGQSPKLMIYLGLNRAFGVPDRFSGSGSGTDFTLKI
SRVEAEDVGVYYCMQALQTPFTFGPGTRVDIK
;
L,E,B
3 'polypeptide(L)'
;MNTQILVFALIAIIPTNADKICLGHHAVSNGTKVNTLCERGVEVVNATETVERTNIPRICSKGKRTVDLGQCGLLGTITG
PPQCDQFLEFSADLIIERREGSDVCYPGKFVNEEALRQILRESGGIDKEAMGFTYSGIRTNGATSSCRRSGSSFYAEMKW
LLSNTDNAAFPQMTKSYKNTRKNPALIVWGIHHSGSTAEQTKLYGSGNKLVTVGSSNYQQSFVPSPGARTQVNGQSGRID
FHWLMLNPNDTVTFSFNGAFIAPDRASFLRGKSMGIQSGVQVDADCEGDCYYSGGTIISNLPFQNIDSRAVGKCPRYVKQ
RSLLLATGMKNVPEIPKGRRRRRRGLFGAIAGFIENGWEGLIDGWYGFRHQNAQGEGTAADYKSTQSAIDCITGKLNRLI
EKTNQQFELIDNEFTEVEKQIGNVINWTRDSITEVWSYNAELLVAMENQHTIDLADSEMDKLYERVKRQLRENAEEDGTG
CFEIFHKCDDDCMASIRNNTYDHSKYREEAMQNRIQIDGVSGRLVPRGSPGSGYIPEAPRDGQAYVRKDGEWVLLSTFLG
HHHHHH
;
C,I,K
#
loop_
_chem_comp.id
_chem_comp.type
_chem_comp.name
_chem_comp.formula
NAG D-saccharide, beta linking 2-acetamido-2-deoxy-beta-D-glucopyranose 'C8 H15 N O6'
#
# COMPACT_ATOMS: atom_id res chain seq x y z
N GLN A 1 -21.33 -43.27 -2.68
CA GLN A 1 -21.62 -43.37 -4.10
C GLN A 1 -23.05 -42.93 -4.40
N VAL A 2 -23.24 -42.28 -5.53
CA VAL A 2 -24.55 -41.81 -5.97
C VAL A 2 -25.11 -42.88 -6.90
N GLN A 3 -25.89 -43.80 -6.35
CA GLN A 3 -26.49 -44.88 -7.13
C GLN A 3 -27.79 -44.40 -7.76
N LEU A 4 -28.01 -44.80 -9.00
CA LEU A 4 -29.16 -44.37 -9.77
C LEU A 4 -30.02 -45.58 -10.15
N GLN A 5 -31.32 -45.35 -10.24
CA GLN A 5 -32.27 -46.39 -10.60
C GLN A 5 -33.47 -45.76 -11.27
N GLU A 6 -33.89 -46.32 -12.39
CA GLU A 6 -34.99 -45.78 -13.19
C GLU A 6 -36.09 -46.82 -13.37
N SER A 7 -37.30 -46.32 -13.61
CA SER A 7 -38.46 -47.17 -13.78
C SER A 7 -39.45 -46.46 -14.70
N GLY A 8 -40.37 -47.24 -15.29
CA GLY A 8 -41.38 -46.70 -16.16
C GLY A 8 -42.14 -47.78 -16.90
N PRO A 9 -43.10 -47.37 -17.72
CA PRO A 9 -43.90 -48.34 -18.49
C PRO A 9 -43.09 -48.94 -19.63
N GLY A 10 -43.59 -50.07 -20.12
CA GLY A 10 -42.94 -50.76 -21.21
C GLY A 10 -43.80 -50.86 -22.46
N LEU A 11 -45.11 -50.75 -22.29
CA LEU A 11 -46.07 -50.80 -23.38
C LEU A 11 -46.68 -49.42 -23.53
N VAL A 12 -46.32 -48.72 -24.60
CA VAL A 12 -46.75 -47.35 -24.84
C VAL A 12 -47.38 -47.28 -26.23
N LYS A 13 -48.59 -46.72 -26.30
CA LYS A 13 -49.28 -46.57 -27.57
C LYS A 13 -48.58 -45.52 -28.43
N PRO A 14 -48.68 -45.64 -29.76
CA PRO A 14 -48.12 -44.60 -30.63
C PRO A 14 -48.85 -43.27 -30.46
N SER A 15 -48.08 -42.19 -30.65
CA SER A 15 -48.54 -40.79 -30.49
C SER A 15 -49.12 -40.55 -29.10
N GLU A 16 -48.46 -41.08 -28.07
CA GLU A 16 -48.87 -40.92 -26.69
C GLU A 16 -47.71 -40.38 -25.88
N THR A 17 -48.02 -39.65 -24.82
CA THR A 17 -46.99 -38.99 -24.01
C THR A 17 -46.26 -40.01 -23.15
N LEU A 18 -44.97 -40.18 -23.41
CA LEU A 18 -44.12 -41.05 -22.61
C LEU A 18 -43.71 -40.34 -21.32
N SER A 19 -43.59 -41.13 -20.25
CA SER A 19 -43.21 -40.60 -18.93
C SER A 19 -42.35 -41.62 -18.22
N LEU A 20 -41.14 -41.22 -17.82
CA LEU A 20 -40.23 -42.04 -17.04
C LEU A 20 -40.01 -41.40 -15.67
N THR A 21 -39.12 -42.04 -14.90
CA THR A 21 -38.68 -41.51 -13.62
C THR A 21 -37.29 -42.07 -13.30
N CYS A 22 -36.61 -41.41 -12.37
CA CYS A 22 -35.26 -41.83 -11.98
C CYS A 22 -35.02 -41.34 -10.55
N SER A 23 -35.14 -42.25 -9.60
CA SER A 23 -34.89 -41.93 -8.19
C SER A 23 -33.46 -42.30 -7.83
N VAL A 24 -32.74 -41.35 -7.24
CA VAL A 24 -31.34 -41.52 -6.89
C VAL A 24 -31.25 -41.99 -5.43
N SER A 25 -30.15 -42.66 -5.10
CA SER A 25 -29.86 -43.08 -3.74
C SER A 25 -28.41 -42.77 -3.42
N GLY A 26 -28.14 -42.45 -2.16
CA GLY A 26 -26.84 -42.01 -1.75
C GLY A 26 -26.56 -40.54 -1.99
N GLY A 27 -27.52 -39.79 -2.50
CA GLY A 27 -27.34 -38.38 -2.76
C GLY A 27 -28.67 -37.77 -3.15
N SER A 28 -28.63 -36.47 -3.44
CA SER A 28 -29.80 -35.72 -3.86
C SER A 28 -29.43 -34.80 -5.00
N ILE A 29 -30.44 -34.41 -5.79
CA ILE A 29 -30.21 -33.51 -6.91
C ILE A 29 -30.11 -32.10 -6.35
N ASN A 30 -28.89 -31.67 -6.05
CA ASN A 30 -28.62 -30.30 -5.64
C ASN A 30 -27.41 -29.73 -6.38
N SER A 31 -26.84 -30.47 -7.31
CA SER A 31 -25.66 -30.06 -8.04
C SER A 31 -25.56 -30.85 -9.34
N TYR A 32 -24.83 -30.28 -10.30
CA TYR A 32 -24.26 -30.95 -11.47
C TYR A 32 -25.35 -31.36 -12.46
N TYR A 33 -24.97 -31.88 -13.62
CA TYR A 33 -25.92 -32.16 -14.69
C TYR A 33 -26.32 -33.64 -14.68
N TRP A 34 -27.55 -33.90 -15.14
CA TRP A 34 -28.15 -35.24 -15.07
C TRP A 34 -28.69 -35.60 -16.45
N THR A 35 -28.15 -36.66 -17.04
CA THR A 35 -28.23 -36.92 -18.48
C THR A 35 -29.13 -38.14 -18.75
N TRP A 36 -29.78 -38.13 -19.91
CA TRP A 36 -30.78 -39.11 -20.36
C TRP A 36 -30.38 -39.77 -21.67
N ILE A 37 -29.18 -40.35 -21.70
CA ILE A 37 -28.69 -41.12 -22.85
C ILE A 37 -29.70 -42.20 -23.25
N ARG A 38 -29.98 -42.26 -24.55
CA ARG A 38 -30.88 -43.29 -25.09
C ARG A 38 -30.11 -44.25 -25.99
N GLN A 39 -30.70 -45.40 -26.30
CA GLN A 39 -30.08 -46.37 -27.21
C GLN A 39 -31.16 -47.17 -27.91
N PRO A 40 -31.34 -46.97 -29.22
CA PRO A 40 -32.13 -47.91 -30.02
C PRO A 40 -31.45 -49.27 -30.07
N PRO A 41 -32.21 -50.36 -30.20
CA PRO A 41 -31.61 -51.69 -30.16
C PRO A 41 -30.71 -51.96 -31.35
N GLY A 42 -29.45 -52.28 -31.06
CA GLY A 42 -28.47 -52.51 -32.11
C GLY A 42 -27.85 -51.27 -32.70
N LYS A 43 -28.16 -50.10 -32.14
CA LYS A 43 -27.64 -48.83 -32.64
C LYS A 43 -26.76 -48.19 -31.58
N GLY A 44 -26.14 -47.07 -31.95
CA GLY A 44 -25.23 -46.39 -31.05
C GLY A 44 -25.97 -45.56 -30.01
N LEU A 45 -25.21 -45.10 -29.01
CA LEU A 45 -25.77 -44.25 -27.97
C LEU A 45 -26.08 -42.87 -28.52
N GLU A 46 -27.27 -42.36 -28.22
CA GLU A 46 -27.71 -41.05 -28.68
C GLU A 46 -27.99 -40.16 -27.48
N TRP A 47 -27.28 -39.05 -27.40
CA TRP A 47 -27.43 -38.11 -26.29
C TRP A 47 -28.69 -37.28 -26.48
N VAL A 48 -29.40 -37.04 -25.36
CA VAL A 48 -30.69 -36.35 -25.40
C VAL A 48 -30.65 -35.01 -24.69
N GLY A 49 -30.14 -34.94 -23.47
CA GLY A 49 -30.10 -33.67 -22.78
C GLY A 49 -29.92 -33.77 -21.28
N TYR A 50 -29.21 -32.81 -20.70
CA TYR A 50 -28.97 -32.79 -19.27
C TYR A 50 -29.81 -31.71 -18.60
N ILE A 51 -30.04 -31.89 -17.31
CA ILE A 51 -30.78 -30.93 -16.51
C ILE A 51 -29.91 -30.52 -15.33
N TYR A 52 -29.88 -29.23 -15.03
CA TYR A 52 -29.19 -28.73 -13.85
C TYR A 52 -30.12 -28.72 -12.66
N HIS A 53 -29.54 -28.60 -11.46
CA HIS A 53 -30.35 -28.53 -10.26
C HIS A 53 -31.11 -27.22 -10.15
N SER A 54 -30.61 -26.17 -10.80
CA SER A 54 -31.35 -24.90 -10.81
C SER A 54 -32.55 -24.98 -11.74
N GLY A 55 -32.37 -25.58 -12.91
CA GLY A 55 -33.46 -25.69 -13.86
C GLY A 55 -33.05 -25.43 -15.30
N SER A 56 -31.77 -25.13 -15.51
CA SER A 56 -31.28 -24.84 -16.85
C SER A 56 -31.30 -26.09 -17.71
N THR A 57 -31.65 -25.91 -18.99
CA THR A 57 -31.84 -27.02 -19.91
C THR A 57 -30.88 -26.90 -21.09
N SER A 58 -30.51 -28.06 -21.65
CA SER A 58 -29.73 -28.14 -22.89
C SER A 58 -30.28 -29.33 -23.67
N TYR A 59 -31.20 -29.05 -24.58
CA TYR A 59 -31.93 -30.10 -25.28
C TYR A 59 -31.22 -30.47 -26.58
N ASN A 60 -31.54 -31.66 -27.08
CA ASN A 60 -30.99 -32.12 -28.35
C ASN A 60 -31.66 -31.39 -29.50
N PRO A 61 -30.91 -30.78 -30.43
CA PRO A 61 -31.55 -30.13 -31.59
C PRO A 61 -32.32 -31.09 -32.50
N SER A 62 -31.88 -32.35 -32.58
CA SER A 62 -32.61 -33.32 -33.40
C SER A 62 -33.94 -33.68 -32.76
N LEU A 63 -33.99 -33.75 -31.43
CA LEU A 63 -35.20 -34.07 -30.70
C LEU A 63 -35.80 -32.83 -30.03
N LYS A 64 -35.69 -31.68 -30.68
CA LYS A 64 -36.21 -30.44 -30.12
C LYS A 64 -37.73 -30.44 -30.19
N SER A 65 -38.35 -29.78 -29.20
CA SER A 65 -39.79 -29.58 -29.06
C SER A 65 -40.57 -30.89 -28.96
N ARG A 66 -39.94 -31.93 -28.41
CA ARG A 66 -40.61 -33.21 -28.18
C ARG A 66 -40.49 -33.72 -26.76
N ILE A 67 -39.60 -33.15 -25.94
CA ILE A 67 -39.32 -33.63 -24.60
C ILE A 67 -39.48 -32.48 -23.62
N THR A 68 -39.76 -32.83 -22.36
CA THR A 68 -39.78 -31.89 -21.24
C THR A 68 -39.02 -32.51 -20.07
N ILE A 69 -37.71 -32.30 -20.04
CA ILE A 69 -36.89 -32.79 -18.94
C ILE A 69 -37.04 -31.84 -17.75
N SER A 70 -37.46 -32.38 -16.61
CA SER A 70 -37.71 -31.56 -15.44
C SER A 70 -37.36 -32.35 -14.18
N VAL A 71 -37.10 -31.62 -13.10
CA VAL A 71 -36.81 -32.19 -11.80
C VAL A 71 -37.99 -31.91 -10.88
N ALA A 72 -38.38 -32.93 -10.11
CA ALA A 72 -39.50 -32.81 -9.19
C ALA A 72 -39.16 -31.84 -8.06
N PRO A 73 -40.18 -31.29 -7.38
CA PRO A 73 -39.91 -30.49 -6.17
C PRO A 73 -39.14 -31.22 -5.09
N SER A 74 -39.34 -32.53 -4.95
CA SER A 74 -38.45 -33.34 -4.12
C SER A 74 -37.08 -33.42 -4.79
N LYS A 75 -36.03 -33.27 -3.99
CA LYS A 75 -34.67 -33.16 -4.51
C LYS A 75 -34.01 -34.51 -4.74
N ASN A 76 -34.76 -35.61 -4.68
CA ASN A 76 -34.24 -36.94 -4.95
C ASN A 76 -35.02 -37.62 -6.06
N HIS A 77 -35.52 -36.84 -7.02
CA HIS A 77 -36.42 -37.37 -8.05
C HIS A 77 -36.39 -36.42 -9.25
N PHE A 78 -35.94 -36.92 -10.40
CA PHE A 78 -36.01 -36.18 -11.65
C PHE A 78 -36.43 -37.13 -12.76
N SER A 79 -37.19 -36.61 -13.72
CA SER A 79 -37.94 -37.44 -14.65
C SER A 79 -37.85 -36.91 -16.07
N LEU A 80 -38.16 -37.79 -17.01
CA LEU A 80 -38.29 -37.47 -18.43
C LEU A 80 -39.75 -37.54 -18.83
N GLU A 81 -40.15 -36.69 -19.77
CA GLU A 81 -41.51 -36.70 -20.30
C GLU A 81 -41.43 -36.31 -21.77
N LEU A 82 -41.67 -37.29 -22.64
CA LEU A 82 -41.56 -37.10 -24.09
C LEU A 82 -42.95 -37.06 -24.69
N THR A 83 -43.19 -36.12 -25.59
CA THR A 83 -44.44 -35.98 -26.31
C THR A 83 -44.31 -36.50 -27.74
N SER A 84 -45.43 -37.03 -28.25
CA SER A 84 -45.54 -37.58 -29.62
C SER A 84 -44.52 -38.70 -29.86
N MET A 85 -44.71 -39.80 -29.13
CA MET A 85 -43.77 -40.91 -29.18
C MET A 85 -43.88 -41.64 -30.52
N THR A 86 -42.72 -41.92 -31.12
CA THR A 86 -42.64 -42.47 -32.46
C THR A 86 -42.17 -43.92 -32.37
N ALA A 87 -42.76 -44.79 -33.22
CA ALA A 87 -42.35 -46.19 -33.26
C ALA A 87 -40.91 -46.35 -33.73
N ALA A 88 -40.41 -45.42 -34.54
CA ALA A 88 -39.01 -45.44 -34.92
C ALA A 88 -38.09 -45.04 -33.77
N ASP A 89 -38.62 -44.37 -32.76
CA ASP A 89 -37.87 -44.00 -31.57
C ASP A 89 -37.90 -45.05 -30.48
N THR A 90 -38.31 -46.28 -30.80
CA THR A 90 -38.30 -47.37 -29.83
C THR A 90 -36.88 -47.69 -29.42
N ALA A 91 -36.57 -47.46 -28.15
CA ALA A 91 -35.19 -47.48 -27.69
C ALA A 91 -35.13 -48.00 -26.27
N VAL A 92 -33.90 -48.09 -25.75
CA VAL A 92 -33.66 -48.52 -24.38
C VAL A 92 -33.12 -47.30 -23.63
N TYR A 93 -33.97 -46.68 -22.83
CA TYR A 93 -33.63 -45.39 -22.22
C TYR A 93 -32.83 -45.60 -20.95
N TYR A 94 -31.80 -44.77 -20.76
CA TYR A 94 -30.93 -44.84 -19.59
C TYR A 94 -31.09 -43.59 -18.74
N CYS A 95 -30.25 -43.51 -17.71
CA CYS A 95 -30.30 -42.43 -16.73
C CYS A 95 -28.94 -42.36 -16.04
N ALA A 96 -28.24 -41.24 -16.20
CA ALA A 96 -26.87 -41.15 -15.71
C ALA A 96 -26.47 -39.70 -15.49
N ARG A 97 -25.41 -39.52 -14.70
CA ARG A 97 -24.64 -38.28 -14.66
C ARG A 97 -23.26 -38.61 -15.19
N LEU A 98 -22.79 -37.83 -16.16
CA LEU A 98 -21.64 -38.23 -16.96
C LEU A 98 -20.39 -37.48 -16.52
N GLY A 99 -19.28 -38.22 -16.42
CA GLY A 99 -18.04 -37.66 -15.91
C GLY A 99 -17.19 -36.93 -16.92
N GLY A 100 -17.79 -35.97 -17.62
CA GLY A 100 -17.06 -35.09 -18.50
C GLY A 100 -17.53 -33.67 -18.34
N HIS A 101 -18.53 -33.51 -17.48
CA HIS A 101 -19.18 -32.22 -17.21
C HIS A 101 -18.59 -31.53 -15.99
N GLY A 102 -17.56 -32.10 -15.38
CA GLY A 102 -17.21 -31.78 -14.01
C GLY A 102 -16.16 -32.75 -13.50
N ASP A 103 -16.45 -33.42 -12.38
CA ASP A 103 -15.61 -34.51 -11.88
C ASP A 103 -15.39 -35.56 -12.96
N TYR A 104 -14.14 -35.73 -13.37
CA TYR A 104 -13.85 -36.44 -14.62
C TYR A 104 -13.67 -37.93 -14.43
N GLY A 105 -13.13 -38.36 -13.30
CA GLY A 105 -12.87 -39.77 -13.08
C GLY A 105 -13.99 -40.50 -12.37
N SER A 106 -15.23 -40.04 -12.54
CA SER A 106 -16.36 -40.64 -11.85
C SER A 106 -17.63 -40.39 -12.63
N ASP A 107 -18.30 -41.47 -13.02
CA ASP A 107 -19.66 -41.40 -13.56
C ASP A 107 -20.48 -42.54 -12.98
N TYR A 108 -21.80 -42.33 -12.92
CA TYR A 108 -22.72 -43.32 -12.40
C TYR A 108 -23.89 -43.46 -13.37
N TRP A 109 -24.07 -44.66 -13.90
CA TRP A 109 -25.14 -44.95 -14.84
C TRP A 109 -26.31 -45.63 -14.15
N GLY A 110 -27.42 -45.73 -14.88
CA GLY A 110 -28.59 -46.43 -14.37
C GLY A 110 -28.53 -47.91 -14.67
N GLN A 111 -29.68 -48.50 -15.00
CA GLN A 111 -29.76 -49.91 -15.33
C GLN A 111 -30.18 -50.16 -16.77
N GLY A 112 -31.15 -49.41 -17.28
CA GLY A 112 -31.63 -49.60 -18.63
C GLY A 112 -33.03 -50.15 -18.69
N THR A 113 -34.01 -49.29 -18.94
CA THR A 113 -35.41 -49.68 -18.99
C THR A 113 -35.84 -49.88 -20.44
N LEU A 114 -36.87 -50.70 -20.63
CA LEU A 114 -37.38 -51.03 -21.95
C LEU A 114 -38.69 -50.31 -22.19
N VAL A 115 -38.75 -49.55 -23.29
CA VAL A 115 -40.00 -48.97 -23.78
C VAL A 115 -40.23 -49.49 -25.20
N THR A 116 -41.48 -49.81 -25.50
CA THR A 116 -41.86 -50.40 -26.77
C THR A 116 -43.11 -49.71 -27.29
N VAL A 117 -43.09 -49.32 -28.55
CA VAL A 117 -44.22 -48.65 -29.19
C VAL A 117 -44.93 -49.69 -30.05
N SER A 118 -46.10 -50.13 -29.60
CA SER A 118 -46.91 -51.08 -30.35
C SER A 118 -48.37 -50.87 -29.97
N SER A 119 -49.25 -51.33 -30.86
CA SER A 119 -50.68 -51.21 -30.63
C SER A 119 -51.26 -52.50 -30.06
N ASP B 1 -23.04 -28.65 -33.84
CA ASP B 1 -22.97 -30.10 -33.78
C ASP B 1 -21.58 -30.59 -34.16
N ILE B 2 -21.05 -31.53 -33.38
CA ILE B 2 -19.75 -32.13 -33.62
C ILE B 2 -19.97 -33.61 -33.94
N VAL B 3 -19.49 -34.04 -35.10
CA VAL B 3 -19.68 -35.42 -35.54
C VAL B 3 -18.47 -36.24 -35.08
N MET B 4 -18.73 -37.51 -34.77
CA MET B 4 -17.71 -38.44 -34.28
C MET B 4 -17.51 -39.57 -35.28
N THR B 5 -16.26 -39.98 -35.43
CA THR B 5 -15.92 -41.14 -36.25
C THR B 5 -14.78 -41.90 -35.58
N GLN B 6 -14.67 -43.18 -35.91
CA GLN B 6 -13.64 -44.02 -35.35
C GLN B 6 -13.32 -45.15 -36.32
N SER B 7 -12.11 -45.69 -36.18
CA SER B 7 -11.63 -46.75 -37.04
C SER B 7 -11.00 -47.84 -36.19
N PRO B 8 -11.28 -49.12 -36.47
CA PRO B 8 -12.21 -49.58 -37.50
C PRO B 8 -13.62 -49.75 -36.95
N VAL B 9 -14.50 -50.39 -37.74
CA VAL B 9 -15.86 -50.65 -37.27
C VAL B 9 -15.88 -51.87 -36.36
N SER B 10 -15.26 -52.96 -36.80
CA SER B 10 -15.20 -54.18 -36.01
C SER B 10 -13.77 -54.72 -36.06
N LEU B 11 -13.12 -54.77 -34.90
CA LEU B 11 -11.74 -55.27 -34.80
C LEU B 11 -11.76 -56.54 -33.95
N PRO B 12 -11.59 -57.71 -34.55
CA PRO B 12 -11.58 -58.94 -33.75
C PRO B 12 -10.27 -59.12 -32.98
N VAL B 13 -10.39 -59.62 -31.76
CA VAL B 13 -9.25 -59.78 -30.86
C VAL B 13 -9.11 -61.24 -30.48
N THR B 14 -7.86 -61.69 -30.39
CA THR B 14 -7.26 -62.93 -29.90
C THR B 14 -6.98 -62.79 -28.41
N PRO B 15 -7.23 -63.81 -27.58
CA PRO B 15 -6.93 -63.66 -26.15
C PRO B 15 -5.43 -63.61 -25.90
N GLY B 16 -4.95 -62.39 -25.65
CA GLY B 16 -3.55 -62.07 -25.53
C GLY B 16 -3.05 -61.50 -26.84
N GLU B 17 -3.03 -60.17 -26.96
CA GLU B 17 -2.71 -59.46 -28.20
C GLU B 17 -2.60 -57.97 -27.93
N PRO B 18 -1.63 -57.27 -28.53
CA PRO B 18 -1.66 -55.80 -28.52
C PRO B 18 -2.81 -55.30 -29.40
N ALA B 19 -3.67 -54.48 -28.82
CA ALA B 19 -4.85 -53.98 -29.52
C ALA B 19 -4.88 -52.46 -29.46
N SER B 20 -5.50 -51.87 -30.49
CA SER B 20 -5.54 -50.41 -30.62
C SER B 20 -6.87 -50.00 -31.24
N ILE B 21 -7.59 -49.10 -30.57
CA ILE B 21 -8.83 -48.53 -31.06
C ILE B 21 -8.65 -47.02 -31.13
N SER B 22 -8.90 -46.44 -32.30
CA SER B 22 -8.68 -45.02 -32.54
C SER B 22 -10.01 -44.34 -32.86
N CYS B 23 -10.28 -43.23 -32.19
CA CYS B 23 -11.47 -42.43 -32.43
C CYS B 23 -11.07 -41.01 -32.82
N ASN B 24 -11.59 -40.55 -33.95
CA ASN B 24 -11.25 -39.24 -34.48
C ASN B 24 -12.36 -38.23 -34.19
N SER B 25 -12.04 -36.95 -34.39
CA SER B 25 -12.98 -35.87 -34.13
C SER B 25 -12.92 -34.88 -35.28
N SER B 26 -14.02 -34.16 -35.47
CA SER B 26 -14.13 -33.15 -36.52
C SER B 26 -13.68 -31.77 -36.05
N GLN B 27 -13.31 -31.63 -34.79
CA GLN B 27 -12.87 -30.35 -34.25
C GLN B 27 -11.97 -30.64 -33.05
N SER B 28 -11.03 -29.72 -32.78
CA SER B 28 -10.13 -29.88 -31.65
C SER B 28 -10.90 -29.81 -30.34
N LEU B 29 -10.64 -30.78 -29.45
CA LEU B 29 -11.41 -30.94 -28.22
C LEU B 29 -10.66 -30.48 -26.99
N LEU B 30 -9.83 -29.44 -27.10
CA LEU B 30 -9.10 -28.91 -25.96
C LEU B 30 -9.88 -27.74 -25.37
N HIS B 31 -10.16 -27.82 -24.07
CA HIS B 31 -10.85 -26.75 -23.38
C HIS B 31 -9.84 -25.70 -22.90
N SER B 32 -10.30 -24.80 -22.03
CA SER B 32 -9.44 -23.73 -21.54
C SER B 32 -8.40 -24.26 -20.54
N ASN B 33 -8.65 -25.45 -19.99
CA ASN B 33 -7.73 -26.08 -19.03
C ASN B 33 -6.62 -26.86 -19.74
N GLY B 34 -6.68 -26.96 -21.06
CA GLY B 34 -5.70 -27.69 -21.81
C GLY B 34 -5.86 -29.19 -21.70
N TYR B 35 -7.06 -29.64 -21.34
CA TYR B 35 -7.38 -31.05 -21.21
C TYR B 35 -8.29 -31.46 -22.37
N ALA B 36 -7.94 -32.56 -23.03
CA ALA B 36 -8.71 -33.06 -24.16
C ALA B 36 -9.99 -33.69 -23.66
N HIS B 37 -11.12 -33.01 -23.85
CA HIS B 37 -12.40 -33.45 -23.31
C HIS B 37 -13.03 -34.57 -24.12
N LEU B 38 -12.38 -35.73 -24.17
CA LEU B 38 -12.98 -36.93 -24.73
C LEU B 38 -12.83 -38.08 -23.74
N ASP B 39 -13.90 -38.86 -23.59
CA ASP B 39 -13.96 -39.96 -22.65
C ASP B 39 -14.30 -41.25 -23.37
N TRP B 40 -13.83 -42.37 -22.83
CA TRP B 40 -13.98 -43.68 -23.43
C TRP B 40 -14.89 -44.55 -22.57
N TYR B 41 -15.89 -45.15 -23.19
CA TYR B 41 -16.85 -46.02 -22.52
C TYR B 41 -16.66 -47.46 -22.99
N LEU B 42 -17.44 -48.36 -22.38
CA LEU B 42 -17.38 -49.77 -22.73
C LEU B 42 -18.72 -50.41 -22.36
N GLN B 43 -19.49 -50.82 -23.38
CA GLN B 43 -20.85 -51.34 -23.11
C GLN B 43 -20.88 -52.86 -23.22
N LYS B 44 -20.87 -53.55 -22.09
CA LYS B 44 -21.03 -54.99 -22.08
C LYS B 44 -22.39 -55.36 -22.68
N PRO B 45 -22.50 -56.51 -23.33
CA PRO B 45 -23.81 -56.92 -23.87
C PRO B 45 -24.80 -57.22 -22.76
N GLY B 46 -25.95 -56.55 -22.81
CA GLY B 46 -26.93 -56.66 -21.76
C GLY B 46 -26.59 -55.89 -20.50
N GLN B 47 -25.78 -54.85 -20.61
CA GLN B 47 -25.36 -54.08 -19.44
C GLN B 47 -25.07 -52.65 -19.88
N SER B 48 -25.20 -51.72 -18.92
CA SER B 48 -24.92 -50.30 -19.06
C SER B 48 -23.43 -50.05 -19.20
N PRO B 49 -23.01 -49.05 -19.98
CA PRO B 49 -21.59 -48.73 -20.09
C PRO B 49 -21.06 -48.13 -18.80
N LYS B 50 -19.74 -48.28 -18.66
CA LYS B 50 -19.02 -47.69 -17.51
C LYS B 50 -17.81 -46.95 -18.08
N LEU B 51 -17.29 -45.97 -17.35
CA LEU B 51 -16.15 -45.19 -17.84
C LEU B 51 -14.86 -45.99 -17.77
N MET B 52 -14.07 -45.93 -18.84
CA MET B 52 -12.79 -46.62 -18.91
C MET B 52 -11.62 -45.64 -18.95
N ILE B 53 -11.60 -44.73 -19.92
CA ILE B 53 -10.58 -43.69 -20.03
C ILE B 53 -11.26 -42.34 -20.09
N TYR B 54 -10.91 -41.45 -19.17
CA TYR B 54 -11.42 -40.09 -19.15
C TYR B 54 -10.31 -39.11 -19.49
N LEU B 55 -10.70 -38.01 -20.15
CA LEU B 55 -9.80 -36.95 -20.61
C LEU B 55 -8.72 -37.48 -21.55
N GLY B 56 -9.06 -38.48 -22.35
CA GLY B 56 -8.13 -39.00 -23.34
C GLY B 56 -7.03 -39.94 -22.89
N LEU B 57 -6.36 -39.64 -21.78
CA LEU B 57 -5.19 -40.40 -21.39
C LEU B 57 -5.15 -40.79 -19.91
N ASN B 58 -6.22 -40.56 -19.16
CA ASN B 58 -6.24 -40.90 -17.74
C ASN B 58 -7.15 -42.09 -17.49
N ARG B 59 -6.71 -42.99 -16.60
CA ARG B 59 -7.43 -44.21 -16.29
C ARG B 59 -8.35 -44.00 -15.10
N ALA B 60 -9.57 -44.50 -15.21
CA ALA B 60 -10.55 -44.40 -14.14
C ALA B 60 -10.28 -45.45 -13.06
N PHE B 61 -10.97 -45.31 -11.93
CA PHE B 61 -10.88 -46.29 -10.87
C PHE B 61 -11.56 -47.59 -11.28
N GLY B 62 -10.95 -48.71 -10.88
CA GLY B 62 -11.45 -50.01 -11.27
C GLY B 62 -11.03 -50.47 -12.65
N VAL B 63 -10.23 -49.66 -13.34
CA VAL B 63 -9.75 -49.99 -14.69
C VAL B 63 -8.41 -50.70 -14.53
N PRO B 64 -8.23 -51.88 -15.12
CA PRO B 64 -6.92 -52.54 -15.08
C PRO B 64 -5.88 -51.77 -15.88
N ASP B 65 -4.61 -52.06 -15.59
CA ASP B 65 -3.50 -51.35 -16.20
C ASP B 65 -3.31 -51.67 -17.67
N ARG B 66 -4.01 -52.67 -18.21
CA ARG B 66 -3.89 -53.00 -19.63
C ARG B 66 -4.43 -51.90 -20.52
N PHE B 67 -5.47 -51.20 -20.09
CA PHE B 67 -6.01 -50.08 -20.85
C PHE B 67 -5.10 -48.88 -20.71
N SER B 68 -4.86 -48.17 -21.81
CA SER B 68 -4.03 -46.97 -21.79
C SER B 68 -4.44 -46.08 -22.95
N GLY B 69 -5.23 -45.06 -22.66
CA GLY B 69 -5.59 -44.10 -23.69
C GLY B 69 -4.49 -43.10 -23.95
N SER B 70 -4.50 -42.53 -25.15
CA SER B 70 -3.50 -41.56 -25.56
C SER B 70 -4.05 -40.72 -26.70
N GLY B 71 -3.38 -39.60 -26.95
CA GLY B 71 -3.75 -38.74 -28.06
C GLY B 71 -3.85 -37.28 -27.69
N SER B 72 -3.77 -36.41 -28.70
CA SER B 72 -3.89 -34.98 -28.50
C SER B 72 -4.47 -34.36 -29.75
N GLY B 73 -5.05 -33.17 -29.59
CA GLY B 73 -5.65 -32.47 -30.70
C GLY B 73 -6.95 -33.10 -31.16
N THR B 74 -6.92 -33.74 -32.33
CA THR B 74 -8.10 -34.39 -32.88
C THR B 74 -7.93 -35.89 -33.08
N ASP B 75 -6.75 -36.43 -32.84
CA ASP B 75 -6.48 -37.86 -32.96
C ASP B 75 -6.34 -38.46 -31.57
N PHE B 76 -7.30 -39.31 -31.19
CA PHE B 76 -7.27 -40.01 -29.91
C PHE B 76 -7.33 -41.51 -30.16
N THR B 77 -6.50 -42.26 -29.43
CA THR B 77 -6.38 -43.69 -29.65
C THR B 77 -6.21 -44.40 -28.30
N LEU B 78 -6.97 -45.48 -28.10
CA LEU B 78 -6.88 -46.28 -26.89
C LEU B 78 -6.01 -47.50 -27.19
N LYS B 79 -5.09 -47.81 -26.27
CA LYS B 79 -4.21 -48.97 -26.40
C LYS B 79 -4.64 -50.05 -25.42
N ILE B 80 -4.60 -51.30 -25.88
CA ILE B 80 -4.75 -52.47 -25.02
C ILE B 80 -3.50 -53.32 -25.20
N SER B 81 -2.78 -53.55 -24.11
CA SER B 81 -1.53 -54.30 -24.16
C SER B 81 -1.72 -55.78 -23.86
N ARG B 82 -2.91 -56.19 -23.43
CA ARG B 82 -3.17 -57.60 -23.09
C ARG B 82 -4.68 -57.80 -23.15
N VAL B 83 -5.13 -58.68 -24.03
CA VAL B 83 -6.57 -58.88 -24.27
C VAL B 83 -6.99 -60.18 -23.59
N GLU B 84 -7.96 -60.08 -22.68
CA GLU B 84 -8.60 -61.23 -22.09
C GLU B 84 -10.04 -61.34 -22.60
N ALA B 85 -10.78 -62.30 -22.03
CA ALA B 85 -12.14 -62.59 -22.48
C ALA B 85 -13.16 -61.58 -22.00
N GLU B 86 -12.82 -60.71 -21.05
CA GLU B 86 -13.75 -59.72 -20.52
C GLU B 86 -13.67 -58.38 -21.22
N ASP B 87 -12.91 -58.29 -22.32
CA ASP B 87 -12.79 -57.06 -23.08
C ASP B 87 -13.77 -56.98 -24.24
N VAL B 88 -14.67 -57.96 -24.36
CA VAL B 88 -15.62 -58.01 -25.47
C VAL B 88 -16.76 -57.04 -25.18
N GLY B 89 -17.02 -56.16 -26.13
CA GLY B 89 -18.12 -55.21 -26.00
C GLY B 89 -17.95 -54.07 -26.98
N VAL B 90 -19.01 -53.26 -27.07
CA VAL B 90 -19.02 -52.11 -27.97
C VAL B 90 -18.31 -50.95 -27.30
N TYR B 91 -17.38 -50.33 -28.03
CA TYR B 91 -16.56 -49.23 -27.54
C TYR B 91 -17.13 -47.93 -28.07
N TYR B 92 -17.50 -47.02 -27.16
CA TYR B 92 -18.05 -45.72 -27.53
C TYR B 92 -17.11 -44.63 -27.06
N CYS B 93 -16.79 -43.70 -27.97
CA CYS B 93 -16.00 -42.52 -27.63
C CYS B 93 -16.93 -41.31 -27.59
N MET B 94 -16.86 -40.56 -26.49
CA MET B 94 -17.73 -39.41 -26.27
C MET B 94 -16.89 -38.17 -25.98
N GLN B 95 -17.32 -37.07 -26.59
CA GLN B 95 -16.68 -35.76 -26.35
C GLN B 95 -17.56 -34.96 -25.39
N ALA B 96 -16.97 -34.08 -24.60
CA ALA B 96 -17.71 -33.25 -23.66
C ALA B 96 -17.20 -31.81 -23.72
N LEU B 97 -16.99 -31.33 -24.94
CA LEU B 97 -16.47 -29.98 -25.16
C LEU B 97 -17.58 -28.93 -25.25
N GLN B 98 -18.52 -29.10 -26.17
CA GLN B 98 -19.58 -28.12 -26.37
C GLN B 98 -20.88 -28.83 -26.72
N THR B 99 -21.99 -28.21 -26.31
CA THR B 99 -23.31 -28.74 -26.63
C THR B 99 -23.62 -28.50 -28.11
N PRO B 100 -24.33 -29.41 -28.78
CA PRO B 100 -24.85 -30.72 -28.36
C PRO B 100 -23.78 -31.80 -28.30
N PHE B 101 -24.07 -32.88 -27.59
CA PHE B 101 -23.13 -33.98 -27.37
C PHE B 101 -23.51 -35.15 -28.25
N THR B 102 -22.51 -35.84 -28.80
CA THR B 102 -22.72 -36.98 -29.67
C THR B 102 -21.76 -38.10 -29.29
N PHE B 103 -22.13 -39.33 -29.67
CA PHE B 103 -21.28 -40.49 -29.52
C PHE B 103 -20.70 -40.88 -30.88
N GLY B 104 -19.85 -41.90 -30.88
CA GLY B 104 -19.37 -42.50 -32.10
C GLY B 104 -20.35 -43.52 -32.63
N PRO B 105 -20.12 -44.01 -33.86
CA PRO B 105 -20.98 -45.08 -34.40
C PRO B 105 -20.87 -46.40 -33.64
N GLY B 106 -19.78 -46.64 -32.94
CA GLY B 106 -19.63 -47.85 -32.14
C GLY B 106 -18.57 -48.76 -32.73
N THR B 107 -17.77 -49.35 -31.85
CA THR B 107 -16.72 -50.30 -32.22
C THR B 107 -17.10 -51.68 -31.66
N ARG B 108 -17.76 -52.48 -32.49
CA ARG B 108 -18.18 -53.82 -32.09
C ARG B 108 -16.95 -54.72 -32.08
N VAL B 109 -16.37 -54.91 -30.89
CA VAL B 109 -15.15 -55.70 -30.74
C VAL B 109 -15.56 -57.14 -30.47
N ASP B 110 -15.49 -57.98 -31.50
CA ASP B 110 -15.78 -59.39 -31.38
C ASP B 110 -14.49 -60.15 -31.09
N ILE B 111 -14.53 -61.48 -31.21
CA ILE B 111 -13.37 -62.32 -30.92
C ILE B 111 -12.91 -63.01 -32.19
N LYS B 112 -11.83 -63.79 -32.08
CA LYS B 112 -11.19 -64.53 -33.18
C LYS B 112 -10.78 -63.63 -34.35
N ASP C 19 -38.67 67.64 -8.21
CA ASP C 19 -37.23 67.53 -8.32
C ASP C 19 -36.69 66.47 -7.38
N LYS C 20 -36.28 65.33 -7.95
CA LYS C 20 -35.73 64.24 -7.16
C LYS C 20 -34.80 63.42 -8.05
N ILE C 21 -33.91 62.68 -7.40
CA ILE C 21 -32.99 61.76 -8.07
C ILE C 21 -33.07 60.41 -7.37
N CYS C 22 -33.12 59.34 -8.16
CA CYS C 22 -33.25 57.99 -7.63
C CYS C 22 -32.04 57.16 -8.07
N LEU C 23 -31.65 56.23 -7.20
CA LEU C 23 -30.53 55.35 -7.45
C LEU C 23 -30.99 53.90 -7.37
N GLY C 24 -30.38 53.05 -8.19
CA GLY C 24 -30.81 51.68 -8.28
C GLY C 24 -29.73 50.79 -8.83
N HIS C 25 -30.14 49.60 -9.27
CA HIS C 25 -29.22 48.57 -9.74
C HIS C 25 -29.91 47.71 -10.78
N HIS C 26 -29.12 47.08 -11.63
CA HIS C 26 -29.65 46.28 -12.72
C HIS C 26 -30.18 44.95 -12.21
N ALA C 27 -31.15 44.41 -12.95
CA ALA C 27 -31.78 43.14 -12.59
C ALA C 27 -32.34 42.51 -13.86
N VAL C 28 -32.67 41.22 -13.76
CA VAL C 28 -33.23 40.46 -14.87
C VAL C 28 -34.54 39.83 -14.43
N SER C 29 -35.34 39.45 -15.42
CA SER C 29 -36.62 38.79 -15.13
C SER C 29 -36.41 37.38 -14.60
N ASN C 30 -35.53 36.61 -15.23
CA ASN C 30 -35.23 35.25 -14.82
C ASN C 30 -33.77 35.17 -14.37
N GLY C 31 -33.55 34.74 -13.14
CA GLY C 31 -32.21 34.65 -12.59
C GLY C 31 -31.70 33.23 -12.47
N THR C 32 -30.74 33.02 -11.57
CA THR C 32 -30.16 31.70 -11.36
C THR C 32 -29.99 31.48 -9.87
N LYS C 33 -30.41 30.32 -9.38
CA LYS C 33 -30.34 30.02 -7.95
C LYS C 33 -28.96 29.48 -7.59
N VAL C 34 -28.29 30.16 -6.66
CA VAL C 34 -26.96 29.76 -6.21
C VAL C 34 -27.02 29.50 -4.71
N ASN C 35 -26.01 28.78 -4.22
CA ASN C 35 -25.89 28.46 -2.81
C ASN C 35 -24.99 29.48 -2.12
N THR C 36 -25.49 30.07 -1.05
CA THR C 36 -24.75 31.08 -0.30
C THR C 36 -24.44 30.55 1.09
N LEU C 37 -23.91 31.43 1.94
CA LEU C 37 -23.45 31.00 3.26
C LEU C 37 -24.61 30.72 4.21
N CYS C 38 -25.69 31.50 4.16
CA CYS C 38 -26.77 31.29 5.11
C CYS C 38 -27.99 30.61 4.52
N GLU C 39 -28.32 30.91 3.27
CA GLU C 39 -29.52 30.38 2.64
C GLU C 39 -29.16 29.73 1.31
N ARG C 40 -29.66 28.50 1.11
CA ARG C 40 -29.47 27.81 -0.16
C ARG C 40 -30.56 28.22 -1.14
N GLY C 41 -30.14 28.48 -2.39
CA GLY C 41 -31.07 28.85 -3.42
C GLY C 41 -31.39 30.33 -3.45
N VAL C 42 -30.35 31.16 -3.56
CA VAL C 42 -30.50 32.61 -3.63
C VAL C 42 -30.43 33.03 -5.09
N GLU C 43 -31.43 33.79 -5.53
CA GLU C 43 -31.47 34.22 -6.93
C GLU C 43 -30.48 35.35 -7.16
N VAL C 44 -29.67 35.22 -8.21
CA VAL C 44 -28.71 36.24 -8.61
C VAL C 44 -28.94 36.58 -10.07
N VAL C 45 -28.40 37.73 -10.49
CA VAL C 45 -28.62 38.20 -11.86
C VAL C 45 -27.85 37.33 -12.86
N ASN C 46 -26.66 36.84 -12.50
CA ASN C 46 -25.90 35.97 -13.38
C ASN C 46 -25.10 34.99 -12.55
N ALA C 47 -24.82 33.83 -13.14
CA ALA C 47 -24.03 32.80 -12.47
C ALA C 47 -23.25 32.02 -13.51
N THR C 48 -22.06 31.57 -13.13
CA THR C 48 -21.20 30.76 -13.98
C THR C 48 -21.10 29.36 -13.40
N GLU C 49 -20.47 28.47 -14.15
CA GLU C 49 -20.32 27.08 -13.78
C GLU C 49 -18.88 26.82 -13.34
N THR C 50 -18.72 26.12 -12.22
CA THR C 50 -17.40 25.76 -11.71
C THR C 50 -17.13 24.26 -11.76
N VAL C 51 -18.11 23.45 -12.16
CA VAL C 51 -17.95 22.00 -12.25
C VAL C 51 -18.21 21.61 -13.70
N GLU C 52 -17.16 21.19 -14.40
CA GLU C 52 -17.27 20.85 -15.81
C GLU C 52 -17.90 19.47 -15.96
N ARG C 53 -18.95 19.39 -16.78
CA ARG C 53 -19.65 18.14 -17.03
C ARG C 53 -19.58 17.68 -18.48
N THR C 54 -19.23 18.56 -19.42
CA THR C 54 -19.22 18.21 -20.83
C THR C 54 -17.84 17.73 -21.23
N ASN C 55 -17.76 16.49 -21.69
CA ASN C 55 -16.51 15.89 -22.16
C ASN C 55 -16.66 15.51 -23.63
N ILE C 56 -15.59 15.71 -24.39
CA ILE C 56 -15.56 15.30 -25.79
C ILE C 56 -14.89 13.93 -25.89
N PRO C 57 -15.51 12.95 -26.57
CA PRO C 57 -14.99 11.58 -26.60
C PRO C 57 -13.92 11.34 -27.68
N ARG C 58 -12.92 12.21 -27.72
CA ARG C 58 -11.81 12.08 -28.66
C ARG C 58 -10.52 12.46 -27.96
N ILE C 59 -9.47 11.70 -28.24
CA ILE C 59 -8.15 11.97 -27.70
C ILE C 59 -7.49 12.94 -28.68
N CYS C 60 -7.77 14.22 -28.49
CA CYS C 60 -7.34 15.30 -29.37
C CYS C 60 -6.10 15.98 -28.79
N SER C 61 -4.97 15.80 -29.48
CA SER C 61 -3.64 15.94 -28.88
C SER C 61 -2.60 16.64 -29.77
N LYS C 62 -2.88 17.85 -30.28
CA LYS C 62 -1.82 18.64 -30.90
C LYS C 62 -0.73 18.98 -29.88
N GLY C 63 0.51 19.08 -30.38
CA GLY C 63 1.64 19.49 -29.59
C GLY C 63 2.41 18.36 -28.93
N LYS C 64 1.85 17.15 -28.89
CA LYS C 64 2.49 15.99 -28.29
C LYS C 64 2.43 14.84 -29.28
N ARG C 65 3.54 14.10 -29.39
CA ARG C 65 3.57 12.93 -30.25
C ARG C 65 2.68 11.83 -29.67
N THR C 66 1.86 11.22 -30.52
CA THR C 66 0.83 10.30 -30.08
C THR C 66 0.98 8.97 -30.81
N VAL C 67 1.00 7.87 -30.04
CA VAL C 67 0.98 6.52 -30.59
C VAL C 67 -0.28 5.82 -30.12
N ASP C 68 -0.94 5.13 -31.04
CA ASP C 68 -2.12 4.33 -30.75
C ASP C 68 -1.69 2.86 -30.78
N LEU C 69 -1.55 2.27 -29.60
CA LEU C 69 -1.00 0.91 -29.51
C LEU C 69 -1.98 -0.12 -30.04
N GLY C 70 -3.28 0.08 -29.81
CA GLY C 70 -4.28 -0.83 -30.34
C GLY C 70 -4.27 -2.20 -29.70
N GLN C 71 -3.96 -3.22 -30.49
CA GLN C 71 -3.86 -4.58 -30.00
C GLN C 71 -2.61 -4.83 -29.17
N CYS C 72 -1.68 -3.89 -29.14
CA CYS C 72 -0.42 -4.05 -28.44
C CYS C 72 -0.52 -3.51 -27.03
N GLY C 73 -0.12 -4.32 -26.05
CA GLY C 73 -0.04 -3.84 -24.69
C GLY C 73 1.18 -2.98 -24.45
N LEU C 74 1.17 -2.27 -23.33
CA LEU C 74 2.34 -1.44 -22.99
C LEU C 74 3.51 -2.30 -22.56
N LEU C 75 3.25 -3.40 -21.87
CA LEU C 75 4.30 -4.34 -21.52
C LEU C 75 4.81 -5.11 -22.73
N GLY C 76 4.03 -5.17 -23.81
CA GLY C 76 4.46 -5.85 -25.02
C GLY C 76 5.49 -5.10 -25.83
N THR C 77 5.58 -3.77 -25.66
CA THR C 77 6.53 -2.98 -26.42
C THR C 77 7.97 -3.26 -26.02
N ILE C 78 8.18 -3.96 -24.92
CA ILE C 78 9.53 -4.37 -24.52
C ILE C 78 9.88 -5.71 -25.16
N THR C 79 9.00 -6.70 -25.03
CA THR C 79 9.34 -8.06 -25.41
C THR C 79 9.09 -8.36 -26.88
N GLY C 80 8.28 -7.55 -27.57
CA GLY C 80 8.06 -7.72 -28.99
C GLY C 80 7.32 -8.98 -29.43
N PRO C 81 6.01 -9.05 -29.17
CA PRO C 81 5.21 -10.11 -29.76
C PRO C 81 4.92 -9.82 -31.22
N PRO C 82 4.22 -10.72 -31.93
CA PRO C 82 3.76 -10.38 -33.29
C PRO C 82 2.85 -9.15 -33.36
N GLN C 83 2.17 -8.80 -32.28
CA GLN C 83 1.23 -7.68 -32.29
C GLN C 83 1.88 -6.33 -31.98
N CYS C 84 3.20 -6.29 -31.77
CA CYS C 84 3.89 -5.06 -31.42
C CYS C 84 5.12 -4.85 -32.30
N ASP C 85 4.99 -5.11 -33.60
CA ASP C 85 6.14 -4.98 -34.48
C ASP C 85 6.47 -3.52 -34.78
N GLN C 86 5.46 -2.66 -34.87
CA GLN C 86 5.66 -1.27 -35.25
C GLN C 86 5.87 -0.34 -34.06
N PHE C 87 5.80 -0.84 -32.83
CA PHE C 87 6.00 -0.03 -31.64
C PHE C 87 7.20 -0.50 -30.84
N LEU C 88 8.16 -1.13 -31.51
CA LEU C 88 9.32 -1.69 -30.82
C LEU C 88 10.30 -0.60 -30.37
N GLU C 89 10.39 0.49 -31.10
CA GLU C 89 11.26 1.62 -30.77
C GLU C 89 10.46 2.92 -30.84
N PHE C 90 9.28 2.92 -30.23
CA PHE C 90 8.39 4.07 -30.31
C PHE C 90 8.91 5.22 -29.46
N SER C 91 8.63 6.44 -29.92
CA SER C 91 9.00 7.66 -29.22
C SER C 91 7.83 8.62 -29.28
N ALA C 92 7.14 8.81 -28.14
CA ALA C 92 5.94 9.63 -28.12
C ALA C 92 5.76 10.22 -26.73
N ASP C 93 4.95 11.28 -26.68
CA ASP C 93 4.58 11.94 -25.43
C ASP C 93 3.19 11.57 -24.97
N LEU C 94 2.54 10.60 -25.61
CA LEU C 94 1.20 10.17 -25.23
C LEU C 94 1.01 8.73 -25.68
N ILE C 95 0.81 7.83 -24.72
CA ILE C 95 0.67 6.41 -24.98
C ILE C 95 -0.74 5.99 -24.57
N ILE C 96 -1.43 5.31 -25.48
CA ILE C 96 -2.81 4.88 -25.26
C ILE C 96 -2.84 3.35 -25.27
N GLU C 97 -3.35 2.77 -24.20
CA GLU C 97 -3.62 1.34 -24.14
C GLU C 97 -5.09 1.09 -24.46
N ARG C 98 -5.39 -0.16 -24.79
CA ARG C 98 -6.75 -0.56 -25.14
C ARG C 98 -7.16 -1.76 -24.29
N ARG C 99 -8.48 -1.95 -24.17
CA ARG C 99 -9.01 -3.05 -23.38
C ARG C 99 -8.70 -4.39 -24.00
N GLU C 100 -8.80 -4.49 -25.34
CA GLU C 100 -8.50 -5.73 -26.04
C GLU C 100 -7.00 -5.94 -26.24
N GLY C 101 -6.18 -4.93 -25.99
CA GLY C 101 -4.76 -5.02 -26.22
C GLY C 101 -4.04 -5.94 -25.26
N SER C 102 -3.55 -7.07 -25.77
CA SER C 102 -2.79 -8.01 -24.98
C SER C 102 -1.31 -7.65 -25.00
N ASP C 103 -0.61 -8.01 -23.92
CA ASP C 103 0.79 -7.68 -23.77
C ASP C 103 1.73 -8.86 -23.97
N VAL C 104 1.21 -10.09 -24.04
CA VAL C 104 2.04 -11.27 -24.23
C VAL C 104 1.50 -12.08 -25.39
N CYS C 105 2.38 -12.85 -26.03
CA CYS C 105 2.02 -13.78 -27.09
C CYS C 105 1.91 -15.21 -26.57
N TYR C 106 2.98 -15.71 -25.96
CA TYR C 106 2.91 -16.98 -25.26
C TYR C 106 2.08 -16.81 -23.99
N PRO C 107 1.37 -17.87 -23.56
CA PRO C 107 0.61 -17.78 -22.30
C PRO C 107 1.50 -17.60 -21.08
N GLY C 108 1.40 -16.44 -20.44
CA GLY C 108 2.24 -16.15 -19.29
C GLY C 108 1.92 -14.77 -18.74
N LYS C 109 2.73 -14.34 -17.79
CA LYS C 109 2.53 -13.05 -17.14
C LYS C 109 3.86 -12.54 -16.60
N PHE C 110 3.89 -11.24 -16.33
CA PHE C 110 5.06 -10.60 -15.75
C PHE C 110 5.01 -10.71 -14.22
N VAL C 111 6.05 -10.16 -13.58
CA VAL C 111 6.02 -9.90 -12.15
C VAL C 111 6.28 -8.42 -11.94
N ASN C 112 5.65 -7.86 -10.89
CA ASN C 112 5.61 -6.42 -10.60
C ASN C 112 5.14 -5.64 -11.83
N GLU C 113 4.11 -6.18 -12.49
CA GLU C 113 3.71 -5.67 -13.80
C GLU C 113 3.07 -4.30 -13.71
N GLU C 114 2.42 -3.97 -12.58
CA GLU C 114 1.87 -2.63 -12.43
C GLU C 114 2.98 -1.59 -12.28
N ALA C 115 4.03 -1.94 -11.55
CA ALA C 115 5.18 -1.04 -11.44
C ALA C 115 5.88 -0.87 -12.78
N LEU C 116 6.02 -1.96 -13.54
CA LEU C 116 6.63 -1.85 -14.86
C LEU C 116 5.76 -1.05 -15.83
N ARG C 117 4.43 -1.18 -15.70
CA ARG C 117 3.51 -0.39 -16.52
C ARG C 117 3.61 1.09 -16.19
N GLN C 118 3.74 1.42 -14.90
CA GLN C 118 3.90 2.83 -14.52
C GLN C 118 5.23 3.39 -15.00
N ILE C 119 6.29 2.59 -14.93
CA ILE C 119 7.60 3.01 -15.42
C ILE C 119 7.56 3.25 -16.93
N LEU C 120 6.90 2.35 -17.67
CA LEU C 120 6.75 2.53 -19.10
C LEU C 120 5.82 3.69 -19.45
N ARG C 121 4.86 4.00 -18.58
CA ARG C 121 3.98 5.14 -18.79
C ARG C 121 4.74 6.45 -18.65
N GLU C 122 5.62 6.55 -17.65
CA GLU C 122 6.44 7.74 -17.49
C GLU C 122 7.77 7.64 -18.25
N SER C 123 7.91 6.66 -19.14
CA SER C 123 9.19 6.44 -19.82
C SER C 123 9.45 7.47 -20.91
N GLY C 124 8.41 7.93 -21.61
CA GLY C 124 8.60 8.85 -22.70
C GLY C 124 9.05 8.22 -24.00
N GLY C 125 9.04 6.90 -24.09
CA GLY C 125 9.55 6.19 -25.24
C GLY C 125 10.62 5.19 -24.85
N ILE C 126 10.92 4.31 -25.80
CA ILE C 126 11.85 3.21 -25.58
C ILE C 126 12.98 3.34 -26.60
N ASP C 127 14.20 3.41 -26.10
CA ASP C 127 15.40 3.27 -26.93
C ASP C 127 15.98 1.88 -26.69
N LYS C 128 16.22 1.15 -27.77
CA LYS C 128 16.69 -0.23 -27.68
C LYS C 128 18.13 -0.31 -28.14
N GLU C 129 18.98 -0.90 -27.29
CA GLU C 129 20.39 -1.07 -27.58
C GLU C 129 20.70 -2.55 -27.52
N ALA C 130 21.36 -3.09 -28.54
CA ALA C 130 21.61 -4.52 -28.62
C ALA C 130 22.64 -4.94 -27.58
N MET C 131 22.35 -6.03 -26.87
CA MET C 131 23.23 -6.50 -25.82
C MET C 131 24.46 -7.21 -26.36
N GLY C 132 24.36 -7.82 -27.54
CA GLY C 132 25.48 -8.56 -28.10
C GLY C 132 25.66 -9.95 -27.53
N PHE C 133 24.59 -10.60 -27.10
CA PHE C 133 24.68 -11.95 -26.54
C PHE C 133 24.74 -12.95 -27.70
N THR C 134 25.93 -13.47 -27.96
CA THR C 134 26.10 -14.53 -28.95
C THR C 134 26.27 -15.86 -28.24
N TYR C 135 25.42 -16.82 -28.60
CA TYR C 135 25.36 -18.11 -27.92
C TYR C 135 25.99 -19.19 -28.78
N SER C 136 26.94 -19.93 -28.20
CA SER C 136 27.58 -21.05 -28.87
C SER C 136 27.42 -22.30 -28.01
N GLY C 137 27.12 -23.42 -28.66
CA GLY C 137 26.81 -24.67 -27.98
C GLY C 137 25.34 -24.94 -27.85
N ILE C 138 24.50 -23.90 -27.96
CA ILE C 138 23.05 -24.02 -27.93
C ILE C 138 22.50 -23.29 -29.14
N ARG C 139 21.27 -23.65 -29.51
CA ARG C 139 20.60 -23.01 -30.63
C ARG C 139 19.62 -21.97 -30.12
N THR C 140 19.42 -20.92 -30.92
CA THR C 140 18.43 -19.87 -30.61
C THR C 140 17.49 -19.79 -31.80
N ASN C 141 16.52 -20.73 -31.84
CA ASN C 141 15.48 -20.68 -32.85
C ASN C 141 14.14 -21.17 -32.31
N GLY C 142 14.00 -21.33 -30.99
CA GLY C 142 12.81 -21.89 -30.39
C GLY C 142 11.56 -21.05 -30.62
N ALA C 143 10.54 -21.66 -31.21
CA ALA C 143 9.32 -20.96 -31.60
C ALA C 143 8.12 -21.73 -31.08
N THR C 144 6.94 -21.26 -31.46
CA THR C 144 5.69 -21.87 -31.04
C THR C 144 4.61 -21.56 -32.07
N SER C 145 3.50 -22.31 -32.00
CA SER C 145 2.37 -22.05 -32.87
C SER C 145 1.52 -20.88 -32.41
N SER C 146 1.71 -20.39 -31.18
CA SER C 146 0.91 -19.27 -30.69
C SER C 146 1.35 -17.96 -31.34
N CYS C 147 2.65 -17.79 -31.56
CA CYS C 147 3.17 -16.58 -32.19
C CYS C 147 3.26 -16.80 -33.69
N ARG C 148 2.54 -15.99 -34.46
CA ARG C 148 2.44 -16.15 -35.91
C ARG C 148 2.58 -14.78 -36.58
N ARG C 149 3.81 -14.44 -36.97
CA ARG C 149 4.02 -13.31 -37.87
C ARG C 149 3.82 -13.73 -39.32
N SER C 150 4.63 -14.66 -39.79
CA SER C 150 4.48 -15.32 -41.07
C SER C 150 4.45 -16.83 -40.94
N GLY C 151 5.22 -17.38 -40.02
CA GLY C 151 5.17 -18.80 -39.71
C GLY C 151 5.22 -19.02 -38.20
N SER C 152 5.73 -20.17 -37.78
CA SER C 152 5.92 -20.42 -36.35
C SER C 152 7.11 -19.61 -35.86
N SER C 153 6.84 -18.56 -35.08
CA SER C 153 7.88 -17.65 -34.62
C SER C 153 7.77 -17.52 -33.10
N PHE C 154 8.55 -16.60 -32.54
CA PHE C 154 8.52 -16.32 -31.11
C PHE C 154 8.78 -14.81 -30.99
N TYR C 155 9.07 -14.33 -29.78
CA TYR C 155 9.34 -12.91 -29.57
C TYR C 155 10.56 -12.46 -30.34
N ALA C 156 10.44 -11.32 -31.03
CA ALA C 156 11.54 -10.80 -31.83
C ALA C 156 12.61 -10.13 -31.00
N GLU C 157 12.34 -9.87 -29.72
CA GLU C 157 13.30 -9.21 -28.85
C GLU C 157 13.93 -10.17 -27.84
N MET C 158 13.31 -11.30 -27.58
CA MET C 158 13.77 -12.27 -26.59
C MET C 158 13.94 -13.61 -27.29
N LYS C 159 15.18 -13.95 -27.65
CA LYS C 159 15.43 -15.24 -28.28
C LYS C 159 15.31 -16.36 -27.27
N TRP C 160 14.68 -17.46 -27.69
CA TRP C 160 14.43 -18.60 -26.82
C TRP C 160 15.62 -19.54 -26.86
N LEU C 161 16.18 -19.85 -25.70
CA LEU C 161 17.28 -20.81 -25.59
C LEU C 161 16.74 -22.24 -25.64
N LEU C 162 17.51 -23.12 -26.28
CA LEU C 162 17.07 -24.49 -26.47
C LEU C 162 18.29 -25.40 -26.54
N SER C 163 18.04 -26.70 -26.36
CA SER C 163 19.10 -27.68 -26.43
C SER C 163 19.54 -27.91 -27.87
N ASN C 164 20.67 -28.63 -28.02
CA ASN C 164 21.26 -28.81 -29.35
C ASN C 164 20.46 -29.80 -30.18
N THR C 165 20.39 -31.05 -29.72
CA THR C 165 19.57 -32.07 -30.38
C THR C 165 18.27 -32.22 -29.60
N ASP C 166 17.51 -33.28 -29.91
CA ASP C 166 16.15 -33.44 -29.41
C ASP C 166 16.10 -33.55 -27.89
N ASN C 167 17.09 -34.21 -27.28
CA ASN C 167 17.18 -34.26 -25.82
C ASN C 167 18.39 -33.49 -25.30
N ALA C 168 19.60 -33.88 -25.74
CA ALA C 168 20.87 -33.22 -25.45
C ALA C 168 21.12 -32.96 -23.96
N ALA C 169 21.77 -31.83 -23.68
CA ALA C 169 21.96 -31.32 -22.34
C ALA C 169 21.97 -29.80 -22.45
N PHE C 170 22.44 -29.13 -21.41
CA PHE C 170 22.55 -27.68 -21.49
C PHE C 170 23.81 -27.22 -20.78
N PRO C 171 24.75 -26.58 -21.49
CA PRO C 171 25.97 -26.09 -20.83
C PRO C 171 25.66 -24.95 -19.87
N GLN C 172 26.48 -24.86 -18.82
CA GLN C 172 26.34 -23.79 -17.84
C GLN C 172 26.96 -22.52 -18.42
N MET C 173 26.13 -21.70 -19.06
CA MET C 173 26.58 -20.46 -19.66
C MET C 173 26.25 -19.29 -18.73
N THR C 174 27.13 -18.30 -18.70
CA THR C 174 26.93 -17.08 -17.92
C THR C 174 27.19 -15.88 -18.84
N LYS C 175 26.29 -14.91 -18.79
CA LYS C 175 26.32 -13.79 -19.72
C LYS C 175 26.25 -12.49 -18.93
N SER C 176 26.83 -11.43 -19.49
CA SER C 176 26.89 -10.15 -18.78
C SER C 176 26.74 -9.00 -19.76
N TYR C 177 26.14 -7.91 -19.26
CA TYR C 177 26.00 -6.68 -20.00
C TYR C 177 26.39 -5.50 -19.10
N LYS C 178 27.17 -4.58 -19.63
CA LYS C 178 27.64 -3.42 -18.89
C LYS C 178 26.93 -2.19 -19.42
N ASN C 179 26.27 -1.44 -18.55
CA ASN C 179 25.47 -0.28 -19.02
C ASN C 179 26.41 0.87 -19.35
N THR C 180 26.71 1.05 -20.63
CA THR C 180 27.64 2.06 -21.12
C THR C 180 27.06 3.47 -20.96
N ARG C 181 25.78 3.64 -21.26
CA ARG C 181 25.18 4.97 -21.22
C ARG C 181 24.87 5.39 -19.79
N LYS C 182 24.40 6.63 -19.65
CA LYS C 182 24.11 7.22 -18.35
C LYS C 182 22.67 7.00 -17.90
N ASN C 183 21.75 6.85 -18.83
CA ASN C 183 20.36 6.60 -18.49
C ASN C 183 20.20 5.19 -17.92
N PRO C 184 19.25 4.99 -17.02
CA PRO C 184 18.98 3.64 -16.51
C PRO C 184 18.42 2.73 -17.59
N ALA C 185 18.73 1.44 -17.46
CA ALA C 185 18.29 0.44 -18.41
C ALA C 185 16.97 -0.17 -17.92
N LEU C 186 16.39 -1.03 -18.76
CA LEU C 186 15.12 -1.68 -18.47
C LEU C 186 15.22 -3.15 -18.83
N ILE C 187 16.24 -3.81 -18.28
CA ILE C 187 16.60 -5.17 -18.67
C ILE C 187 15.53 -6.15 -18.22
N VAL C 188 15.07 -7.00 -19.15
CA VAL C 188 14.05 -7.99 -18.87
C VAL C 188 14.58 -9.36 -19.32
N TRP C 189 14.32 -10.39 -18.51
CA TRP C 189 14.53 -11.78 -18.90
C TRP C 189 13.23 -12.55 -18.69
N GLY C 190 13.31 -13.87 -18.81
CA GLY C 190 12.14 -14.70 -18.59
C GLY C 190 12.53 -16.12 -18.23
N ILE C 191 11.63 -16.79 -17.51
CA ILE C 191 11.82 -18.18 -17.09
C ILE C 191 10.70 -19.01 -17.72
N HIS C 192 11.07 -20.13 -18.33
CA HIS C 192 10.13 -20.98 -19.04
C HIS C 192 9.60 -22.05 -18.09
N HIS C 193 8.41 -21.83 -17.55
CA HIS C 193 7.72 -22.82 -16.72
C HIS C 193 7.03 -23.80 -17.65
N SER C 194 7.65 -24.97 -17.85
CA SER C 194 7.10 -25.97 -18.76
C SER C 194 5.84 -26.60 -18.18
N GLY C 195 4.93 -26.98 -19.07
CA GLY C 195 3.68 -27.59 -18.63
C GLY C 195 3.86 -28.95 -18.00
N SER C 196 4.71 -29.78 -18.60
CA SER C 196 4.97 -31.12 -18.11
C SER C 196 6.47 -31.32 -17.91
N THR C 197 6.83 -32.15 -16.93
CA THR C 197 8.23 -32.40 -16.64
C THR C 197 8.90 -33.25 -17.72
N ALA C 198 8.13 -33.97 -18.54
CA ALA C 198 8.71 -34.71 -19.65
C ALA C 198 9.14 -33.77 -20.77
N GLU C 199 8.38 -32.70 -20.98
CA GLU C 199 8.73 -31.72 -22.01
C GLU C 199 9.94 -30.89 -21.59
N GLN C 200 10.07 -30.61 -20.30
CA GLN C 200 11.19 -29.80 -19.81
C GLN C 200 12.51 -30.55 -19.95
N THR C 201 12.51 -31.86 -19.70
CA THR C 201 13.71 -32.66 -19.92
C THR C 201 14.01 -32.86 -21.40
N LYS C 202 13.04 -32.61 -22.28
CA LYS C 202 13.31 -32.68 -23.72
C LYS C 202 13.83 -31.34 -24.23
N LEU C 203 13.19 -30.24 -23.82
CA LEU C 203 13.61 -28.92 -24.30
C LEU C 203 14.91 -28.47 -23.65
N TYR C 204 15.10 -28.68 -22.35
CA TYR C 204 16.32 -28.09 -21.72
C TYR C 204 17.20 -29.14 -21.04
N GLY C 205 16.84 -30.39 -21.23
CA GLY C 205 17.67 -31.44 -20.67
C GLY C 205 17.19 -31.89 -19.29
N SER C 206 17.69 -33.05 -18.88
CA SER C 206 17.28 -33.66 -17.62
C SER C 206 18.14 -33.17 -16.47
N GLY C 207 17.51 -32.91 -15.34
CA GLY C 207 18.19 -32.46 -14.14
C GLY C 207 17.53 -31.23 -13.55
N ASN C 208 18.11 -30.77 -12.45
CA ASN C 208 17.62 -29.54 -11.83
C ASN C 208 18.05 -28.32 -12.65
N LYS C 209 17.17 -27.35 -12.74
CA LYS C 209 17.37 -26.19 -13.61
C LYS C 209 17.51 -24.95 -12.72
N LEU C 210 18.70 -24.38 -12.69
CA LEU C 210 19.00 -23.24 -11.82
C LEU C 210 19.33 -22.03 -12.70
N VAL C 211 18.55 -20.97 -12.55
CA VAL C 211 18.78 -19.70 -13.24
C VAL C 211 18.83 -18.61 -12.20
N THR C 212 19.92 -17.83 -12.19
CA THR C 212 20.01 -16.71 -11.25
C THR C 212 20.58 -15.49 -11.97
N VAL C 213 20.11 -14.31 -11.54
CA VAL C 213 20.53 -13.04 -12.11
C VAL C 213 21.07 -12.18 -10.97
N GLY C 214 22.27 -11.63 -11.17
CA GLY C 214 22.91 -10.83 -10.15
C GLY C 214 23.27 -9.46 -10.67
N SER C 215 23.39 -8.51 -9.74
CA SER C 215 23.76 -7.13 -10.04
C SER C 215 24.30 -6.50 -8.78
N SER C 216 24.50 -5.18 -8.80
CA SER C 216 24.97 -4.47 -7.62
C SER C 216 23.88 -4.34 -6.56
N ASN C 217 22.62 -4.23 -6.98
CA ASN C 217 21.50 -4.10 -6.06
C ASN C 217 20.47 -5.20 -6.16
N TYR C 218 20.50 -6.02 -7.21
CA TYR C 218 19.56 -7.12 -7.40
C TYR C 218 20.32 -8.43 -7.31
N GLN C 219 19.76 -9.40 -6.59
CA GLN C 219 20.35 -10.73 -6.49
C GLN C 219 19.25 -11.70 -6.12
N GLN C 220 18.89 -12.59 -7.06
CA GLN C 220 17.83 -13.55 -6.84
C GLN C 220 18.13 -14.81 -7.64
N SER C 221 17.57 -15.93 -7.19
CA SER C 221 17.75 -17.23 -7.83
C SER C 221 16.39 -17.81 -8.18
N PHE C 222 16.24 -18.29 -9.41
CA PHE C 222 14.97 -18.78 -9.94
C PHE C 222 15.08 -20.25 -10.28
N VAL C 223 13.93 -20.92 -10.32
CA VAL C 223 13.85 -22.32 -10.71
C VAL C 223 12.51 -22.55 -11.42
N PRO C 224 12.52 -23.21 -12.58
CA PRO C 224 11.25 -23.52 -13.25
C PRO C 224 10.43 -24.55 -12.49
N SER C 225 9.11 -24.40 -12.58
CA SER C 225 8.17 -25.33 -11.96
C SER C 225 7.44 -26.09 -13.05
N PRO C 226 7.60 -27.42 -13.15
CA PRO C 226 6.94 -28.23 -14.18
C PRO C 226 5.42 -28.28 -14.04
N ARG C 238 3.01 -19.72 -18.78
CA ARG C 238 4.08 -20.71 -18.96
C ARG C 238 5.44 -20.03 -19.03
N ILE C 239 5.45 -18.73 -19.33
CA ILE C 239 6.67 -17.93 -19.31
C ILE C 239 6.45 -16.77 -18.36
N ASP C 240 7.34 -16.64 -17.37
CA ASP C 240 7.24 -15.59 -16.36
C ASP C 240 8.39 -14.62 -16.58
N PHE C 241 8.08 -13.40 -17.00
CA PHE C 241 9.09 -12.39 -17.24
C PHE C 241 9.39 -11.63 -15.95
N HIS C 242 10.66 -11.24 -15.81
CA HIS C 242 11.12 -10.45 -14.68
C HIS C 242 11.98 -9.30 -15.19
N TRP C 243 11.88 -8.15 -14.55
CA TRP C 243 12.59 -6.96 -14.99
C TRP C 243 13.60 -6.52 -13.94
N LEU C 244 14.42 -5.54 -14.31
CA LEU C 244 15.55 -5.16 -13.49
C LEU C 244 15.99 -3.75 -13.86
N MET C 245 16.58 -3.05 -12.89
CA MET C 245 17.05 -1.68 -13.07
C MET C 245 18.57 -1.63 -12.93
N LEU C 246 19.21 -0.91 -13.85
CA LEU C 246 20.63 -0.58 -13.73
C LEU C 246 20.84 0.92 -13.48
N ASN C 247 21.66 1.22 -12.48
CA ASN C 247 22.39 2.46 -12.49
C ASN C 247 23.48 2.36 -13.55
N PRO C 248 23.96 3.50 -14.07
CA PRO C 248 25.04 3.45 -15.06
C PRO C 248 26.33 2.86 -14.50
N ASN C 249 27.10 2.25 -15.41
CA ASN C 249 28.34 1.52 -15.10
C ASN C 249 28.10 0.36 -14.13
N ASP C 250 26.97 -0.33 -14.26
CA ASP C 250 26.70 -1.55 -13.53
C ASP C 250 26.91 -2.76 -14.45
N THR C 251 26.63 -3.95 -13.92
CA THR C 251 26.89 -5.18 -14.67
C THR C 251 25.93 -6.26 -14.21
N VAL C 252 25.09 -6.74 -15.13
CA VAL C 252 24.24 -7.90 -14.85
C VAL C 252 25.04 -9.18 -15.01
N THR C 253 24.48 -10.29 -14.54
CA THR C 253 25.11 -11.60 -14.69
C THR C 253 23.99 -12.63 -14.88
N PHE C 254 23.79 -13.05 -16.13
CA PHE C 254 22.80 -14.08 -16.45
C PHE C 254 23.49 -15.43 -16.47
N SER C 255 23.69 -16.02 -15.30
CA SER C 255 24.23 -17.36 -15.19
C SER C 255 23.07 -18.33 -15.03
N PHE C 256 22.99 -19.30 -15.94
CA PHE C 256 21.86 -20.23 -15.96
C PHE C 256 22.37 -21.63 -16.22
N ASN C 257 21.51 -22.61 -15.92
CA ASN C 257 21.82 -24.01 -16.13
C ASN C 257 20.91 -24.65 -17.18
N GLY C 258 19.65 -24.24 -17.25
CA GLY C 258 18.72 -24.85 -18.19
C GLY C 258 17.91 -23.86 -19.00
N ALA C 259 16.58 -23.99 -18.93
CA ALA C 259 15.69 -23.17 -19.73
C ALA C 259 15.73 -21.71 -19.29
N PHE C 260 15.78 -20.82 -20.28
CA PHE C 260 15.95 -19.39 -20.03
C PHE C 260 15.51 -18.63 -21.26
N ILE C 261 14.84 -17.50 -21.05
CA ILE C 261 14.46 -16.60 -22.14
C ILE C 261 15.50 -15.50 -22.21
N ALA C 262 16.26 -15.49 -23.29
CA ALA C 262 17.47 -14.66 -23.36
C ALA C 262 17.13 -13.21 -23.62
N PRO C 263 17.72 -12.28 -22.88
CA PRO C 263 17.59 -10.85 -23.21
C PRO C 263 18.48 -10.46 -24.37
N ASP C 264 17.98 -10.63 -25.60
CA ASP C 264 18.78 -10.26 -26.77
C ASP C 264 19.00 -8.75 -26.84
N ARG C 265 18.01 -7.96 -26.45
CA ARG C 265 18.12 -6.51 -26.52
C ARG C 265 17.61 -5.89 -25.22
N ALA C 266 18.28 -4.82 -24.80
CA ALA C 266 17.90 -4.08 -23.60
C ALA C 266 16.88 -3.01 -23.97
N SER C 267 16.60 -2.10 -23.04
CA SER C 267 15.68 -1.01 -23.27
C SER C 267 16.09 0.19 -22.42
N PHE C 268 16.14 1.36 -23.03
CA PHE C 268 16.53 2.59 -22.36
C PHE C 268 15.42 3.62 -22.46
N LEU C 269 15.18 4.34 -21.37
CA LEU C 269 14.12 5.33 -21.32
C LEU C 269 14.57 6.62 -22.01
N ARG C 270 13.68 7.19 -22.82
CA ARG C 270 14.02 8.41 -23.56
C ARG C 270 13.83 9.67 -22.72
N GLY C 271 12.58 9.94 -22.31
CA GLY C 271 12.28 11.19 -21.65
C GLY C 271 11.19 11.12 -20.61
N LYS C 272 10.22 12.02 -20.70
CA LYS C 272 9.08 12.08 -19.79
C LYS C 272 7.80 12.24 -20.59
N SER C 273 6.77 11.51 -20.21
CA SER C 273 5.48 11.55 -20.90
C SER C 273 4.38 11.22 -19.89
N MET C 274 3.20 10.90 -20.40
CA MET C 274 2.08 10.48 -19.59
C MET C 274 1.22 9.52 -20.40
N GLY C 275 0.74 8.48 -19.75
CA GLY C 275 -0.02 7.41 -20.41
C GLY C 275 -1.44 7.35 -19.92
N ILE C 276 -2.37 7.14 -20.85
CA ILE C 276 -3.79 7.06 -20.54
C ILE C 276 -4.33 5.71 -20.99
N GLN C 277 -5.50 5.36 -20.45
CA GLN C 277 -6.23 4.16 -20.86
C GLN C 277 -7.62 4.60 -21.31
N SER C 278 -7.88 4.56 -22.62
CA SER C 278 -9.13 5.04 -23.17
C SER C 278 -9.72 3.97 -24.09
N GLY C 279 -10.91 4.26 -24.61
CA GLY C 279 -11.57 3.37 -25.54
C GLY C 279 -12.24 4.12 -26.67
N VAL C 280 -11.68 5.27 -27.03
CA VAL C 280 -12.23 6.09 -28.11
C VAL C 280 -11.15 6.31 -29.17
N GLN C 281 -11.49 7.06 -30.21
CA GLN C 281 -10.57 7.33 -31.30
C GLN C 281 -9.54 8.40 -30.88
N VAL C 282 -8.57 8.64 -31.75
CA VAL C 282 -7.50 9.60 -31.50
C VAL C 282 -7.63 10.73 -32.52
N ASP C 283 -7.68 11.96 -32.03
CA ASP C 283 -7.83 13.14 -32.86
C ASP C 283 -6.60 14.02 -32.74
N ALA C 284 -6.56 15.06 -33.55
CA ALA C 284 -5.47 16.04 -33.54
C ALA C 284 -6.04 17.45 -33.67
N ASP C 285 -7.11 17.74 -32.91
CA ASP C 285 -7.84 18.98 -33.07
C ASP C 285 -7.68 19.96 -31.91
N CYS C 286 -7.37 19.51 -30.71
CA CYS C 286 -7.41 20.36 -29.52
C CYS C 286 -6.02 20.86 -29.17
N GLU C 287 -5.92 21.48 -27.99
CA GLU C 287 -4.66 21.65 -27.26
C GLU C 287 -5.01 21.45 -25.79
N GLY C 288 -4.97 20.18 -25.35
CA GLY C 288 -5.43 19.79 -24.04
C GLY C 288 -4.30 19.29 -23.16
N ASP C 289 -4.67 18.97 -21.91
CA ASP C 289 -3.69 18.57 -20.92
C ASP C 289 -4.05 17.27 -20.22
N CYS C 290 -5.35 16.99 -20.08
CA CYS C 290 -5.81 15.85 -19.28
C CYS C 290 -6.79 15.00 -20.06
N TYR C 291 -6.72 13.69 -19.83
CA TYR C 291 -7.58 12.73 -20.49
C TYR C 291 -8.09 11.73 -19.46
N TYR C 292 -9.24 11.13 -19.74
CA TYR C 292 -9.84 10.14 -18.87
C TYR C 292 -10.29 8.96 -19.71
N SER C 293 -10.75 7.90 -19.04
CA SER C 293 -11.19 6.68 -19.71
C SER C 293 -12.56 6.90 -20.34
N GLY C 294 -12.53 7.39 -21.58
CA GLY C 294 -13.76 7.62 -22.31
C GLY C 294 -13.76 8.90 -23.12
N GLY C 295 -12.73 9.72 -22.97
CA GLY C 295 -12.65 10.94 -23.74
C GLY C 295 -11.64 11.90 -23.13
N THR C 296 -11.75 13.16 -23.53
CA THR C 296 -10.89 14.23 -23.07
C THR C 296 -11.72 15.31 -22.40
N ILE C 297 -11.32 15.71 -21.20
CA ILE C 297 -11.85 16.90 -20.56
C ILE C 297 -10.91 18.05 -20.91
N ILE C 298 -11.49 19.20 -21.23
CA ILE C 298 -10.74 20.42 -21.51
C ILE C 298 -11.56 21.62 -21.05
N SER C 299 -11.07 22.28 -20.01
CA SER C 299 -11.71 23.46 -19.43
C SER C 299 -10.71 24.15 -18.52
N ASN C 300 -10.96 25.42 -18.25
CA ASN C 300 -10.22 26.18 -17.26
C ASN C 300 -10.87 26.14 -15.90
N LEU C 301 -11.96 25.38 -15.76
CA LEU C 301 -12.70 25.29 -14.50
C LEU C 301 -11.86 24.57 -13.45
N PRO C 302 -12.15 24.77 -12.16
CA PRO C 302 -11.37 24.08 -11.13
C PRO C 302 -11.88 22.69 -10.75
N PHE C 303 -13.15 22.39 -10.98
CA PHE C 303 -13.74 21.15 -10.48
C PHE C 303 -14.46 20.39 -11.59
N GLN C 304 -14.60 19.08 -11.39
CA GLN C 304 -15.18 18.19 -12.39
C GLN C 304 -16.06 17.16 -11.69
N ASN C 305 -17.00 16.59 -12.45
CA ASN C 305 -17.85 15.50 -11.94
C ASN C 305 -18.04 14.47 -13.05
N ILE C 306 -16.95 14.07 -13.69
CA ILE C 306 -16.99 13.09 -14.78
C ILE C 306 -16.33 11.79 -14.39
N ASP C 307 -15.04 11.82 -14.05
CA ASP C 307 -14.34 10.62 -13.61
C ASP C 307 -13.21 11.01 -12.68
N SER C 308 -13.12 10.31 -11.55
CA SER C 308 -12.09 10.60 -10.55
C SER C 308 -10.72 10.05 -10.93
N ARG C 309 -10.64 9.20 -11.95
CA ARG C 309 -9.38 8.60 -12.37
C ARG C 309 -8.76 9.32 -13.57
N ALA C 310 -8.96 10.64 -13.67
CA ALA C 310 -8.39 11.40 -14.77
C ALA C 310 -6.89 11.55 -14.60
N VAL C 311 -6.18 11.56 -15.73
CA VAL C 311 -4.72 11.59 -15.75
C VAL C 311 -4.28 12.83 -16.51
N GLY C 312 -3.53 13.71 -15.82
CA GLY C 312 -2.99 14.90 -16.43
C GLY C 312 -3.36 16.14 -15.63
N LYS C 313 -3.25 17.29 -16.28
CA LYS C 313 -3.57 18.58 -15.66
C LYS C 313 -5.01 18.91 -16.00
N CYS C 314 -5.90 18.74 -15.01
CA CYS C 314 -7.33 18.87 -15.25
C CYS C 314 -8.01 19.21 -13.93
N PRO C 315 -9.29 19.61 -13.98
CA PRO C 315 -10.04 19.85 -12.74
C PRO C 315 -10.08 18.65 -11.80
N ARG C 316 -10.06 18.95 -10.50
CA ARG C 316 -10.17 17.93 -9.48
C ARG C 316 -11.60 17.43 -9.37
N TYR C 317 -11.74 16.17 -8.95
CA TYR C 317 -13.05 15.53 -8.89
C TYR C 317 -13.82 15.97 -7.65
N VAL C 318 -15.10 16.30 -7.83
CA VAL C 318 -16.01 16.60 -6.73
C VAL C 318 -17.29 15.83 -6.95
N LYS C 319 -18.00 15.56 -5.84
CA LYS C 319 -19.23 14.78 -5.91
C LYS C 319 -20.41 15.58 -6.44
N GLN C 320 -20.40 16.91 -6.26
CA GLN C 320 -21.56 17.73 -6.56
C GLN C 320 -21.82 17.80 -8.07
N ARG C 321 -23.10 17.88 -8.42
CA ARG C 321 -23.48 17.90 -9.83
C ARG C 321 -23.13 19.24 -10.47
N SER C 322 -23.45 20.34 -9.80
CA SER C 322 -23.19 21.66 -10.36
C SER C 322 -23.05 22.65 -9.22
N LEU C 323 -21.90 23.31 -9.15
CA LEU C 323 -21.62 24.34 -8.17
C LEU C 323 -21.58 25.68 -8.89
N LEU C 324 -22.52 26.56 -8.58
CA LEU C 324 -22.69 27.81 -9.29
C LEU C 324 -22.05 28.94 -8.49
N LEU C 325 -21.01 29.54 -9.06
CA LEU C 325 -20.40 30.74 -8.49
C LEU C 325 -21.11 31.96 -9.06
N ALA C 326 -21.74 32.74 -8.19
CA ALA C 326 -22.52 33.89 -8.62
C ALA C 326 -21.59 34.99 -9.08
N THR C 327 -21.37 35.07 -10.40
CA THR C 327 -20.64 36.18 -10.97
C THR C 327 -21.39 37.49 -10.78
N GLY C 328 -22.71 37.46 -10.90
CA GLY C 328 -23.54 38.63 -10.73
C GLY C 328 -23.95 38.87 -9.29
N MET C 329 -24.66 39.98 -9.11
CA MET C 329 -25.13 40.42 -7.80
C MET C 329 -26.54 39.89 -7.52
N LYS C 330 -27.10 40.33 -6.39
CA LYS C 330 -28.38 39.80 -5.93
C LYS C 330 -29.54 40.36 -6.74
N ASN C 331 -30.42 39.46 -7.17
CA ASN C 331 -31.51 39.79 -8.08
C ASN C 331 -32.79 40.05 -7.29
N VAL C 332 -33.35 41.24 -7.46
CA VAL C 332 -34.66 41.57 -6.88
C VAL C 332 -35.58 41.95 -8.03
N PRO C 333 -36.36 41.02 -8.57
CA PRO C 333 -37.27 41.37 -9.68
C PRO C 333 -38.51 42.08 -9.17
N GLU C 334 -39.29 42.58 -10.12
CA GLU C 334 -40.53 43.27 -9.81
C GLU C 334 -41.67 42.28 -9.60
N LEU C 346 -26.35 42.43 2.42
CA LEU C 346 -26.01 42.32 3.84
C LEU C 346 -25.80 43.69 4.46
N PHE C 347 -25.32 44.64 3.66
CA PHE C 347 -25.03 45.98 4.18
C PHE C 347 -26.27 46.86 4.25
N GLY C 348 -27.41 46.40 3.75
CA GLY C 348 -28.67 47.09 3.93
C GLY C 348 -29.19 47.87 2.74
N ALA C 349 -28.46 47.89 1.61
CA ALA C 349 -28.91 48.62 0.43
C ALA C 349 -29.47 47.68 -0.63
N ILE C 350 -28.71 46.67 -1.04
CA ILE C 350 -29.20 45.67 -1.98
C ILE C 350 -30.18 44.77 -1.24
N ALA C 351 -31.41 44.68 -1.76
CA ALA C 351 -32.54 43.99 -1.12
C ALA C 351 -32.78 44.53 0.29
N GLY C 352 -32.63 45.84 0.45
CA GLY C 352 -32.82 46.49 1.73
C GLY C 352 -33.95 47.51 1.70
N PHE C 353 -33.60 48.79 1.83
CA PHE C 353 -34.60 49.85 1.76
C PHE C 353 -35.14 50.04 0.35
N ILE C 354 -34.37 49.68 -0.67
CA ILE C 354 -34.83 49.75 -2.05
C ILE C 354 -35.80 48.60 -2.29
N GLU C 355 -36.98 48.93 -2.84
CA GLU C 355 -38.02 47.93 -3.02
C GLU C 355 -37.67 46.94 -4.13
N ASN C 356 -37.18 47.44 -5.27
CA ASN C 356 -36.94 46.58 -6.41
C ASN C 356 -35.80 47.12 -7.27
N GLY C 357 -35.24 46.25 -8.10
CA GLY C 357 -34.18 46.62 -9.01
C GLY C 357 -34.72 47.23 -10.29
N TRP C 358 -33.80 47.44 -11.22
CA TRP C 358 -34.13 48.04 -12.52
C TRP C 358 -33.97 46.99 -13.61
N GLU C 359 -35.05 46.74 -14.36
CA GLU C 359 -34.97 45.83 -15.50
C GLU C 359 -34.30 46.49 -16.70
N GLY C 360 -34.57 47.78 -16.91
CA GLY C 360 -34.09 48.46 -18.11
C GLY C 360 -32.67 48.97 -18.06
N LEU C 361 -31.98 48.81 -16.94
CA LEU C 361 -30.60 49.28 -16.81
C LEU C 361 -29.67 48.26 -17.45
N ILE C 362 -29.16 48.56 -18.63
CA ILE C 362 -28.37 47.62 -19.42
C ILE C 362 -26.94 48.14 -19.54
N ASP C 363 -26.77 49.46 -19.49
CA ASP C 363 -25.47 50.07 -19.77
C ASP C 363 -24.47 49.75 -18.66
N GLY C 364 -24.89 49.90 -17.39
CA GLY C 364 -24.00 49.65 -16.28
C GLY C 364 -24.71 48.84 -15.20
N TRP C 365 -23.91 48.43 -14.20
CA TRP C 365 -24.47 47.69 -13.07
C TRP C 365 -25.24 48.63 -12.14
N TYR C 366 -24.71 49.82 -11.91
CA TYR C 366 -25.32 50.78 -10.99
C TYR C 366 -25.59 52.07 -11.75
N GLY C 367 -26.80 52.59 -11.62
CA GLY C 367 -27.19 53.75 -12.41
C GLY C 367 -28.01 54.79 -11.69
N PHE C 368 -28.59 55.72 -12.46
CA PHE C 368 -29.37 56.82 -11.93
C PHE C 368 -30.63 57.01 -12.77
N ARG C 369 -31.63 57.63 -12.17
CA ARG C 369 -32.83 58.07 -12.90
C ARG C 369 -33.41 59.27 -12.15
N HIS C 370 -33.88 60.26 -12.90
CA HIS C 370 -34.43 61.47 -12.31
C HIS C 370 -35.89 61.67 -12.72
N GLN C 371 -36.68 62.17 -11.78
CA GLN C 371 -38.09 62.48 -11.96
C GLN C 371 -38.33 63.97 -11.81
N ASN C 372 -37.44 64.77 -12.38
CA ASN C 372 -37.55 66.22 -12.29
C ASN C 372 -38.52 66.74 -13.34
N ALA C 373 -38.56 68.06 -13.52
CA ALA C 373 -39.51 68.68 -14.43
C ALA C 373 -39.19 68.43 -15.90
N GLN C 374 -37.92 68.15 -16.22
CA GLN C 374 -37.57 67.93 -17.62
C GLN C 374 -38.04 66.57 -18.12
N GLY C 375 -37.91 65.54 -17.30
CA GLY C 375 -38.38 64.22 -17.67
C GLY C 375 -37.53 63.13 -17.05
N GLU C 376 -37.55 61.97 -17.69
CA GLU C 376 -36.87 60.78 -17.22
C GLU C 376 -35.64 60.51 -18.08
N GLY C 377 -34.61 59.94 -17.44
CA GLY C 377 -33.39 59.56 -18.12
C GLY C 377 -32.57 58.59 -17.30
N THR C 378 -32.14 57.50 -17.92
CA THR C 378 -31.40 56.44 -17.24
C THR C 378 -29.95 56.45 -17.68
N ALA C 379 -29.03 56.52 -16.72
CA ALA C 379 -27.61 56.49 -17.01
C ALA C 379 -26.92 55.42 -16.18
N ALA C 380 -25.59 55.42 -16.17
CA ALA C 380 -24.83 54.41 -15.43
C ALA C 380 -23.73 55.11 -14.63
N ASP C 381 -23.39 54.51 -13.49
CA ASP C 381 -22.30 54.98 -12.63
C ASP C 381 -21.06 54.17 -12.99
N TYR C 382 -20.19 54.78 -13.80
CA TYR C 382 -19.07 54.06 -14.38
C TYR C 382 -18.04 53.65 -13.34
N LYS C 383 -17.82 54.51 -12.33
CA LYS C 383 -16.83 54.21 -11.29
C LYS C 383 -17.21 52.98 -10.48
N SER C 384 -18.45 52.96 -9.97
CA SER C 384 -18.90 51.82 -9.18
C SER C 384 -19.06 50.57 -10.04
N THR C 385 -19.55 50.73 -11.28
CA THR C 385 -19.71 49.60 -12.17
C THR C 385 -18.37 48.95 -12.51
N GLN C 386 -17.37 49.78 -12.85
CA GLN C 386 -16.06 49.26 -13.19
C GLN C 386 -15.36 48.67 -11.98
N SER C 387 -15.54 49.29 -10.80
CA SER C 387 -14.95 48.75 -9.58
C SER C 387 -15.55 47.38 -9.24
N ALA C 388 -16.87 47.24 -9.35
CA ALA C 388 -17.50 45.96 -9.06
C ALA C 388 -17.11 44.89 -10.07
N ILE C 389 -17.07 45.24 -11.36
CA ILE C 389 -16.76 44.21 -12.35
C ILE C 389 -15.28 43.82 -12.29
N ASP C 390 -14.39 44.75 -11.92
CA ASP C 390 -12.99 44.38 -11.72
C ASP C 390 -12.82 43.53 -10.48
N CYS C 391 -13.52 43.88 -9.39
CA CYS C 391 -13.44 43.11 -8.16
C CYS C 391 -14.07 41.73 -8.28
N ILE C 392 -14.94 41.51 -9.27
CA ILE C 392 -15.48 40.17 -9.49
C ILE C 392 -14.65 39.39 -10.51
N THR C 393 -14.18 40.05 -11.58
CA THR C 393 -13.32 39.36 -12.54
C THR C 393 -11.97 39.02 -11.97
N GLY C 394 -11.50 39.72 -10.93
CA GLY C 394 -10.33 39.25 -10.21
C GLY C 394 -10.57 37.94 -9.50
N LYS C 395 -11.75 37.78 -8.90
CA LYS C 395 -12.12 36.51 -8.28
C LYS C 395 -12.23 35.40 -9.30
N LEU C 396 -12.82 35.70 -10.46
CA LEU C 396 -12.89 34.70 -11.53
C LEU C 396 -11.53 34.36 -12.11
N ASN C 397 -10.61 35.33 -12.17
CA ASN C 397 -9.26 35.02 -12.61
C ASN C 397 -8.51 34.19 -11.56
N ARG C 398 -8.81 34.40 -10.29
CA ARG C 398 -8.21 33.59 -9.24
C ARG C 398 -8.72 32.15 -9.26
N LEU C 399 -10.02 31.98 -9.54
CA LEU C 399 -10.62 30.64 -9.44
C LEU C 399 -10.56 29.84 -10.72
N ILE C 400 -10.84 30.46 -11.87
CA ILE C 400 -10.92 29.72 -13.12
C ILE C 400 -9.51 29.57 -13.63
N GLU C 401 -8.83 28.52 -13.16
CA GLU C 401 -7.42 28.28 -13.46
C GLU C 401 -7.11 26.84 -13.13
N LYS C 402 -6.74 26.05 -14.13
CA LYS C 402 -6.41 24.66 -13.90
C LYS C 402 -5.06 24.54 -13.19
N THR C 403 -4.87 23.42 -12.51
CA THR C 403 -3.66 23.20 -11.74
C THR C 403 -2.49 22.88 -12.66
N ASN C 404 -1.28 22.92 -12.09
CA ASN C 404 -0.06 22.61 -12.82
C ASN C 404 0.65 21.37 -12.28
N GLN C 405 -0.07 20.49 -11.60
CA GLN C 405 0.48 19.25 -11.06
C GLN C 405 -0.02 18.10 -11.92
N GLN C 406 0.92 17.33 -12.48
CA GLN C 406 0.60 16.21 -13.34
C GLN C 406 0.42 14.96 -12.47
N PHE C 407 -0.79 14.41 -12.48
CA PHE C 407 -1.10 13.21 -11.72
C PHE C 407 -1.11 12.01 -12.66
N GLU C 408 -0.31 11.00 -12.33
CA GLU C 408 -0.21 9.81 -13.16
C GLU C 408 -1.32 8.82 -12.81
N LEU C 409 -1.27 7.65 -13.43
CA LEU C 409 -2.26 6.60 -13.22
C LEU C 409 -1.63 5.52 -12.35
N ILE C 410 -2.13 5.37 -11.12
CA ILE C 410 -1.62 4.36 -10.22
C ILE C 410 -2.46 3.09 -10.20
N ASP C 411 -3.68 3.15 -10.72
CA ASP C 411 -4.55 1.99 -10.80
C ASP C 411 -4.50 1.41 -12.21
N ASN C 412 -5.35 0.43 -12.48
CA ASN C 412 -5.40 -0.20 -13.81
C ASN C 412 -6.83 -0.69 -14.03
N GLU C 413 -7.52 -0.10 -15.00
CA GLU C 413 -8.90 -0.47 -15.27
C GLU C 413 -9.00 -1.79 -16.01
N PHE C 414 -8.08 -2.06 -16.92
CA PHE C 414 -8.19 -3.26 -17.76
C PHE C 414 -7.84 -4.53 -16.98
N THR C 415 -6.78 -4.48 -16.20
CA THR C 415 -6.32 -5.62 -15.41
C THR C 415 -6.39 -5.24 -13.94
N GLU C 416 -7.03 -6.09 -13.13
CA GLU C 416 -7.22 -5.78 -11.72
C GLU C 416 -5.92 -5.90 -10.95
N VAL C 417 -5.64 -4.90 -10.12
CA VAL C 417 -4.47 -4.86 -9.26
C VAL C 417 -4.71 -5.74 -8.04
N GLU C 418 -3.66 -5.95 -7.23
CA GLU C 418 -3.79 -6.69 -5.99
C GLU C 418 -4.84 -6.05 -5.09
N LYS C 419 -5.65 -6.88 -4.46
CA LYS C 419 -6.90 -6.44 -3.85
C LYS C 419 -6.69 -5.52 -2.65
N GLN C 420 -5.69 -5.80 -1.81
CA GLN C 420 -5.47 -4.98 -0.62
C GLN C 420 -5.02 -3.58 -0.98
N ILE C 421 -4.05 -3.46 -1.89
CA ILE C 421 -3.60 -2.13 -2.31
C ILE C 421 -4.67 -1.46 -3.16
N GLY C 422 -5.54 -2.24 -3.82
CA GLY C 422 -6.66 -1.66 -4.52
C GLY C 422 -7.68 -1.02 -3.60
N ASN C 423 -8.00 -1.70 -2.48
CA ASN C 423 -8.91 -1.10 -1.51
C ASN C 423 -8.26 0.09 -0.79
N VAL C 424 -6.95 0.04 -0.57
CA VAL C 424 -6.25 1.17 0.02
C VAL C 424 -6.29 2.39 -0.92
N ILE C 425 -6.06 2.16 -2.21
CA ILE C 425 -6.09 3.23 -3.19
C ILE C 425 -7.51 3.80 -3.33
N ASN C 426 -8.52 2.93 -3.36
CA ASN C 426 -9.91 3.40 -3.45
C ASN C 426 -10.34 4.17 -2.21
N TRP C 427 -9.92 3.72 -1.02
CA TRP C 427 -10.25 4.44 0.20
C TRP C 427 -9.57 5.80 0.25
N THR C 428 -8.30 5.87 -0.15
CA THR C 428 -7.59 7.14 -0.19
C THR C 428 -8.21 8.11 -1.19
N ARG C 429 -8.54 7.60 -2.38
CA ARG C 429 -9.17 8.45 -3.39
C ARG C 429 -10.56 8.90 -3.00
N ASP C 430 -11.34 8.04 -2.33
CA ASP C 430 -12.66 8.43 -1.87
C ASP C 430 -12.60 9.39 -0.69
N SER C 431 -11.54 9.37 0.11
CA SER C 431 -11.40 10.38 1.15
C SER C 431 -10.98 11.73 0.58
N ILE C 432 -10.05 11.71 -0.39
CA ILE C 432 -9.63 12.95 -1.03
C ILE C 432 -10.75 13.54 -1.88
N THR C 433 -11.62 12.69 -2.43
CA THR C 433 -12.81 13.17 -3.13
C THR C 433 -13.75 13.92 -2.19
N GLU C 434 -13.97 13.38 -0.98
CA GLU C 434 -14.78 14.07 0.01
C GLU C 434 -14.15 15.39 0.45
N VAL C 435 -12.83 15.40 0.63
CA VAL C 435 -12.13 16.62 1.04
C VAL C 435 -12.26 17.70 -0.03
N TRP C 436 -12.06 17.33 -1.30
CA TRP C 436 -12.17 18.30 -2.37
C TRP C 436 -13.61 18.75 -2.60
N SER C 437 -14.58 17.85 -2.42
CA SER C 437 -15.99 18.25 -2.55
C SER C 437 -16.40 19.22 -1.47
N TYR C 438 -16.00 18.96 -0.22
CA TYR C 438 -16.29 19.87 0.89
C TYR C 438 -15.59 21.20 0.71
N ASN C 439 -14.34 21.18 0.25
CA ASN C 439 -13.60 22.41 -0.01
C ASN C 439 -14.22 23.22 -1.15
N ALA C 440 -14.69 22.55 -2.21
CA ALA C 440 -15.36 23.24 -3.31
C ALA C 440 -16.68 23.85 -2.84
N GLU C 441 -17.42 23.12 -1.99
CA GLU C 441 -18.67 23.65 -1.45
C GLU C 441 -18.43 24.90 -0.61
N LEU C 442 -17.40 24.87 0.25
CA LEU C 442 -17.08 26.06 1.05
C LEU C 442 -16.61 27.21 0.17
N LEU C 443 -15.78 26.93 -0.83
CA LEU C 443 -15.24 27.97 -1.71
C LEU C 443 -16.38 28.67 -2.45
N VAL C 444 -17.26 27.87 -3.06
CA VAL C 444 -18.36 28.40 -3.86
C VAL C 444 -19.37 29.14 -2.99
N ALA C 445 -19.76 28.55 -1.85
CA ALA C 445 -20.75 29.20 -0.98
C ALA C 445 -20.21 30.47 -0.34
N MET C 446 -18.93 30.46 0.06
CA MET C 446 -18.33 31.64 0.67
C MET C 446 -18.24 32.77 -0.34
N GLU C 447 -17.94 32.48 -1.60
CA GLU C 447 -17.89 33.61 -2.52
C GLU C 447 -19.26 34.01 -3.08
N ASN C 448 -20.27 33.14 -3.04
CA ASN C 448 -21.61 33.66 -3.31
C ASN C 448 -22.09 34.55 -2.17
N GLN C 449 -21.63 34.30 -0.94
CA GLN C 449 -21.88 35.26 0.12
C GLN C 449 -21.09 36.55 -0.10
N HIS C 450 -19.82 36.43 -0.48
CA HIS C 450 -18.94 37.59 -0.54
C HIS C 450 -19.25 38.48 -1.74
N THR C 451 -19.73 37.91 -2.85
CA THR C 451 -20.10 38.73 -4.00
C THR C 451 -21.32 39.58 -3.69
N ILE C 452 -22.30 39.00 -3.01
CA ILE C 452 -23.47 39.75 -2.56
C ILE C 452 -23.08 40.81 -1.54
N ASP C 453 -22.18 40.47 -0.62
CA ASP C 453 -21.69 41.44 0.36
C ASP C 453 -20.94 42.59 -0.30
N LEU C 454 -20.12 42.28 -1.31
CA LEU C 454 -19.37 43.29 -2.03
C LEU C 454 -20.27 44.21 -2.83
N ALA C 455 -21.30 43.64 -3.48
CA ALA C 455 -22.25 44.44 -4.22
C ALA C 455 -23.05 45.36 -3.30
N ASP C 456 -23.49 44.83 -2.15
CA ASP C 456 -24.24 45.63 -1.19
C ASP C 456 -23.36 46.71 -0.59
N SER C 457 -22.08 46.40 -0.36
CA SER C 457 -21.13 47.38 0.16
C SER C 457 -20.87 48.49 -0.85
N GLU C 458 -20.73 48.13 -2.14
CA GLU C 458 -20.53 49.14 -3.18
C GLU C 458 -21.74 50.04 -3.32
N MET C 459 -22.95 49.46 -3.24
CA MET C 459 -24.16 50.27 -3.33
C MET C 459 -24.31 51.18 -2.12
N ASP C 460 -23.96 50.69 -0.92
CA ASP C 460 -24.00 51.53 0.27
C ASP C 460 -22.95 52.64 0.20
N LYS C 461 -21.78 52.33 -0.40
CA LYS C 461 -20.75 53.34 -0.59
C LYS C 461 -21.22 54.45 -1.52
N LEU C 462 -21.85 54.07 -2.65
CA LEU C 462 -22.40 55.06 -3.57
C LEU C 462 -23.51 55.87 -2.92
N TYR C 463 -24.36 55.19 -2.14
CA TYR C 463 -25.45 55.84 -1.42
C TYR C 463 -24.93 56.92 -0.46
N GLU C 464 -23.97 56.55 0.38
CA GLU C 464 -23.43 57.50 1.34
C GLU C 464 -22.59 58.57 0.67
N ARG C 465 -21.98 58.26 -0.48
CA ARG C 465 -21.22 59.26 -1.23
C ARG C 465 -22.15 60.36 -1.77
N VAL C 466 -23.26 59.96 -2.38
CA VAL C 466 -24.23 60.94 -2.87
C VAL C 466 -24.87 61.70 -1.71
N LYS C 467 -25.10 61.00 -0.58
CA LYS C 467 -25.70 61.66 0.59
C LYS C 467 -24.77 62.74 1.16
N ARG C 468 -23.48 62.42 1.33
CA ARG C 468 -22.56 63.42 1.87
C ARG C 468 -22.19 64.47 0.83
N GLN C 469 -22.37 64.18 -0.47
CA GLN C 469 -22.19 65.22 -1.46
C GLN C 469 -23.35 66.22 -1.46
N LEU C 470 -24.57 65.71 -1.31
CA LEU C 470 -25.73 66.61 -1.28
C LEU C 470 -25.83 67.37 0.03
N ARG C 471 -25.37 66.76 1.14
CA ARG C 471 -25.22 67.40 2.46
C ARG C 471 -26.59 67.83 2.97
N GLU C 472 -26.76 69.05 3.47
CA GLU C 472 -28.03 69.53 4.01
C GLU C 472 -29.00 69.88 2.90
N ASN C 473 -28.51 70.12 1.68
CA ASN C 473 -29.32 70.65 0.58
C ASN C 473 -30.40 69.67 0.10
N ALA C 474 -30.32 68.40 0.48
CA ALA C 474 -31.35 67.42 0.11
C ALA C 474 -31.52 66.45 1.27
N GLU C 475 -32.60 66.62 2.03
CA GLU C 475 -32.91 65.71 3.12
C GLU C 475 -33.67 64.52 2.56
N GLU C 476 -33.06 63.34 2.63
CA GLU C 476 -33.63 62.15 2.03
C GLU C 476 -34.66 61.52 2.94
N ASP C 477 -35.81 61.14 2.36
CA ASP C 477 -36.83 60.42 3.11
C ASP C 477 -36.36 59.03 3.50
N GLY C 478 -35.73 58.31 2.57
CA GLY C 478 -35.15 57.02 2.90
C GLY C 478 -35.82 55.84 2.23
N THR C 479 -36.47 56.08 1.08
CA THR C 479 -37.17 55.02 0.35
C THR C 479 -36.46 54.66 -0.95
N GLY C 480 -35.19 55.03 -1.09
CA GLY C 480 -34.43 54.76 -2.30
C GLY C 480 -34.30 55.91 -3.26
N CYS C 481 -34.84 57.08 -2.92
CA CYS C 481 -34.73 58.26 -3.76
C CYS C 481 -34.39 59.45 -2.89
N PHE C 482 -33.72 60.43 -3.49
CA PHE C 482 -33.24 61.61 -2.77
C PHE C 482 -34.17 62.78 -3.08
N GLU C 483 -34.69 63.42 -2.03
CA GLU C 483 -35.64 64.52 -2.17
C GLU C 483 -34.85 65.83 -2.27
N ILE C 484 -34.76 66.37 -3.47
CA ILE C 484 -34.06 67.65 -3.69
C ILE C 484 -34.99 68.78 -3.29
N PHE C 485 -34.57 69.57 -2.29
CA PHE C 485 -35.39 70.70 -1.86
C PHE C 485 -35.34 71.85 -2.85
N HIS C 486 -34.18 72.13 -3.44
CA HIS C 486 -33.99 73.28 -4.30
C HIS C 486 -34.25 72.89 -5.75
N LYS C 487 -34.02 73.85 -6.65
CA LYS C 487 -34.13 73.62 -8.09
C LYS C 487 -32.81 73.06 -8.58
N CYS C 488 -32.86 71.91 -9.24
CA CYS C 488 -31.67 71.18 -9.66
C CYS C 488 -31.99 70.54 -11.01
N ASP C 489 -31.56 71.19 -12.09
CA ASP C 489 -31.93 70.84 -13.46
C ASP C 489 -31.14 69.66 -14.00
N ASP C 490 -31.17 69.46 -15.33
CA ASP C 490 -30.45 68.36 -15.96
C ASP C 490 -28.93 68.51 -15.84
N ASP C 491 -28.43 69.75 -15.97
CA ASP C 491 -27.01 69.97 -15.74
C ASP C 491 -26.64 69.75 -14.28
N CYS C 492 -27.57 70.01 -13.36
CA CYS C 492 -27.33 69.77 -11.95
C CYS C 492 -27.34 68.26 -11.64
N MET C 493 -28.23 67.51 -12.29
CA MET C 493 -28.15 66.04 -12.34
C MET C 493 -26.79 65.57 -12.84
N ALA C 494 -26.29 66.16 -13.93
CA ALA C 494 -24.99 65.76 -14.47
C ALA C 494 -23.86 66.07 -13.50
N SER C 495 -23.93 67.22 -12.81
CA SER C 495 -22.91 67.58 -11.83
C SER C 495 -22.93 66.63 -10.64
N ILE C 496 -24.12 66.17 -10.24
CA ILE C 496 -24.21 65.12 -9.22
C ILE C 496 -23.63 63.81 -9.74
N ARG C 497 -23.88 63.51 -11.03
CA ARG C 497 -23.48 62.22 -11.59
C ARG C 497 -21.97 62.08 -11.71
N ASN C 498 -21.29 63.12 -12.23
CA ASN C 498 -19.83 63.06 -12.34
C ASN C 498 -19.13 63.71 -11.15
N ASN C 499 -19.73 63.63 -9.97
CA ASN C 499 -19.29 64.14 -8.66
C ASN C 499 -18.65 65.53 -8.71
N THR C 500 -19.21 66.44 -9.51
CA THR C 500 -18.79 67.83 -9.55
C THR C 500 -19.82 68.75 -8.94
N TYR C 501 -20.83 68.21 -8.25
CA TYR C 501 -21.83 69.03 -7.60
C TYR C 501 -21.23 69.78 -6.42
N ASP C 502 -21.63 71.04 -6.26
CA ASP C 502 -21.20 71.88 -5.15
C ASP C 502 -22.44 72.42 -4.45
N HIS C 503 -22.51 72.21 -3.14
CA HIS C 503 -23.60 72.76 -2.35
C HIS C 503 -23.33 74.21 -1.94
N SER C 504 -22.14 74.71 -2.26
CA SER C 504 -21.79 76.10 -1.97
C SER C 504 -22.59 77.09 -2.79
N LYS C 505 -23.15 76.65 -3.92
CA LYS C 505 -23.93 77.54 -4.76
C LYS C 505 -25.35 77.71 -4.21
N TYR C 506 -25.93 76.64 -3.66
CA TYR C 506 -27.34 76.62 -3.28
C TYR C 506 -27.58 76.25 -1.82
N ARG C 507 -26.62 76.47 -0.92
CA ARG C 507 -26.90 76.27 0.51
C ARG C 507 -28.02 77.19 1.01
N GLU C 508 -28.02 78.45 0.59
CA GLU C 508 -29.05 79.37 1.05
C GLU C 508 -30.38 79.13 0.36
N GLU C 509 -30.36 78.63 -0.88
CA GLU C 509 -31.60 78.34 -1.58
C GLU C 509 -32.26 77.08 -1.03
N ALA C 510 -31.46 76.08 -0.64
CA ALA C 510 -31.99 74.82 -0.14
C ALA C 510 -32.09 74.77 1.38
N MET C 511 -32.11 75.92 2.05
CA MET C 511 -32.17 75.97 3.50
C MET C 511 -33.59 76.22 4.01
N GLN C 512 -34.27 77.25 3.49
CA GLN C 512 -35.58 77.63 3.98
C GLN C 512 -36.70 76.79 3.39
N ASN C 513 -36.41 75.91 2.45
CA ASN C 513 -37.44 75.06 1.85
C ASN C 513 -37.76 73.87 2.76
N ASP D 19 -40.04 61.42 26.58
CA ASP D 19 -40.64 61.00 25.32
C ASP D 19 -39.56 60.56 24.34
N LYS D 20 -39.18 59.28 24.41
CA LYS D 20 -38.14 58.74 23.55
C LYS D 20 -38.32 57.25 23.42
N ILE D 21 -37.69 56.68 22.40
CA ILE D 21 -37.68 55.24 22.18
C ILE D 21 -36.22 54.80 21.97
N CYS D 22 -35.83 53.75 22.67
CA CYS D 22 -34.47 53.23 22.62
C CYS D 22 -34.44 51.89 21.90
N LEU D 23 -33.23 51.43 21.60
CA LEU D 23 -33.02 50.19 20.87
C LEU D 23 -32.15 49.25 21.68
N GLY D 24 -32.24 47.97 21.35
CA GLY D 24 -31.46 46.97 22.06
C GLY D 24 -31.67 45.59 21.50
N HIS D 25 -31.11 44.61 22.20
CA HIS D 25 -31.15 43.22 21.76
C HIS D 25 -31.16 42.31 22.98
N HIS D 26 -31.62 41.08 22.77
CA HIS D 26 -31.71 40.12 23.86
C HIS D 26 -30.31 39.68 24.30
N ALA D 27 -30.19 39.33 25.57
CA ALA D 27 -28.94 38.88 26.14
C ALA D 27 -29.23 37.94 27.30
N VAL D 28 -28.21 37.15 27.66
CA VAL D 28 -28.34 36.18 28.74
C VAL D 28 -27.30 36.50 29.80
N SER D 29 -27.58 36.08 31.03
CA SER D 29 -26.65 36.30 32.13
C SER D 29 -25.42 35.41 31.99
N ASN D 30 -25.61 34.16 31.58
CA ASN D 30 -24.50 33.23 31.37
C ASN D 30 -24.59 32.69 29.96
N GLY D 31 -23.50 32.84 29.19
CA GLY D 31 -23.44 32.36 27.84
C GLY D 31 -22.43 31.23 27.67
N THR D 32 -21.93 31.10 26.44
CA THR D 32 -20.95 30.08 26.11
C THR D 32 -19.82 30.71 25.32
N LYS D 33 -18.58 30.39 25.70
CA LYS D 33 -17.41 30.94 25.02
C LYS D 33 -17.13 30.15 23.75
N VAL D 34 -17.11 30.84 22.61
CA VAL D 34 -16.87 30.21 21.32
C VAL D 34 -15.65 30.84 20.67
N ASN D 35 -15.06 30.11 19.74
CA ASN D 35 -13.96 30.63 18.94
C ASN D 35 -14.50 31.49 17.80
N THR D 36 -13.62 32.29 17.21
CA THR D 36 -13.97 33.11 16.05
C THR D 36 -12.71 33.35 15.24
N LEU D 37 -12.81 34.23 14.23
CA LEU D 37 -11.71 34.46 13.31
C LEU D 37 -10.66 35.43 13.84
N CYS D 38 -10.95 36.16 14.91
CA CYS D 38 -9.99 37.15 15.40
C CYS D 38 -9.86 37.15 16.92
N GLU D 39 -10.44 36.18 17.62
CA GLU D 39 -10.40 36.16 19.07
C GLU D 39 -10.65 34.73 19.54
N ARG D 40 -10.44 34.49 20.83
CA ARG D 40 -10.68 33.19 21.44
C ARG D 40 -11.58 33.36 22.64
N GLY D 41 -12.59 32.49 22.75
CA GLY D 41 -13.51 32.53 23.87
C GLY D 41 -14.43 33.74 23.89
N VAL D 42 -15.04 34.04 22.75
CA VAL D 42 -15.98 35.14 22.66
C VAL D 42 -17.31 34.71 23.28
N GLU D 43 -17.82 35.53 24.20
CA GLU D 43 -19.07 35.23 24.89
C GLU D 43 -20.24 35.54 23.95
N VAL D 44 -21.08 34.53 23.68
CA VAL D 44 -22.27 34.70 22.86
C VAL D 44 -23.49 34.24 23.65
N VAL D 45 -24.67 34.32 23.04
CA VAL D 45 -25.91 33.96 23.71
C VAL D 45 -26.06 32.45 23.77
N ASN D 46 -26.01 31.79 22.62
CA ASN D 46 -26.20 30.36 22.53
C ASN D 46 -25.12 29.72 21.66
N ALA D 47 -24.89 28.44 21.89
CA ALA D 47 -23.88 27.71 21.13
C ALA D 47 -24.26 26.24 21.08
N THR D 48 -24.30 25.69 19.87
CA THR D 48 -24.52 24.27 19.66
C THR D 48 -23.18 23.55 19.58
N GLU D 49 -23.23 22.22 19.59
CA GLU D 49 -22.03 21.40 19.51
C GLU D 49 -21.94 20.76 18.14
N THR D 50 -20.80 20.95 17.48
CA THR D 50 -20.55 20.37 16.16
C THR D 50 -19.68 19.12 16.22
N VAL D 51 -19.27 18.69 17.41
CA VAL D 51 -18.44 17.50 17.58
C VAL D 51 -19.17 16.56 18.52
N GLU D 52 -19.55 15.38 18.00
CA GLU D 52 -20.32 14.43 18.78
C GLU D 52 -19.39 13.63 19.69
N ARG D 53 -19.69 13.61 20.98
CA ARG D 53 -18.88 12.90 21.97
C ARG D 53 -19.63 11.79 22.70
N THR D 54 -20.96 11.79 22.66
CA THR D 54 -21.75 10.79 23.37
C THR D 54 -22.09 9.65 22.43
N ASN D 55 -21.68 8.43 22.80
CA ASN D 55 -21.92 7.24 22.00
C ASN D 55 -22.85 6.30 22.76
N ILE D 56 -23.72 5.62 22.01
CA ILE D 56 -24.56 4.56 22.56
C ILE D 56 -23.74 3.27 22.55
N PRO D 57 -23.40 2.69 23.72
CA PRO D 57 -22.51 1.52 23.72
C PRO D 57 -23.24 0.20 23.47
N ARG D 58 -24.15 0.20 22.50
CA ARG D 58 -24.85 -0.98 22.04
C ARG D 58 -25.01 -0.85 20.53
N ILE D 59 -24.86 -1.96 19.81
CA ILE D 59 -25.12 -1.92 18.37
C ILE D 59 -26.61 -2.10 18.19
N CYS D 60 -27.34 -0.99 18.21
CA CYS D 60 -28.78 -1.00 18.00
C CYS D 60 -29.07 -0.62 16.55
N SER D 61 -29.52 -1.60 15.77
CA SER D 61 -29.61 -1.48 14.31
C SER D 61 -30.94 -2.03 13.82
N LYS D 62 -32.05 -1.58 14.42
CA LYS D 62 -33.38 -1.99 13.98
C LYS D 62 -33.64 -1.52 12.55
N GLY D 63 -34.19 -2.42 11.73
CA GLY D 63 -34.41 -2.14 10.32
C GLY D 63 -33.46 -2.83 9.38
N LYS D 64 -32.40 -3.47 9.90
CA LYS D 64 -31.44 -4.21 9.09
C LYS D 64 -31.34 -5.63 9.62
N ARG D 65 -31.04 -6.54 8.69
CA ARG D 65 -30.82 -7.95 9.10
C ARG D 65 -29.51 -7.98 9.87
N THR D 66 -29.52 -8.60 11.03
CA THR D 66 -28.35 -8.60 11.92
C THR D 66 -27.93 -10.02 12.24
N VAL D 67 -26.66 -10.33 12.01
CA VAL D 67 -26.06 -11.60 12.39
C VAL D 67 -24.93 -11.30 13.36
N ASP D 68 -25.01 -11.89 14.56
CA ASP D 68 -23.97 -11.78 15.57
C ASP D 68 -23.18 -13.08 15.56
N LEU D 69 -21.96 -13.03 15.01
CA LEU D 69 -21.20 -14.25 14.80
C LEU D 69 -20.73 -14.87 16.10
N GLY D 70 -20.34 -14.06 17.07
CA GLY D 70 -19.88 -14.56 18.36
C GLY D 70 -18.55 -15.27 18.27
N GLN D 71 -18.54 -16.56 18.63
CA GLN D 71 -17.34 -17.36 18.49
C GLN D 71 -17.00 -17.65 17.04
N CYS D 72 -17.97 -17.54 16.14
CA CYS D 72 -17.72 -17.76 14.72
C CYS D 72 -16.92 -16.60 14.12
N GLY D 73 -16.00 -16.94 13.23
CA GLY D 73 -15.24 -15.94 12.52
C GLY D 73 -15.86 -15.62 11.17
N LEU D 74 -15.46 -14.48 10.61
CA LEU D 74 -16.00 -14.09 9.31
C LEU D 74 -15.42 -14.95 8.19
N LEU D 75 -14.14 -15.28 8.28
CA LEU D 75 -13.56 -16.23 7.35
C LEU D 75 -13.96 -17.67 7.65
N GLY D 76 -14.58 -17.91 8.80
CA GLY D 76 -15.02 -19.25 9.14
C GLY D 76 -16.14 -19.75 8.23
N THR D 77 -17.13 -18.89 7.95
CA THR D 77 -18.36 -19.32 7.29
C THR D 77 -18.15 -19.83 5.87
N ILE D 78 -17.00 -19.53 5.25
CA ILE D 78 -16.68 -20.10 3.95
C ILE D 78 -16.37 -21.59 4.07
N THR D 79 -15.57 -21.95 5.08
CA THR D 79 -15.11 -23.33 5.21
C THR D 79 -16.00 -24.17 6.12
N GLY D 80 -16.76 -23.55 7.02
CA GLY D 80 -17.64 -24.27 7.91
C GLY D 80 -16.95 -25.05 9.01
N PRO D 81 -16.41 -24.36 10.01
CA PRO D 81 -15.88 -25.04 11.19
C PRO D 81 -17.01 -25.47 12.11
N PRO D 82 -16.73 -26.17 13.20
CA PRO D 82 -17.81 -26.50 14.16
C PRO D 82 -18.48 -25.29 14.80
N GLN D 83 -17.86 -24.11 14.80
CA GLN D 83 -18.43 -22.95 15.47
C GLN D 83 -19.27 -22.06 14.56
N CYS D 84 -19.47 -22.43 13.29
CA CYS D 84 -20.22 -21.61 12.34
C CYS D 84 -21.32 -22.41 11.64
N ASP D 85 -21.86 -23.43 12.32
CA ASP D 85 -22.86 -24.29 11.71
C ASP D 85 -24.17 -23.54 11.46
N GLN D 86 -24.57 -22.68 12.40
CA GLN D 86 -25.79 -21.90 12.22
C GLN D 86 -25.57 -20.66 11.35
N PHE D 87 -24.31 -20.26 11.14
CA PHE D 87 -23.97 -19.11 10.31
C PHE D 87 -23.33 -19.53 9.00
N LEU D 88 -23.50 -20.80 8.62
CA LEU D 88 -22.90 -21.33 7.39
C LEU D 88 -23.48 -20.67 6.15
N GLU D 89 -24.77 -20.40 6.13
CA GLU D 89 -25.45 -19.83 4.97
C GLU D 89 -26.21 -18.56 5.43
N PHE D 90 -25.49 -17.69 6.13
CA PHE D 90 -26.07 -16.49 6.68
C PHE D 90 -26.37 -15.48 5.57
N SER D 91 -27.33 -14.59 5.85
CA SER D 91 -27.69 -13.52 4.93
C SER D 91 -28.12 -12.33 5.77
N ALA D 92 -27.33 -11.26 5.76
CA ALA D 92 -27.60 -10.12 6.62
C ALA D 92 -27.08 -8.84 5.98
N ASP D 93 -27.60 -7.72 6.47
CA ASP D 93 -27.13 -6.40 6.08
C ASP D 93 -26.12 -5.82 7.05
N LEU D 94 -25.75 -6.58 8.09
CA LEU D 94 -24.79 -6.12 9.09
C LEU D 94 -24.16 -7.34 9.75
N ILE D 95 -22.85 -7.47 9.62
CA ILE D 95 -22.10 -8.62 10.14
C ILE D 95 -21.20 -8.13 11.26
N ILE D 96 -21.31 -8.75 12.43
CA ILE D 96 -20.52 -8.38 13.60
C ILE D 96 -19.48 -9.47 13.85
N GLU D 97 -18.22 -9.09 13.90
CA GLU D 97 -17.15 -9.98 14.32
C GLU D 97 -16.78 -9.69 15.77
N ARG D 98 -16.07 -10.64 16.38
CA ARG D 98 -15.72 -10.55 17.79
C ARG D 98 -14.23 -10.75 17.97
N ARG D 99 -13.73 -10.30 19.13
CA ARG D 99 -12.31 -10.46 19.44
C ARG D 99 -11.95 -11.93 19.64
N GLU D 100 -12.80 -12.67 20.35
CA GLU D 100 -12.55 -14.09 20.58
C GLU D 100 -12.98 -14.95 19.40
N GLY D 101 -13.66 -14.40 18.42
CA GLY D 101 -14.15 -15.16 17.28
C GLY D 101 -13.05 -15.66 16.37
N SER D 102 -12.83 -16.97 16.39
CA SER D 102 -11.86 -17.61 15.52
C SER D 102 -12.52 -18.09 14.24
N ASP D 103 -11.73 -18.16 13.18
CA ASP D 103 -12.22 -18.54 11.87
C ASP D 103 -11.68 -19.88 11.37
N VAL D 104 -10.91 -20.59 12.18
CA VAL D 104 -10.26 -21.83 11.76
C VAL D 104 -10.24 -22.79 12.94
N CYS D 105 -10.44 -24.08 12.67
CA CYS D 105 -10.45 -25.08 13.73
C CYS D 105 -9.13 -25.85 13.80
N TYR D 106 -8.75 -26.49 12.71
CA TYR D 106 -7.45 -27.15 12.62
C TYR D 106 -6.38 -26.08 12.44
N PRO D 107 -5.31 -26.07 13.29
CA PRO D 107 -4.34 -24.95 13.32
C PRO D 107 -3.73 -24.56 11.98
N GLY D 108 -4.06 -23.37 11.50
CA GLY D 108 -3.59 -22.92 10.21
C GLY D 108 -3.95 -21.48 9.96
N LYS D 109 -3.82 -21.05 8.70
CA LYS D 109 -4.09 -19.68 8.34
C LYS D 109 -4.49 -19.62 6.87
N PHE D 110 -5.11 -18.50 6.49
CA PHE D 110 -5.51 -18.25 5.12
C PHE D 110 -4.39 -17.56 4.35
N VAL D 111 -4.64 -17.30 3.07
CA VAL D 111 -3.76 -16.53 2.21
C VAL D 111 -4.56 -15.39 1.62
N ASN D 112 -4.01 -14.17 1.70
CA ASN D 112 -4.71 -12.92 1.34
C ASN D 112 -5.99 -12.77 2.17
N GLU D 113 -5.86 -13.05 3.46
CA GLU D 113 -7.01 -13.12 4.35
C GLU D 113 -7.64 -11.75 4.57
N GLU D 114 -6.83 -10.67 4.54
CA GLU D 114 -7.39 -9.33 4.70
C GLU D 114 -8.25 -8.96 3.50
N ALA D 115 -7.79 -9.28 2.29
CA ALA D 115 -8.59 -9.06 1.09
C ALA D 115 -9.86 -9.91 1.10
N LEU D 116 -9.75 -11.17 1.56
CA LEU D 116 -10.94 -12.02 1.64
C LEU D 116 -11.94 -11.49 2.66
N ARG D 117 -11.45 -10.97 3.79
CA ARG D 117 -12.33 -10.36 4.79
C ARG D 117 -13.00 -9.11 4.25
N GLN D 118 -12.25 -8.29 3.50
CA GLN D 118 -12.85 -7.08 2.92
C GLN D 118 -13.85 -7.42 1.82
N ILE D 119 -13.68 -8.55 1.15
CA ILE D 119 -14.69 -9.01 0.20
C ILE D 119 -15.93 -9.48 0.94
N LEU D 120 -15.74 -10.25 2.02
CA LEU D 120 -16.87 -10.85 2.73
C LEU D 120 -17.65 -9.82 3.55
N ARG D 121 -17.01 -8.72 3.94
CA ARG D 121 -17.67 -7.73 4.79
C ARG D 121 -18.80 -7.02 4.04
N GLU D 122 -18.58 -6.69 2.76
CA GLU D 122 -19.60 -6.05 1.94
C GLU D 122 -20.38 -7.06 1.10
N SER D 123 -20.20 -8.36 1.35
CA SER D 123 -20.81 -9.38 0.51
C SER D 123 -22.32 -9.47 0.73
N GLY D 124 -22.80 -9.13 1.91
CA GLY D 124 -24.22 -9.22 2.20
C GLY D 124 -24.70 -10.60 2.57
N GLY D 125 -23.80 -11.52 2.86
CA GLY D 125 -24.18 -12.90 3.14
C GLY D 125 -23.83 -13.76 1.94
N ILE D 126 -23.44 -15.00 2.22
CA ILE D 126 -22.98 -15.93 1.20
C ILE D 126 -24.10 -16.90 0.88
N ASP D 127 -24.23 -17.25 -0.40
CA ASP D 127 -25.15 -18.27 -0.87
C ASP D 127 -24.34 -19.46 -1.36
N LYS D 128 -24.59 -20.63 -0.81
CA LYS D 128 -23.79 -21.82 -1.09
C LYS D 128 -24.49 -22.68 -2.14
N GLU D 129 -23.79 -22.94 -3.23
CA GLU D 129 -24.25 -23.87 -4.26
C GLU D 129 -23.30 -25.06 -4.28
N ALA D 130 -23.86 -26.26 -4.19
CA ALA D 130 -23.06 -27.46 -4.09
C ALA D 130 -22.34 -27.74 -5.41
N MET D 131 -21.11 -28.24 -5.31
CA MET D 131 -20.39 -28.69 -6.48
C MET D 131 -20.74 -30.14 -6.80
N GLY D 132 -20.35 -30.59 -7.98
CA GLY D 132 -20.67 -31.95 -8.38
C GLY D 132 -19.57 -32.94 -8.12
N PHE D 133 -18.64 -32.60 -7.23
CA PHE D 133 -17.48 -33.43 -7.01
C PHE D 133 -17.85 -34.67 -6.19
N THR D 134 -17.28 -35.81 -6.57
CA THR D 134 -17.62 -37.09 -5.97
C THR D 134 -16.42 -37.85 -5.43
N TYR D 135 -15.26 -37.75 -6.09
CA TYR D 135 -13.99 -38.36 -5.67
C TYR D 135 -14.10 -39.88 -5.56
N SER D 136 -14.32 -40.53 -6.70
CA SER D 136 -14.42 -41.98 -6.73
C SER D 136 -13.06 -42.62 -6.51
N GLY D 137 -13.06 -43.69 -5.70
CA GLY D 137 -11.85 -44.42 -5.39
C GLY D 137 -11.03 -43.87 -4.25
N ILE D 138 -11.48 -42.81 -3.59
CA ILE D 138 -10.77 -42.16 -2.50
C ILE D 138 -11.76 -41.87 -1.37
N ARG D 139 -11.34 -42.16 -0.13
CA ARG D 139 -12.11 -41.78 1.05
C ARG D 139 -12.29 -40.27 1.12
N THR D 140 -13.51 -39.85 1.46
CA THR D 140 -13.86 -38.43 1.54
C THR D 140 -14.13 -38.02 2.98
N ASN D 141 -13.56 -38.73 3.94
CA ASN D 141 -13.78 -38.45 5.35
C ASN D 141 -12.45 -38.56 6.10
N GLY D 142 -12.39 -37.90 7.24
CA GLY D 142 -11.20 -37.95 8.08
C GLY D 142 -10.92 -36.63 8.78
N ALA D 143 -10.71 -36.70 10.09
CA ALA D 143 -10.46 -35.51 10.90
C ALA D 143 -9.72 -35.92 12.16
N THR D 144 -9.14 -34.92 12.83
CA THR D 144 -8.44 -35.12 14.08
C THR D 144 -9.35 -34.77 15.25
N SER D 145 -8.77 -34.77 16.45
CA SER D 145 -9.50 -34.42 17.66
C SER D 145 -9.49 -32.92 17.94
N SER D 146 -8.82 -32.12 17.10
CA SER D 146 -8.76 -30.69 17.34
C SER D 146 -10.08 -30.01 17.00
N CYS D 147 -10.74 -30.46 15.93
CA CYS D 147 -12.03 -29.89 15.52
C CYS D 147 -13.13 -30.78 16.09
N ARG D 148 -13.49 -30.49 17.35
CA ARG D 148 -14.43 -31.30 18.11
C ARG D 148 -15.85 -30.96 17.71
N ARG D 149 -16.53 -31.89 17.03
CA ARG D 149 -17.96 -31.75 16.72
C ARG D 149 -18.54 -33.16 16.62
N SER D 150 -19.15 -33.62 17.72
CA SER D 150 -19.76 -34.94 17.84
C SER D 150 -18.77 -36.07 17.49
N GLY D 151 -17.54 -35.93 18.00
CA GLY D 151 -16.51 -36.89 17.71
C GLY D 151 -15.31 -36.26 17.02
N SER D 152 -15.07 -36.64 15.76
CA SER D 152 -13.97 -36.09 14.98
C SER D 152 -14.53 -35.76 13.59
N SER D 153 -14.99 -34.53 13.42
CA SER D 153 -15.59 -34.08 12.17
C SER D 153 -14.78 -32.94 11.58
N PHE D 154 -14.53 -33.00 10.28
CA PHE D 154 -13.78 -31.98 9.57
C PHE D 154 -14.74 -30.85 9.18
N TYR D 155 -14.29 -29.97 8.29
CA TYR D 155 -15.11 -28.87 7.81
C TYR D 155 -16.30 -29.38 7.02
N ALA D 156 -17.44 -28.71 7.19
CA ALA D 156 -18.66 -29.12 6.48
C ALA D 156 -18.57 -28.78 5.00
N GLU D 157 -17.92 -27.66 4.67
CA GLU D 157 -17.85 -27.19 3.29
C GLU D 157 -16.69 -27.80 2.51
N MET D 158 -15.75 -28.46 3.17
CA MET D 158 -14.59 -29.03 2.52
C MET D 158 -14.55 -30.54 2.77
N LYS D 159 -13.61 -31.20 2.08
CA LYS D 159 -13.51 -32.67 2.13
C LYS D 159 -12.02 -33.02 2.13
N TRP D 160 -11.49 -33.32 3.32
CA TRP D 160 -10.14 -33.85 3.43
C TRP D 160 -10.12 -35.27 2.88
N LEU D 161 -9.41 -35.48 1.77
CA LEU D 161 -9.35 -36.78 1.12
C LEU D 161 -7.97 -37.39 1.30
N LEU D 162 -7.93 -38.54 1.98
CA LEU D 162 -6.75 -39.32 2.30
C LEU D 162 -6.51 -40.36 1.21
N SER D 163 -5.67 -41.35 1.48
CA SER D 163 -5.59 -42.52 0.61
C SER D 163 -6.66 -43.53 0.99
N ASN D 164 -6.73 -44.62 0.22
CA ASN D 164 -7.63 -45.72 0.55
C ASN D 164 -7.21 -46.38 1.86
N THR D 165 -6.03 -46.99 1.86
CA THR D 165 -5.39 -47.44 3.08
C THR D 165 -4.07 -46.69 3.23
N ASP D 166 -3.47 -46.82 4.40
CA ASP D 166 -2.28 -46.03 4.72
C ASP D 166 -1.09 -46.44 3.88
N ASN D 167 -0.38 -45.43 3.35
CA ASN D 167 0.86 -45.59 2.58
C ASN D 167 0.65 -46.41 1.31
N ALA D 168 -0.55 -46.37 0.73
CA ALA D 168 -0.79 -47.16 -0.49
C ALA D 168 -0.36 -46.40 -1.74
N ALA D 169 -1.06 -45.33 -2.07
CA ALA D 169 -0.90 -44.56 -3.31
C ALA D 169 -1.80 -43.34 -3.24
N PHE D 170 -1.86 -42.58 -4.34
CA PHE D 170 -2.87 -41.55 -4.53
C PHE D 170 -3.11 -41.36 -6.03
N PRO D 171 -4.34 -41.55 -6.50
CA PRO D 171 -4.62 -41.41 -7.93
C PRO D 171 -4.56 -39.96 -8.38
N GLN D 172 -4.21 -39.78 -9.66
CA GLN D 172 -4.14 -38.46 -10.29
C GLN D 172 -5.41 -38.23 -11.11
N MET D 173 -6.32 -37.41 -10.60
CA MET D 173 -7.44 -36.93 -11.39
C MET D 173 -7.61 -35.43 -11.18
N THR D 174 -8.31 -34.80 -12.13
CA THR D 174 -8.55 -33.36 -12.14
C THR D 174 -10.04 -33.14 -11.97
N LYS D 175 -10.41 -32.26 -11.05
CA LYS D 175 -11.81 -31.90 -10.86
C LYS D 175 -12.06 -30.50 -11.40
N SER D 176 -13.29 -30.26 -11.83
CA SER D 176 -13.61 -29.01 -12.52
C SER D 176 -15.02 -28.57 -12.20
N TYR D 177 -15.19 -27.26 -12.03
CA TYR D 177 -16.49 -26.65 -11.80
C TYR D 177 -16.66 -25.49 -12.78
N LYS D 178 -17.80 -25.46 -13.47
CA LYS D 178 -18.13 -24.40 -14.42
C LYS D 178 -19.19 -23.51 -13.80
N ASN D 179 -18.91 -22.20 -13.76
CA ASN D 179 -19.86 -21.25 -13.21
C ASN D 179 -21.08 -21.14 -14.11
N THR D 180 -22.26 -21.05 -13.51
CA THR D 180 -23.52 -20.99 -14.24
C THR D 180 -24.26 -19.68 -14.06
N ARG D 181 -24.46 -19.24 -12.82
CA ARG D 181 -25.20 -18.02 -12.56
C ARG D 181 -24.37 -16.79 -12.91
N LYS D 182 -25.05 -15.69 -13.24
CA LYS D 182 -24.41 -14.44 -13.62
C LYS D 182 -24.01 -13.65 -12.37
N ASN D 183 -23.02 -14.19 -11.66
CA ASN D 183 -22.52 -13.64 -10.41
C ASN D 183 -21.16 -14.26 -10.15
N PRO D 184 -20.14 -13.47 -9.81
CA PRO D 184 -18.81 -14.03 -9.53
C PRO D 184 -18.84 -14.96 -8.31
N ALA D 185 -18.10 -16.06 -8.42
CA ALA D 185 -18.05 -17.06 -7.37
C ALA D 185 -16.91 -16.76 -6.41
N LEU D 186 -16.80 -17.58 -5.37
CA LEU D 186 -15.82 -17.41 -4.30
C LEU D 186 -15.16 -18.76 -4.01
N ILE D 187 -14.61 -19.37 -5.07
CA ILE D 187 -14.06 -20.71 -5.00
C ILE D 187 -12.88 -20.75 -4.04
N VAL D 188 -12.90 -21.72 -3.12
CA VAL D 188 -11.89 -21.84 -2.08
C VAL D 188 -11.38 -23.27 -2.07
N TRP D 189 -10.14 -23.46 -1.64
CA TRP D 189 -9.59 -24.79 -1.41
C TRP D 189 -8.57 -24.69 -0.28
N GLY D 190 -7.75 -25.73 -0.14
CA GLY D 190 -6.73 -25.73 0.89
C GLY D 190 -5.65 -26.75 0.60
N ILE D 191 -4.44 -26.47 1.07
CA ILE D 191 -3.30 -27.37 0.95
C ILE D 191 -2.90 -27.81 2.34
N HIS D 192 -2.77 -29.11 2.53
CA HIS D 192 -2.46 -29.68 3.85
C HIS D 192 -0.96 -29.91 3.95
N HIS D 193 -0.29 -29.09 4.75
CA HIS D 193 1.09 -29.36 5.13
C HIS D 193 1.07 -30.43 6.22
N SER D 194 1.80 -31.52 6.01
CA SER D 194 1.77 -32.61 6.98
C SER D 194 2.57 -32.27 8.22
N GLY D 195 3.72 -31.63 8.05
CA GLY D 195 4.62 -31.35 9.14
C GLY D 195 5.73 -32.37 9.33
N SER D 196 5.57 -33.57 8.76
CA SER D 196 6.62 -34.59 8.79
C SER D 196 6.43 -35.50 7.59
N THR D 197 7.56 -35.90 6.99
CA THR D 197 7.53 -36.68 5.77
C THR D 197 6.97 -38.09 6.00
N ALA D 198 7.18 -38.65 7.19
CA ALA D 198 6.62 -39.95 7.52
C ALA D 198 5.09 -39.90 7.57
N GLU D 199 4.53 -38.86 8.20
CA GLU D 199 3.08 -38.72 8.24
C GLU D 199 2.51 -38.38 6.86
N GLN D 200 3.27 -37.62 6.06
CA GLN D 200 2.84 -37.34 4.68
C GLN D 200 2.80 -38.63 3.85
N THR D 201 3.80 -39.49 4.02
CA THR D 201 3.84 -40.76 3.29
C THR D 201 2.74 -41.70 3.79
N LYS D 202 2.43 -41.66 5.08
CA LYS D 202 1.34 -42.48 5.61
C LYS D 202 -0.02 -42.01 5.09
N LEU D 203 -0.24 -40.69 5.06
CA LEU D 203 -1.54 -40.17 4.65
C LEU D 203 -1.75 -40.26 3.13
N TYR D 204 -0.74 -39.90 2.35
CA TYR D 204 -0.89 -39.79 0.91
C TYR D 204 0.04 -40.71 0.14
N GLY D 205 1.31 -40.75 0.46
CA GLY D 205 2.24 -41.65 -0.21
C GLY D 205 3.60 -41.00 -0.36
N SER D 206 4.49 -41.76 -0.99
CA SER D 206 5.86 -41.33 -1.24
C SER D 206 5.94 -40.77 -2.66
N GLY D 207 6.06 -39.45 -2.76
CA GLY D 207 6.16 -38.82 -4.06
C GLY D 207 6.10 -37.31 -3.92
N ASN D 208 6.32 -36.63 -5.05
CA ASN D 208 6.25 -35.15 -5.10
C ASN D 208 4.77 -34.76 -5.20
N LYS D 209 4.24 -34.13 -4.16
CA LYS D 209 2.83 -33.74 -4.11
C LYS D 209 2.65 -32.48 -4.94
N LEU D 210 2.25 -32.67 -6.20
CA LEU D 210 2.06 -31.57 -7.14
C LEU D 210 0.57 -31.25 -7.21
N VAL D 211 0.19 -30.09 -6.69
CA VAL D 211 -1.20 -29.63 -6.70
C VAL D 211 -1.24 -28.29 -7.42
N THR D 212 -2.06 -28.21 -8.47
CA THR D 212 -2.20 -26.98 -9.22
C THR D 212 -3.66 -26.72 -9.55
N VAL D 213 -3.99 -25.44 -9.70
CA VAL D 213 -5.32 -25.02 -10.10
C VAL D 213 -5.22 -24.33 -11.45
N GLY D 214 -6.37 -23.95 -11.99
CA GLY D 214 -6.38 -23.29 -13.28
C GLY D 214 -7.71 -22.65 -13.63
N SER D 215 -7.65 -21.47 -14.25
CA SER D 215 -8.83 -20.73 -14.66
C SER D 215 -8.42 -19.78 -15.77
N SER D 216 -9.32 -18.84 -16.10
CA SER D 216 -8.97 -17.80 -17.05
C SER D 216 -8.14 -16.68 -16.41
N ASN D 217 -8.01 -16.70 -15.08
CA ASN D 217 -7.26 -15.66 -14.37
C ASN D 217 -5.81 -16.10 -14.13
N TYR D 218 -5.61 -17.21 -13.43
CA TYR D 218 -4.27 -17.67 -13.11
C TYR D 218 -4.24 -19.19 -13.01
N GLN D 219 -3.03 -19.74 -13.15
CA GLN D 219 -2.77 -21.18 -13.14
C GLN D 219 -1.62 -21.51 -12.19
N GLN D 220 -1.69 -21.00 -10.96
CA GLN D 220 -0.63 -21.21 -9.99
C GLN D 220 -0.55 -22.67 -9.55
N SER D 221 0.66 -23.08 -9.19
CA SER D 221 0.94 -24.44 -8.73
C SER D 221 1.45 -24.41 -7.30
N PHE D 222 0.96 -25.34 -6.48
CA PHE D 222 1.24 -25.38 -5.05
C PHE D 222 1.97 -26.68 -4.71
N VAL D 223 2.76 -26.63 -3.65
CA VAL D 223 3.45 -27.82 -3.16
C VAL D 223 3.54 -27.78 -1.64
N PRO D 224 3.22 -28.87 -0.94
CA PRO D 224 3.38 -28.89 0.50
C PRO D 224 4.85 -28.99 0.89
N SER D 225 5.14 -28.51 2.11
CA SER D 225 6.50 -28.57 2.65
C SER D 225 6.40 -29.00 4.12
N PRO D 226 6.48 -30.31 4.40
CA PRO D 226 6.38 -30.81 5.78
C PRO D 226 7.64 -30.53 6.59
N ARG D 238 -1.98 -27.08 10.24
CA ARG D 238 -0.99 -26.80 9.20
C ARG D 238 -1.65 -26.86 7.83
N ILE D 239 -2.76 -26.14 7.68
CA ILE D 239 -3.51 -26.06 6.43
C ILE D 239 -3.53 -24.61 5.97
N ASP D 240 -3.09 -24.37 4.74
CA ASP D 240 -3.06 -23.03 4.16
C ASP D 240 -4.16 -22.94 3.11
N PHE D 241 -5.26 -22.29 3.46
CA PHE D 241 -6.37 -22.13 2.52
C PHE D 241 -6.03 -21.10 1.46
N HIS D 242 -6.65 -21.24 0.29
CA HIS D 242 -6.50 -20.31 -0.81
C HIS D 242 -7.86 -20.09 -1.46
N TRP D 243 -8.13 -18.85 -1.85
CA TRP D 243 -9.41 -18.49 -2.46
C TRP D 243 -9.19 -18.05 -3.89
N LEU D 244 -10.31 -17.86 -4.60
CA LEU D 244 -10.27 -17.49 -6.02
C LEU D 244 -11.56 -16.76 -6.35
N MET D 245 -11.46 -15.72 -7.17
CA MET D 245 -12.62 -14.97 -7.65
C MET D 245 -12.96 -15.50 -9.05
N LEU D 246 -13.88 -16.45 -9.10
CA LEU D 246 -14.23 -17.10 -10.37
C LEU D 246 -15.22 -16.23 -11.13
N ASN D 247 -14.84 -15.85 -12.35
CA ASN D 247 -15.73 -15.11 -13.22
C ASN D 247 -16.86 -16.03 -13.71
N PRO D 248 -18.03 -15.46 -14.04
CA PRO D 248 -19.12 -16.29 -14.57
C PRO D 248 -18.76 -16.88 -15.92
N ASN D 249 -19.32 -18.07 -16.18
CA ASN D 249 -19.10 -18.87 -17.38
C ASN D 249 -17.61 -19.16 -17.60
N ASP D 250 -16.96 -19.59 -16.52
CA ASP D 250 -15.53 -19.88 -16.54
C ASP D 250 -15.26 -21.10 -15.68
N THR D 251 -14.28 -21.90 -16.09
CA THR D 251 -13.91 -23.09 -15.37
C THR D 251 -12.81 -22.79 -14.35
N VAL D 252 -12.82 -23.55 -13.25
CA VAL D 252 -11.96 -23.29 -12.11
C VAL D 252 -11.19 -24.57 -11.79
N THR D 253 -10.82 -25.30 -12.85
CA THR D 253 -10.36 -26.70 -12.78
C THR D 253 -9.18 -26.90 -11.82
N PHE D 254 -9.32 -27.92 -10.98
CA PHE D 254 -8.29 -28.31 -10.02
C PHE D 254 -7.45 -29.44 -10.59
N SER D 255 -6.32 -29.71 -9.93
CA SER D 255 -5.48 -30.85 -10.24
C SER D 255 -4.61 -31.12 -9.02
N PHE D 256 -4.77 -32.29 -8.41
CA PHE D 256 -4.12 -32.58 -7.15
C PHE D 256 -3.49 -33.98 -7.19
N ASN D 257 -2.48 -34.16 -6.34
CA ASN D 257 -1.81 -35.44 -6.17
C ASN D 257 -1.61 -35.68 -4.67
N GLY D 258 -2.64 -35.45 -3.88
CA GLY D 258 -2.58 -35.62 -2.45
C GLY D 258 -2.32 -34.30 -1.74
N ALA D 259 -2.63 -34.30 -0.44
CA ALA D 259 -2.49 -33.14 0.46
C ALA D 259 -3.24 -31.92 -0.06
N PHE D 260 -4.53 -32.11 -0.34
CA PHE D 260 -5.37 -31.09 -0.92
C PHE D 260 -6.70 -31.07 -0.17
N ILE D 261 -7.03 -29.95 0.46
CA ILE D 261 -8.32 -29.82 1.12
C ILE D 261 -9.33 -29.34 0.09
N ALA D 262 -9.98 -30.29 -0.58
CA ALA D 262 -10.85 -30.09 -1.73
C ALA D 262 -12.19 -29.51 -1.31
N PRO D 263 -12.74 -28.58 -2.08
CA PRO D 263 -14.05 -28.00 -1.75
C PRO D 263 -15.19 -28.95 -2.07
N ASP D 264 -16.35 -28.60 -1.53
CA ASP D 264 -17.59 -29.31 -1.80
C ASP D 264 -18.71 -28.40 -2.28
N ARG D 265 -18.76 -27.16 -1.80
CA ARG D 265 -19.77 -26.20 -2.22
C ARG D 265 -19.09 -24.88 -2.55
N ALA D 266 -19.70 -24.14 -3.48
CA ALA D 266 -19.16 -22.86 -3.95
C ALA D 266 -19.93 -21.72 -3.33
N SER D 267 -19.20 -20.71 -2.84
CA SER D 267 -19.81 -19.55 -2.21
C SER D 267 -20.18 -18.50 -3.25
N PHE D 268 -21.41 -18.01 -3.19
CA PHE D 268 -21.88 -16.95 -4.07
C PHE D 268 -22.31 -15.76 -3.21
N LEU D 269 -21.89 -14.56 -3.61
CA LEU D 269 -22.21 -13.35 -2.86
C LEU D 269 -23.62 -12.89 -3.20
N ARG D 270 -24.41 -12.58 -2.18
CA ARG D 270 -25.81 -12.25 -2.39
C ARG D 270 -25.99 -10.79 -2.79
N GLY D 271 -25.63 -9.86 -1.89
CA GLY D 271 -25.90 -8.46 -2.14
C GLY D 271 -24.83 -7.49 -1.68
N LYS D 272 -25.24 -6.46 -0.94
CA LYS D 272 -24.33 -5.43 -0.44
C LYS D 272 -24.67 -5.13 1.01
N SER D 273 -23.65 -5.02 1.85
CA SER D 273 -23.84 -4.77 3.26
C SER D 273 -22.61 -4.03 3.79
N MET D 274 -22.48 -4.00 5.12
CA MET D 274 -21.31 -3.44 5.77
C MET D 274 -21.05 -4.21 7.06
N GLY D 275 -19.79 -4.43 7.38
CA GLY D 275 -19.43 -5.22 8.54
C GLY D 275 -18.60 -4.45 9.56
N ILE D 276 -18.89 -4.65 10.83
CA ILE D 276 -18.21 -3.94 11.90
C ILE D 276 -17.37 -4.93 12.69
N GLN D 277 -16.55 -4.41 13.59
CA GLN D 277 -15.73 -5.21 14.50
C GLN D 277 -15.88 -4.59 15.89
N SER D 278 -16.89 -5.03 16.63
CA SER D 278 -17.25 -4.43 17.90
C SER D 278 -16.86 -5.36 19.05
N GLY D 279 -17.21 -4.94 20.27
CA GLY D 279 -16.92 -5.71 21.46
C GLY D 279 -18.00 -5.63 22.52
N VAL D 280 -19.18 -5.17 22.13
CA VAL D 280 -20.32 -5.08 23.05
C VAL D 280 -21.50 -5.80 22.41
N GLN D 281 -22.55 -6.00 23.22
CA GLN D 281 -23.71 -6.76 22.81
C GLN D 281 -24.59 -5.97 21.85
N VAL D 282 -25.45 -6.69 21.14
CA VAL D 282 -26.21 -6.15 20.00
C VAL D 282 -27.65 -5.88 20.45
N ASP D 283 -28.24 -4.80 19.92
CA ASP D 283 -29.60 -4.40 20.23
C ASP D 283 -30.36 -4.18 18.93
N ALA D 284 -31.68 -4.02 19.04
CA ALA D 284 -32.55 -3.83 17.89
C ALA D 284 -33.58 -2.75 18.17
N ASP D 285 -33.14 -1.62 18.71
CA ASP D 285 -34.06 -0.56 19.13
C ASP D 285 -33.82 0.79 18.48
N CYS D 286 -32.74 0.97 17.73
CA CYS D 286 -32.38 2.28 17.19
C CYS D 286 -32.55 2.32 15.68
N GLU D 287 -32.56 3.54 15.16
CA GLU D 287 -32.13 3.76 13.79
C GLU D 287 -30.63 4.07 13.80
N GLY D 288 -29.96 3.72 12.71
CA GLY D 288 -28.52 3.91 12.68
C GLY D 288 -27.87 3.71 11.34
N ASP D 289 -26.72 4.33 11.14
CA ASP D 289 -25.97 4.25 9.89
C ASP D 289 -24.51 3.86 10.08
N CYS D 290 -23.89 4.27 11.18
CA CYS D 290 -22.46 4.07 11.40
C CYS D 290 -22.21 3.50 12.79
N TYR D 291 -21.32 2.51 12.85
CA TYR D 291 -20.97 1.85 14.10
C TYR D 291 -19.45 1.78 14.21
N TYR D 292 -18.96 1.83 15.45
CA TYR D 292 -17.52 1.78 15.70
C TYR D 292 -17.24 0.67 16.70
N SER D 293 -15.95 0.44 16.96
CA SER D 293 -15.50 -0.65 17.82
C SER D 293 -15.80 -0.32 19.28
N GLY D 294 -17.00 -0.68 19.71
CA GLY D 294 -17.38 -0.51 21.10
C GLY D 294 -18.59 0.39 21.30
N GLY D 295 -19.44 0.49 20.29
CA GLY D 295 -20.64 1.27 20.42
C GLY D 295 -21.15 1.74 19.07
N THR D 296 -22.25 2.49 19.12
CA THR D 296 -22.88 3.06 17.95
C THR D 296 -22.98 4.57 18.11
N ILE D 297 -22.42 5.30 17.15
CA ILE D 297 -22.50 6.75 17.15
C ILE D 297 -23.53 7.23 16.13
N ILE D 298 -24.66 7.74 16.61
CA ILE D 298 -25.65 8.35 15.74
C ILE D 298 -25.87 9.80 16.14
N SER D 299 -25.79 10.69 15.15
CA SER D 299 -26.02 12.13 15.27
C SER D 299 -26.08 12.72 13.87
N ASN D 300 -26.69 13.89 13.78
CA ASN D 300 -26.68 14.65 12.53
C ASN D 300 -25.50 15.61 12.44
N LEU D 301 -24.62 15.62 13.45
CA LEU D 301 -23.52 16.57 13.52
C LEU D 301 -22.49 16.29 12.42
N PRO D 302 -21.69 17.30 12.06
CA PRO D 302 -20.68 17.07 11.02
C PRO D 302 -19.43 16.34 11.51
N PHE D 303 -18.98 16.58 12.73
CA PHE D 303 -17.69 16.07 13.20
C PHE D 303 -17.87 15.28 14.49
N GLN D 304 -16.83 14.55 14.86
CA GLN D 304 -16.86 13.70 16.05
C GLN D 304 -15.44 13.48 16.55
N ASN D 305 -15.33 13.07 17.81
CA ASN D 305 -14.03 12.89 18.47
C ASN D 305 -13.88 11.48 19.07
N ILE D 306 -14.84 10.59 18.84
CA ILE D 306 -14.86 9.31 19.57
C ILE D 306 -13.82 8.35 19.00
N ASP D 307 -13.95 8.01 17.72
CA ASP D 307 -13.00 7.09 17.10
C ASP D 307 -12.86 7.42 15.62
N SER D 308 -11.64 7.25 15.12
CA SER D 308 -11.34 7.52 13.71
C SER D 308 -11.55 6.32 12.81
N ARG D 309 -11.82 5.14 13.37
CA ARG D 309 -12.00 3.92 12.59
C ARG D 309 -13.47 3.53 12.46
N ALA D 310 -14.39 4.48 12.61
CA ALA D 310 -15.80 4.17 12.49
C ALA D 310 -16.18 3.92 11.04
N VAL D 311 -17.07 2.94 10.84
CA VAL D 311 -17.48 2.51 9.50
C VAL D 311 -18.99 2.70 9.35
N GLY D 312 -19.39 3.31 8.23
CA GLY D 312 -20.78 3.62 7.97
C GLY D 312 -20.99 5.04 7.47
N LYS D 313 -22.14 5.64 7.83
CA LYS D 313 -22.47 7.01 7.46
C LYS D 313 -22.59 7.82 8.75
N CYS D 314 -21.49 8.44 9.15
CA CYS D 314 -21.38 9.08 10.46
C CYS D 314 -20.42 10.25 10.35
N PRO D 315 -20.36 11.12 11.38
CA PRO D 315 -19.45 12.27 11.33
C PRO D 315 -17.99 11.90 11.15
N ARG D 316 -17.27 12.81 10.49
CA ARG D 316 -15.85 12.66 10.24
C ARG D 316 -15.05 12.94 11.52
N TYR D 317 -13.92 12.25 11.65
CA TYR D 317 -13.10 12.38 12.84
C TYR D 317 -12.31 13.68 12.81
N VAL D 318 -12.21 14.33 13.97
CA VAL D 318 -11.37 15.51 14.16
C VAL D 318 -10.57 15.34 15.43
N LYS D 319 -9.45 16.07 15.51
CA LYS D 319 -8.59 15.96 16.69
C LYS D 319 -9.19 16.67 17.89
N GLN D 320 -9.87 17.80 17.65
CA GLN D 320 -10.28 18.68 18.73
C GLN D 320 -11.44 18.10 19.53
N ARG D 321 -11.57 18.58 20.77
CA ARG D 321 -12.52 17.99 21.70
C ARG D 321 -13.93 18.57 21.51
N SER D 322 -14.06 19.89 21.64
CA SER D 322 -15.36 20.54 21.58
C SER D 322 -15.27 21.76 20.70
N LEU D 323 -16.01 21.76 19.59
CA LEU D 323 -16.12 22.91 18.70
C LEU D 323 -17.54 23.45 18.78
N LEU D 324 -17.67 24.72 19.15
CA LEU D 324 -18.95 25.34 19.39
C LEU D 324 -19.27 26.33 18.28
N LEU D 325 -20.37 26.10 17.57
CA LEU D 325 -20.87 27.05 16.59
C LEU D 325 -21.77 28.05 17.30
N ALA D 326 -21.50 29.34 17.10
CA ALA D 326 -22.29 30.37 17.75
C ALA D 326 -23.65 30.51 17.07
N THR D 327 -24.61 29.72 17.55
CA THR D 327 -25.99 29.85 17.06
C THR D 327 -26.57 31.20 17.44
N GLY D 328 -26.30 31.65 18.67
CA GLY D 328 -26.78 32.94 19.13
C GLY D 328 -25.89 34.08 18.68
N MET D 329 -26.26 35.27 19.13
CA MET D 329 -25.56 36.50 18.81
C MET D 329 -24.69 36.95 19.99
N LYS D 330 -24.02 38.09 19.81
CA LYS D 330 -22.97 38.49 20.74
C LYS D 330 -23.55 38.94 22.07
N ASN D 331 -22.93 38.49 23.16
CA ASN D 331 -23.43 38.72 24.51
C ASN D 331 -22.70 39.90 25.13
N VAL D 332 -23.45 40.91 25.55
CA VAL D 332 -22.90 42.03 26.31
C VAL D 332 -23.78 42.29 27.53
N PRO D 333 -23.64 41.48 28.58
CA PRO D 333 -24.52 41.60 29.75
C PRO D 333 -24.04 42.70 30.68
N GLU D 334 -24.74 42.82 31.81
CA GLU D 334 -24.41 43.82 32.81
C GLU D 334 -23.73 43.18 34.02
N LEU D 346 -19.04 43.83 14.54
CA LEU D 346 -17.99 44.25 13.62
C LEU D 346 -18.43 45.48 12.84
N PHE D 347 -19.70 45.53 12.47
CA PHE D 347 -20.25 46.70 11.79
C PHE D 347 -20.43 47.89 12.71
N GLY D 348 -20.48 47.65 14.03
CA GLY D 348 -20.47 48.73 14.99
C GLY D 348 -21.67 48.80 15.92
N ALA D 349 -22.84 48.37 15.43
CA ALA D 349 -24.07 48.58 16.16
C ALA D 349 -24.31 47.56 17.27
N ILE D 350 -23.46 46.54 17.42
CA ILE D 350 -23.74 45.53 18.43
C ILE D 350 -22.95 45.80 19.71
N ALA D 351 -21.79 46.46 19.62
CA ALA D 351 -20.98 46.75 20.80
C ALA D 351 -20.49 48.18 20.82
N GLY D 352 -21.13 49.07 20.07
CA GLY D 352 -20.76 50.47 20.04
C GLY D 352 -21.72 51.33 20.84
N PHE D 353 -22.67 51.97 20.16
CA PHE D 353 -23.59 52.87 20.83
C PHE D 353 -24.59 52.13 21.72
N ILE D 354 -24.90 50.87 21.40
CA ILE D 354 -25.51 49.99 22.40
C ILE D 354 -24.44 49.64 23.43
N GLU D 355 -24.54 50.22 24.62
CA GLU D 355 -23.57 49.96 25.68
C GLU D 355 -23.73 48.54 26.24
N ASN D 356 -24.97 48.12 26.46
CA ASN D 356 -25.23 46.79 27.00
C ASN D 356 -26.54 46.26 26.44
N GLY D 357 -26.67 44.94 26.45
CA GLY D 357 -27.86 44.28 25.97
C GLY D 357 -28.99 44.30 26.99
N TRP D 358 -30.12 43.77 26.57
CA TRP D 358 -31.30 43.66 27.42
C TRP D 358 -31.36 42.27 28.02
N GLU D 359 -31.54 42.20 29.35
CA GLU D 359 -31.64 40.91 30.00
C GLU D 359 -32.97 40.23 29.70
N GLY D 360 -34.04 41.02 29.51
CA GLY D 360 -35.33 40.46 29.17
C GLY D 360 -35.46 40.16 27.69
N LEU D 361 -36.62 40.51 27.12
CA LEU D 361 -36.95 40.33 25.70
C LEU D 361 -36.84 38.85 25.30
N ILE D 362 -37.75 38.07 25.89
CA ILE D 362 -37.72 36.62 25.71
C ILE D 362 -38.37 36.22 24.39
N ASP D 363 -39.38 36.99 23.94
CA ASP D 363 -40.14 36.58 22.76
C ASP D 363 -39.37 36.78 21.47
N GLY D 364 -38.61 37.88 21.36
CA GLY D 364 -37.90 38.20 20.14
C GLY D 364 -36.42 38.43 20.41
N TRP D 365 -35.67 38.56 19.31
CA TRP D 365 -34.24 38.86 19.39
C TRP D 365 -33.98 40.36 19.45
N TYR D 366 -34.57 41.12 18.54
CA TYR D 366 -34.42 42.56 18.48
C TYR D 366 -35.75 43.22 18.82
N GLY D 367 -35.75 44.08 19.83
CA GLY D 367 -36.98 44.62 20.36
C GLY D 367 -36.93 46.14 20.51
N PHE D 368 -38.09 46.69 20.84
CA PHE D 368 -38.27 48.12 21.06
C PHE D 368 -38.45 48.39 22.54
N ARG D 369 -38.25 49.65 22.93
CA ARG D 369 -38.47 50.08 24.31
C ARG D 369 -38.69 51.58 24.30
N HIS D 370 -39.85 52.03 24.75
CA HIS D 370 -40.20 53.44 24.76
C HIS D 370 -40.17 54.00 26.17
N GLN D 371 -39.88 55.29 26.27
CA GLN D 371 -39.79 56.01 27.54
C GLN D 371 -40.60 57.30 27.42
N ASN D 372 -41.87 57.15 27.02
CA ASN D 372 -42.77 58.28 26.92
C ASN D 372 -43.49 58.49 28.24
N ALA D 373 -44.36 59.50 28.28
CA ALA D 373 -45.07 59.84 29.51
C ALA D 373 -46.17 58.85 29.87
N GLN D 374 -46.62 58.03 28.92
CA GLN D 374 -47.70 57.09 29.19
C GLN D 374 -47.22 55.90 29.99
N GLY D 375 -46.00 55.42 29.72
CA GLY D 375 -45.47 54.28 30.46
C GLY D 375 -44.27 53.69 29.76
N GLU D 376 -43.97 52.44 30.11
CA GLU D 376 -42.86 51.70 29.53
C GLU D 376 -43.34 50.33 29.07
N GLY D 377 -42.58 49.74 28.16
CA GLY D 377 -42.95 48.46 27.59
C GLY D 377 -41.97 47.97 26.54
N THR D 378 -41.68 46.67 26.56
CA THR D 378 -40.70 46.06 25.66
C THR D 378 -41.44 45.26 24.60
N ALA D 379 -41.46 45.77 23.37
CA ALA D 379 -42.01 45.07 22.23
C ALA D 379 -40.90 44.26 21.57
N ALA D 380 -41.22 43.63 20.43
CA ALA D 380 -40.23 42.84 19.71
C ALA D 380 -40.44 42.99 18.21
N ASP D 381 -39.40 43.47 17.53
CA ASP D 381 -39.45 43.58 16.08
C ASP D 381 -39.38 42.19 15.45
N TYR D 382 -40.06 42.05 14.31
CA TYR D 382 -40.19 40.75 13.65
C TYR D 382 -39.34 40.58 12.40
N LYS D 383 -39.06 41.67 11.68
CA LYS D 383 -38.38 41.56 10.39
C LYS D 383 -36.92 41.15 10.57
N SER D 384 -36.16 41.93 11.34
CA SER D 384 -34.75 41.62 11.55
C SER D 384 -34.57 40.33 12.35
N THR D 385 -35.45 40.09 13.32
CA THR D 385 -35.40 38.86 14.10
C THR D 385 -35.64 37.65 13.20
N GLN D 386 -36.65 37.71 12.33
CA GLN D 386 -36.93 36.61 11.43
C GLN D 386 -35.84 36.42 10.39
N SER D 387 -35.20 37.51 9.94
CA SER D 387 -34.08 37.38 9.02
C SER D 387 -32.87 36.71 9.69
N ALA D 388 -32.59 37.07 10.94
CA ALA D 388 -31.49 36.46 11.67
C ALA D 388 -31.76 34.98 11.94
N ILE D 389 -32.99 34.64 12.33
CA ILE D 389 -33.35 33.23 12.51
C ILE D 389 -33.30 32.50 11.18
N ASP D 390 -33.66 33.16 10.07
CA ASP D 390 -33.60 32.51 8.75
C ASP D 390 -32.17 32.16 8.37
N CYS D 391 -31.26 33.14 8.41
CA CYS D 391 -29.86 32.84 8.13
C CYS D 391 -29.05 32.39 9.35
N ILE D 392 -29.70 31.86 10.38
CA ILE D 392 -29.02 31.02 11.35
C ILE D 392 -29.52 29.56 11.27
N THR D 393 -30.84 29.36 11.16
CA THR D 393 -31.36 28.02 10.98
C THR D 393 -31.05 27.45 9.60
N GLY D 394 -30.95 28.30 8.57
CA GLY D 394 -30.50 27.81 7.28
C GLY D 394 -29.04 27.38 7.32
N LYS D 395 -28.22 28.10 8.08
CA LYS D 395 -26.84 27.70 8.31
C LYS D 395 -26.76 26.37 9.06
N LEU D 396 -27.62 26.20 10.07
CA LEU D 396 -27.66 24.95 10.82
C LEU D 396 -28.13 23.79 9.94
N ASN D 397 -29.11 24.03 9.08
CA ASN D 397 -29.55 23.00 8.14
C ASN D 397 -28.50 22.69 7.09
N ARG D 398 -27.71 23.69 6.70
CA ARG D 398 -26.63 23.46 5.74
C ARG D 398 -25.52 22.61 6.35
N LEU D 399 -25.15 22.89 7.59
CA LEU D 399 -23.96 22.24 8.15
C LEU D 399 -24.28 20.97 8.93
N ILE D 400 -25.27 20.99 9.82
CA ILE D 400 -25.54 19.82 10.64
C ILE D 400 -26.33 18.83 9.79
N GLU D 401 -25.57 17.97 9.09
CA GLU D 401 -26.04 16.90 8.23
C GLU D 401 -24.98 15.81 8.19
N LYS D 402 -25.37 14.54 8.19
CA LYS D 402 -24.40 13.47 8.12
C LYS D 402 -23.87 13.31 6.70
N THR D 403 -22.84 12.47 6.55
CA THR D 403 -22.21 12.26 5.26
C THR D 403 -23.11 11.44 4.34
N ASN D 404 -22.81 11.49 3.04
CA ASN D 404 -23.61 10.82 2.03
C ASN D 404 -22.95 9.59 1.44
N GLN D 405 -21.69 9.32 1.77
CA GLN D 405 -20.96 8.18 1.22
C GLN D 405 -20.56 7.23 2.34
N GLN D 406 -20.90 5.96 2.16
CA GLN D 406 -20.56 4.93 3.15
C GLN D 406 -19.12 4.48 2.95
N PHE D 407 -18.33 4.51 4.02
CA PHE D 407 -16.95 4.07 3.97
C PHE D 407 -16.87 2.57 4.27
N GLU D 408 -15.64 2.05 4.33
CA GLU D 408 -15.40 0.65 4.62
C GLU D 408 -14.30 0.52 5.66
N LEU D 409 -14.13 -0.70 6.17
CA LEU D 409 -13.13 -0.98 7.18
C LEU D 409 -11.87 -1.47 6.48
N ILE D 410 -10.87 -0.59 6.38
CA ILE D 410 -9.64 -0.94 5.68
C ILE D 410 -8.68 -1.69 6.60
N ASP D 411 -8.45 -1.15 7.79
CA ASP D 411 -7.57 -1.80 8.75
C ASP D 411 -8.31 -2.93 9.47
N ASN D 412 -7.56 -3.72 10.23
CA ASN D 412 -8.12 -4.83 10.99
C ASN D 412 -7.66 -4.70 12.44
N GLU D 413 -8.61 -4.74 13.36
CA GLU D 413 -8.29 -4.51 14.77
C GLU D 413 -7.80 -5.77 15.47
N PHE D 414 -8.42 -6.92 15.19
CA PHE D 414 -8.09 -8.14 15.91
C PHE D 414 -6.80 -8.76 15.41
N THR D 415 -6.77 -9.17 14.15
CA THR D 415 -5.57 -9.73 13.53
C THR D 415 -4.83 -8.62 12.80
N GLU D 416 -3.57 -8.41 13.15
CA GLU D 416 -2.82 -7.29 12.63
C GLU D 416 -2.48 -7.50 11.15
N VAL D 417 -2.62 -6.44 10.37
CA VAL D 417 -2.24 -6.41 8.96
C VAL D 417 -0.73 -6.33 8.83
N GLU D 418 -0.22 -6.47 7.61
CA GLU D 418 1.20 -6.32 7.33
C GLU D 418 1.68 -4.92 7.74
N LYS D 419 2.90 -4.87 8.27
CA LYS D 419 3.36 -3.68 8.99
C LYS D 419 3.54 -2.48 8.07
N GLN D 420 4.04 -2.69 6.86
CA GLN D 420 4.29 -1.57 5.95
C GLN D 420 2.98 -0.94 5.47
N ILE D 421 2.02 -1.77 5.04
CA ILE D 421 0.74 -1.25 4.60
C ILE D 421 -0.06 -0.70 5.78
N GLY D 422 0.15 -1.23 6.99
CA GLY D 422 -0.47 -0.66 8.16
C GLY D 422 0.07 0.72 8.50
N ASN D 423 1.38 0.91 8.36
CA ASN D 423 1.98 2.22 8.57
C ASN D 423 1.53 3.21 7.50
N VAL D 424 1.38 2.75 6.26
CA VAL D 424 0.85 3.61 5.19
C VAL D 424 -0.59 4.02 5.49
N ILE D 425 -1.40 3.07 5.96
CA ILE D 425 -2.80 3.35 6.30
C ILE D 425 -2.90 4.33 7.46
N ASN D 426 -2.08 4.14 8.51
CA ASN D 426 -2.08 5.07 9.64
C ASN D 426 -1.58 6.45 9.24
N TRP D 427 -0.57 6.54 8.37
CA TRP D 427 -0.08 7.84 7.94
C TRP D 427 -1.11 8.57 7.10
N THR D 428 -1.79 7.85 6.20
CA THR D 428 -2.85 8.46 5.40
C THR D 428 -4.02 8.90 6.27
N ARG D 429 -4.42 8.07 7.23
CA ARG D 429 -5.53 8.43 8.11
C ARG D 429 -5.17 9.59 9.02
N ASP D 430 -3.91 9.69 9.45
CA ASP D 430 -3.48 10.82 10.26
C ASP D 430 -3.45 12.10 9.46
N SER D 431 -3.00 12.04 8.20
CA SER D 431 -3.03 13.23 7.34
C SER D 431 -4.47 13.68 7.08
N ILE D 432 -5.37 12.74 6.82
CA ILE D 432 -6.78 13.06 6.62
C ILE D 432 -7.39 13.62 7.90
N THR D 433 -6.99 13.10 9.06
CA THR D 433 -7.44 13.63 10.35
C THR D 433 -6.98 15.08 10.55
N GLU D 434 -5.71 15.37 10.18
CA GLU D 434 -5.21 16.74 10.27
C GLU D 434 -5.98 17.68 9.34
N VAL D 435 -6.25 17.23 8.12
CA VAL D 435 -6.97 18.06 7.15
C VAL D 435 -8.39 18.34 7.64
N TRP D 436 -9.08 17.31 8.14
CA TRP D 436 -10.45 17.51 8.60
C TRP D 436 -10.51 18.32 9.89
N SER D 437 -9.52 18.19 10.78
CA SER D 437 -9.50 18.98 12.00
C SER D 437 -9.25 20.46 11.69
N TYR D 438 -8.30 20.74 10.80
CA TYR D 438 -8.06 22.12 10.39
C TYR D 438 -9.28 22.70 9.67
N ASN D 439 -9.93 21.90 8.82
CA ASN D 439 -11.12 22.36 8.11
C ASN D 439 -12.26 22.65 9.08
N ALA D 440 -12.43 21.81 10.10
CA ALA D 440 -13.47 22.02 11.11
C ALA D 440 -13.20 23.27 11.93
N GLU D 441 -11.94 23.49 12.33
CA GLU D 441 -11.60 24.69 13.10
C GLU D 441 -11.81 25.96 12.29
N LEU D 442 -11.35 25.96 11.03
CA LEU D 442 -11.55 27.11 10.16
C LEU D 442 -13.03 27.35 9.88
N LEU D 443 -13.80 26.27 9.71
CA LEU D 443 -15.23 26.38 9.48
C LEU D 443 -15.95 27.00 10.67
N VAL D 444 -15.65 26.52 11.88
CA VAL D 444 -16.30 27.03 13.08
C VAL D 444 -15.95 28.50 13.30
N ALA D 445 -14.67 28.85 13.14
CA ALA D 445 -14.26 30.25 13.31
C ALA D 445 -14.89 31.15 12.26
N MET D 446 -14.92 30.70 11.00
CA MET D 446 -15.46 31.50 9.90
C MET D 446 -16.96 31.74 10.08
N GLU D 447 -17.72 30.71 10.43
CA GLU D 447 -19.15 30.92 10.53
C GLU D 447 -19.56 31.58 11.85
N ASN D 448 -18.75 31.45 12.91
CA ASN D 448 -18.99 32.27 14.10
C ASN D 448 -18.75 33.74 13.82
N GLN D 449 -17.68 34.07 13.08
CA GLN D 449 -17.45 35.45 12.67
C GLN D 449 -18.56 35.96 11.77
N HIS D 450 -19.05 35.12 10.86
CA HIS D 450 -20.13 35.54 9.98
C HIS D 450 -21.44 35.70 10.74
N THR D 451 -21.70 34.88 11.77
CA THR D 451 -22.91 35.04 12.55
C THR D 451 -22.87 36.33 13.38
N ILE D 452 -21.70 36.65 13.95
CA ILE D 452 -21.56 37.90 14.69
C ILE D 452 -21.72 39.09 13.76
N ASP D 453 -21.11 39.02 12.57
CA ASP D 453 -21.25 40.11 11.59
C ASP D 453 -22.67 40.23 11.09
N LEU D 454 -23.38 39.11 10.96
CA LEU D 454 -24.78 39.14 10.54
C LEU D 454 -25.66 39.79 11.60
N ALA D 455 -25.41 39.48 12.88
CA ALA D 455 -26.16 40.12 13.96
C ALA D 455 -25.90 41.61 14.00
N ASP D 456 -24.64 42.02 13.83
CA ASP D 456 -24.31 43.44 13.78
C ASP D 456 -24.94 44.13 12.57
N SER D 457 -24.96 43.44 11.42
CA SER D 457 -25.57 44.00 10.23
C SER D 457 -27.07 44.16 10.38
N GLU D 458 -27.74 43.21 11.04
CA GLU D 458 -29.17 43.32 11.24
C GLU D 458 -29.50 44.43 12.24
N MET D 459 -28.66 44.58 13.27
CA MET D 459 -28.84 45.70 14.20
C MET D 459 -28.64 47.05 13.50
N ASP D 460 -27.64 47.14 12.63
CA ASP D 460 -27.41 48.37 11.88
C ASP D 460 -28.55 48.64 10.91
N LYS D 461 -29.10 47.58 10.30
CA LYS D 461 -30.25 47.71 9.42
C LYS D 461 -31.46 48.26 10.16
N LEU D 462 -31.73 47.73 11.35
CA LEU D 462 -32.86 48.21 12.15
C LEU D 462 -32.66 49.66 12.59
N TYR D 463 -31.43 49.99 13.02
CA TYR D 463 -31.12 51.34 13.47
C TYR D 463 -31.29 52.36 12.35
N GLU D 464 -30.73 52.07 11.17
CA GLU D 464 -30.86 53.00 10.06
C GLU D 464 -32.29 53.03 9.52
N ARG D 465 -33.03 51.92 9.60
CA ARG D 465 -34.43 51.95 9.15
C ARG D 465 -35.27 52.82 10.06
N VAL D 466 -35.05 52.75 11.37
CA VAL D 466 -35.77 53.62 12.30
C VAL D 466 -35.34 55.06 12.12
N LYS D 467 -34.07 55.31 11.80
CA LYS D 467 -33.60 56.67 11.52
C LYS D 467 -34.26 57.24 10.27
N ARG D 468 -34.38 56.44 9.21
CA ARG D 468 -35.04 56.89 7.99
C ARG D 468 -36.53 57.12 8.21
N GLN D 469 -37.16 56.28 9.03
CA GLN D 469 -38.57 56.49 9.36
C GLN D 469 -38.79 57.76 10.17
N LEU D 470 -37.90 58.04 11.12
CA LEU D 470 -38.07 59.18 11.99
C LEU D 470 -37.65 60.50 11.35
N ARG D 471 -36.77 60.44 10.35
CA ARG D 471 -36.35 61.59 9.49
C ARG D 471 -35.68 62.65 10.38
N GLU D 472 -35.97 63.93 10.14
CA GLU D 472 -35.41 65.02 10.92
C GLU D 472 -36.18 65.26 12.22
N ASN D 473 -37.32 64.60 12.40
CA ASN D 473 -38.14 64.82 13.60
C ASN D 473 -37.46 64.28 14.85
N ALA D 474 -36.61 63.27 14.72
CA ALA D 474 -35.89 62.69 15.85
C ALA D 474 -34.41 62.68 15.52
N GLU D 475 -33.60 63.29 16.39
CA GLU D 475 -32.16 63.35 16.20
C GLU D 475 -31.47 62.32 17.09
N GLU D 476 -30.62 61.50 16.49
CA GLU D 476 -29.88 60.49 17.23
C GLU D 476 -28.81 61.14 18.09
N ASP D 477 -28.58 60.55 19.27
CA ASP D 477 -27.61 61.09 20.21
C ASP D 477 -26.30 60.31 20.26
N GLY D 478 -26.32 59.03 19.92
CA GLY D 478 -25.13 58.20 20.02
C GLY D 478 -25.27 57.11 21.05
N THR D 479 -26.51 56.71 21.29
CA THR D 479 -26.84 55.70 22.30
C THR D 479 -27.81 54.64 21.77
N GLY D 480 -28.57 54.96 20.73
CA GLY D 480 -29.66 54.13 20.26
C GLY D 480 -31.03 54.67 20.60
N CYS D 481 -31.11 55.56 21.58
CA CYS D 481 -32.34 56.25 21.88
C CYS D 481 -32.51 57.43 20.93
N PHE D 482 -33.76 57.72 20.58
CA PHE D 482 -34.08 58.78 19.64
C PHE D 482 -34.87 59.87 20.35
N GLU D 483 -34.34 61.10 20.28
CA GLU D 483 -35.00 62.25 20.89
C GLU D 483 -36.01 62.81 19.91
N ILE D 484 -37.21 62.24 19.92
CA ILE D 484 -38.28 62.70 19.06
C ILE D 484 -38.80 64.04 19.58
N PHE D 485 -38.86 65.04 18.69
CA PHE D 485 -39.27 66.38 19.09
C PHE D 485 -40.77 66.46 19.34
N HIS D 486 -41.56 65.75 18.54
CA HIS D 486 -42.99 65.69 18.74
C HIS D 486 -43.34 64.86 19.97
N LYS D 487 -44.47 65.16 20.59
CA LYS D 487 -45.00 64.35 21.69
C LYS D 487 -45.54 63.06 21.08
N CYS D 488 -44.63 62.10 20.90
CA CYS D 488 -44.90 60.87 20.16
C CYS D 488 -45.45 59.86 21.16
N ASP D 489 -46.76 59.61 21.10
CA ASP D 489 -47.48 58.77 22.06
C ASP D 489 -47.33 57.28 21.76
N ASP D 490 -48.18 56.45 22.39
CA ASP D 490 -48.12 55.01 22.19
C ASP D 490 -48.55 54.62 20.78
N ASP D 491 -49.57 55.27 20.23
CA ASP D 491 -49.93 55.04 18.83
C ASP D 491 -48.83 55.50 17.89
N CYS D 492 -48.08 56.54 18.29
CA CYS D 492 -46.92 56.99 17.53
C CYS D 492 -45.78 55.96 17.57
N MET D 493 -45.57 55.33 18.74
CA MET D 493 -44.72 54.14 18.84
C MET D 493 -45.16 53.02 17.91
N ALA D 494 -46.46 52.73 17.86
CA ALA D 494 -46.96 51.70 16.95
C ALA D 494 -46.72 52.08 15.49
N SER D 495 -46.90 53.36 15.16
CA SER D 495 -46.68 53.84 13.80
C SER D 495 -45.22 53.71 13.38
N ILE D 496 -44.28 54.09 14.26
CA ILE D 496 -42.88 53.88 13.94
C ILE D 496 -42.43 52.44 14.09
N ARG D 497 -43.26 51.60 14.73
CA ARG D 497 -42.91 50.19 14.90
C ARG D 497 -43.26 49.37 13.68
N ASN D 498 -44.53 49.39 13.25
CA ASN D 498 -44.99 48.53 12.17
C ASN D 498 -45.05 49.24 10.82
N ASN D 499 -44.12 50.19 10.60
CA ASN D 499 -43.92 50.87 9.31
C ASN D 499 -45.19 51.60 8.84
N THR D 500 -45.61 52.57 9.65
CA THR D 500 -46.86 53.27 9.41
C THR D 500 -46.61 54.78 9.52
N TYR D 501 -45.55 55.14 10.24
CA TYR D 501 -45.28 56.54 10.58
C TYR D 501 -44.93 57.37 9.35
N ASP D 502 -45.45 58.59 9.33
CA ASP D 502 -45.16 59.56 8.29
C ASP D 502 -44.59 60.81 8.92
N HIS D 503 -43.43 61.27 8.41
CA HIS D 503 -42.79 62.46 8.95
C HIS D 503 -43.47 63.74 8.50
N SER D 504 -44.19 63.72 7.37
CA SER D 504 -44.82 64.93 6.85
C SER D 504 -45.99 65.38 7.70
N LYS D 505 -46.62 64.47 8.45
CA LYS D 505 -47.72 64.85 9.33
C LYS D 505 -47.21 65.62 10.54
N TYR D 506 -46.02 65.28 11.03
CA TYR D 506 -45.56 65.78 12.32
C TYR D 506 -44.38 66.75 12.19
N ARG D 507 -43.91 67.01 10.97
CA ARG D 507 -42.77 67.90 10.78
C ARG D 507 -43.09 69.33 11.18
N GLU D 508 -44.34 69.76 11.00
CA GLU D 508 -44.73 71.14 11.32
C GLU D 508 -44.67 71.40 12.81
N GLU D 509 -45.08 70.42 13.63
CA GLU D 509 -45.04 70.59 15.07
C GLU D 509 -43.68 70.24 15.66
N ALA D 510 -42.88 69.42 14.95
CA ALA D 510 -41.57 69.04 15.47
C ALA D 510 -40.42 69.85 14.89
N MET D 511 -40.69 70.81 14.00
CA MET D 511 -39.60 71.54 13.35
C MET D 511 -38.96 72.59 14.25
N GLN D 512 -39.75 73.21 15.15
CA GLN D 512 -39.24 74.33 15.94
C GLN D 512 -38.34 73.91 17.09
N ASN D 513 -38.33 72.63 17.45
CA ASN D 513 -37.47 72.16 18.53
C ASN D 513 -36.08 71.82 18.01
N ASP E 19 -13.02 76.57 11.99
CA ASP E 19 -12.61 75.41 12.77
C ASP E 19 -13.05 74.10 12.12
N LYS E 20 -12.09 73.24 11.81
CA LYS E 20 -12.37 71.94 11.23
C LYS E 20 -11.58 70.87 11.96
N ILE E 21 -12.19 69.70 12.11
CA ILE E 21 -11.53 68.53 12.70
C ILE E 21 -11.88 67.31 11.84
N CYS E 22 -10.88 66.49 11.56
CA CYS E 22 -11.10 65.20 10.90
C CYS E 22 -9.96 64.26 11.24
N LEU E 23 -9.89 63.16 10.49
CA LEU E 23 -9.27 61.93 10.94
C LEU E 23 -8.63 61.25 9.74
N GLY E 24 -7.70 60.35 10.04
CA GLY E 24 -7.02 59.60 9.01
C GLY E 24 -6.49 58.32 9.59
N HIS E 25 -5.40 57.82 9.01
CA HIS E 25 -4.82 56.56 9.44
C HIS E 25 -3.37 56.52 8.98
N HIS E 26 -2.60 55.65 9.64
CA HIS E 26 -1.18 55.55 9.36
C HIS E 26 -0.95 54.89 8.00
N ALA E 27 0.18 55.24 7.38
CA ALA E 27 0.55 54.70 6.09
C ALA E 27 2.07 54.71 5.98
N VAL E 28 2.59 53.90 5.05
CA VAL E 28 4.02 53.79 4.83
C VAL E 28 4.32 54.12 3.38
N SER E 29 5.56 54.55 3.14
CA SER E 29 5.98 54.87 1.79
C SER E 29 6.12 53.61 0.94
N ASN E 30 6.69 52.56 1.51
CA ASN E 30 6.85 51.28 0.82
C ASN E 30 6.20 50.18 1.64
N GLY E 31 5.37 49.37 0.98
CA GLY E 31 4.73 48.26 1.64
C GLY E 31 4.84 47.00 0.81
N THR E 32 4.47 45.89 1.42
CA THR E 32 4.59 44.58 0.80
C THR E 32 3.25 44.16 0.22
N LYS E 33 3.25 43.77 -1.06
CA LYS E 33 2.03 43.37 -1.73
C LYS E 33 1.57 42.00 -1.25
N VAL E 34 0.27 41.89 -0.95
CA VAL E 34 -0.33 40.65 -0.48
C VAL E 34 -1.41 40.23 -1.47
N ASN E 35 -1.79 38.95 -1.37
CA ASN E 35 -2.77 38.33 -2.27
C ASN E 35 -4.05 38.07 -1.47
N THR E 36 -5.03 38.97 -1.60
CA THR E 36 -6.27 38.84 -0.88
C THR E 36 -7.27 37.98 -1.66
N LEU E 37 -8.48 37.86 -1.11
CA LEU E 37 -9.51 37.04 -1.74
C LEU E 37 -10.09 37.68 -2.99
N CYS E 38 -10.02 39.00 -3.09
CA CYS E 38 -10.72 39.75 -4.12
C CYS E 38 -9.80 40.20 -5.26
N GLU E 39 -8.58 40.60 -4.94
CA GLU E 39 -7.63 41.13 -5.92
C GLU E 39 -6.29 40.41 -5.70
N ARG E 40 -5.37 40.59 -6.64
CA ARG E 40 -4.03 40.01 -6.54
C ARG E 40 -3.01 41.13 -6.50
N GLY E 41 -2.11 41.08 -5.53
CA GLY E 41 -1.11 42.12 -5.37
C GLY E 41 -1.67 43.42 -4.83
N VAL E 42 -2.12 43.41 -3.58
CA VAL E 42 -2.73 44.57 -2.94
C VAL E 42 -1.70 45.21 -2.02
N GLU E 43 -1.51 46.51 -2.16
CA GLU E 43 -0.55 47.25 -1.35
C GLU E 43 -1.11 47.45 0.05
N VAL E 44 -0.39 46.95 1.07
CA VAL E 44 -0.75 47.12 2.46
C VAL E 44 0.47 47.63 3.22
N VAL E 45 0.31 47.76 4.54
CA VAL E 45 1.37 48.31 5.39
C VAL E 45 2.42 47.24 5.66
N ASN E 46 2.02 46.13 6.27
CA ASN E 46 2.94 45.09 6.68
C ASN E 46 2.48 43.74 6.16
N ALA E 47 3.38 42.75 6.24
CA ALA E 47 3.07 41.40 5.77
C ALA E 47 3.99 40.43 6.50
N THR E 48 3.41 39.58 7.34
CA THR E 48 4.16 38.54 8.03
C THR E 48 4.24 37.31 7.14
N GLU E 49 5.45 36.82 6.91
CA GLU E 49 5.65 35.65 6.07
C GLU E 49 5.15 34.40 6.78
N THR E 50 4.29 33.64 6.11
CA THR E 50 3.70 32.43 6.67
C THR E 50 4.31 31.15 6.12
N VAL E 51 5.28 31.26 5.22
CA VAL E 51 5.95 30.09 4.65
C VAL E 51 7.44 30.22 4.91
N GLU E 52 7.98 29.31 5.70
CA GLU E 52 9.37 29.39 6.14
C GLU E 52 10.27 28.77 5.06
N ARG E 53 11.20 29.57 4.53
CA ARG E 53 12.14 29.09 3.54
C ARG E 53 13.57 28.99 4.05
N THR E 54 13.91 29.66 5.15
CA THR E 54 15.25 29.62 5.70
C THR E 54 15.36 28.46 6.68
N ASN E 55 16.33 27.58 6.43
CA ASN E 55 16.56 26.41 7.26
C ASN E 55 17.97 26.44 7.84
N ILE E 56 18.10 25.95 9.05
CA ILE E 56 19.40 25.79 9.68
C ILE E 56 20.02 24.52 9.12
N PRO E 57 21.17 24.58 8.42
CA PRO E 57 21.75 23.37 7.85
C PRO E 57 22.62 22.60 8.85
N ARG E 58 22.14 22.48 10.08
CA ARG E 58 22.81 21.74 11.15
C ARG E 58 21.73 21.12 12.02
N ILE E 59 22.00 19.93 12.53
CA ILE E 59 21.04 19.26 13.40
C ILE E 59 21.31 19.71 14.82
N CYS E 60 20.69 20.82 15.22
CA CYS E 60 20.83 21.35 16.58
C CYS E 60 19.64 20.86 17.39
N SER E 61 19.89 19.88 18.25
CA SER E 61 18.83 19.16 18.96
C SER E 61 19.22 18.93 20.42
N LYS E 62 19.65 19.99 21.10
CA LYS E 62 20.00 19.86 22.52
C LYS E 62 18.75 19.64 23.36
N GLY E 63 18.95 19.04 24.53
CA GLY E 63 17.84 18.60 25.36
C GLY E 63 17.32 17.22 25.04
N LYS E 64 17.85 16.58 24.00
CA LYS E 64 17.46 15.23 23.60
C LYS E 64 18.70 14.37 23.51
N ARG E 65 18.53 13.09 23.85
CA ARG E 65 19.66 12.14 23.70
C ARG E 65 19.82 11.90 22.21
N THR E 66 20.98 12.21 21.67
CA THR E 66 21.24 12.12 20.24
C THR E 66 22.46 11.25 19.99
N VAL E 67 22.31 10.25 19.12
CA VAL E 67 23.41 9.43 18.66
C VAL E 67 23.59 9.63 17.17
N ASP E 68 24.83 9.66 16.72
CA ASP E 68 25.16 9.75 15.30
C ASP E 68 25.74 8.41 14.87
N LEU E 69 24.99 7.67 14.06
CA LEU E 69 25.38 6.32 13.70
C LEU E 69 26.60 6.31 12.78
N GLY E 70 26.67 7.26 11.85
CA GLY E 70 27.80 7.36 10.95
C GLY E 70 27.87 6.22 9.95
N GLN E 71 28.94 5.43 10.03
CA GLN E 71 29.06 4.25 9.17
C GLN E 71 28.10 3.14 9.58
N CYS E 72 27.58 3.20 10.81
CA CYS E 72 26.64 2.19 11.28
C CYS E 72 25.26 2.40 10.66
N GLY E 73 24.66 1.30 10.20
CA GLY E 73 23.30 1.35 9.70
C GLY E 73 22.27 1.31 10.81
N LEU E 74 21.01 1.56 10.43
CA LEU E 74 19.94 1.48 11.42
C LEU E 74 19.62 0.03 11.75
N LEU E 75 19.57 -0.83 10.74
CA LEU E 75 19.34 -2.25 10.99
C LEU E 75 20.57 -2.93 11.59
N GLY E 76 21.74 -2.30 11.53
CA GLY E 76 22.94 -2.89 12.04
C GLY E 76 23.02 -2.94 13.56
N THR E 77 22.26 -2.09 14.25
CA THR E 77 22.36 -2.05 15.72
C THR E 77 21.79 -3.29 16.39
N ILE E 78 21.06 -4.12 15.65
CA ILE E 78 20.61 -5.42 16.17
C ILE E 78 21.58 -6.52 15.77
N THR E 79 22.02 -6.50 14.51
CA THR E 79 22.82 -7.58 13.96
C THR E 79 24.24 -7.57 14.53
N GLY E 80 24.82 -6.39 14.68
CA GLY E 80 26.16 -6.23 15.23
C GLY E 80 27.30 -6.48 14.26
N PRO E 81 27.46 -5.64 13.24
CA PRO E 81 28.65 -5.74 12.39
C PRO E 81 29.84 -5.08 13.08
N PRO E 82 31.04 -5.14 12.49
CA PRO E 82 32.18 -4.40 13.06
C PRO E 82 31.99 -2.89 13.12
N GLN E 83 31.11 -2.31 12.31
CA GLN E 83 30.92 -0.87 12.29
C GLN E 83 29.85 -0.39 13.25
N CYS E 84 29.27 -1.27 14.06
CA CYS E 84 28.23 -0.89 15.02
C CYS E 84 28.55 -1.40 16.41
N ASP E 85 29.83 -1.46 16.78
CA ASP E 85 30.22 -2.05 18.05
C ASP E 85 29.92 -1.14 19.23
N GLN E 86 29.75 0.16 18.99
CA GLN E 86 29.47 1.11 20.06
C GLN E 86 28.01 1.53 20.13
N PHE E 87 27.15 0.94 19.28
CA PHE E 87 25.72 1.24 19.27
C PHE E 87 24.89 -0.02 19.51
N LEU E 88 25.49 -1.02 20.17
CA LEU E 88 24.80 -2.28 20.37
C LEU E 88 23.71 -2.19 21.42
N GLU E 89 23.87 -1.31 22.40
CA GLU E 89 22.89 -1.11 23.46
C GLU E 89 22.67 0.41 23.63
N PHE E 90 22.43 1.06 22.49
CA PHE E 90 22.28 2.51 22.48
C PHE E 90 20.92 2.92 23.01
N SER E 91 20.87 4.13 23.57
CA SER E 91 19.64 4.70 24.10
C SER E 91 19.60 6.18 23.70
N ALA E 92 18.63 6.55 22.87
CA ALA E 92 18.58 7.91 22.35
C ALA E 92 17.16 8.28 22.00
N ASP E 93 16.93 9.59 21.87
CA ASP E 93 15.65 10.13 21.40
C ASP E 93 15.75 10.67 19.99
N LEU E 94 16.88 10.47 19.31
CA LEU E 94 17.07 10.94 17.94
C LEU E 94 18.13 10.04 17.30
N ILE E 95 17.69 9.14 16.43
CA ILE E 95 18.56 8.17 15.78
C ILE E 95 18.82 8.66 14.36
N ILE E 96 20.00 9.21 14.13
CA ILE E 96 20.35 9.77 12.84
C ILE E 96 21.03 8.71 11.99
N GLU E 97 20.57 8.56 10.75
CA GLU E 97 21.17 7.65 9.79
C GLU E 97 21.99 8.43 8.77
N ARG E 98 22.78 7.71 7.98
CA ARG E 98 23.69 8.33 7.03
C ARG E 98 23.60 7.62 5.68
N ARG E 99 24.16 8.28 4.66
CA ARG E 99 24.21 7.70 3.32
C ARG E 99 25.15 6.50 3.28
N GLU E 100 26.33 6.62 3.88
CA GLU E 100 27.33 5.57 3.85
C GLU E 100 27.03 4.44 4.83
N GLY E 101 26.02 4.59 5.68
CA GLY E 101 25.67 3.56 6.64
C GLY E 101 25.18 2.27 6.02
N SER E 102 25.85 1.17 6.34
CA SER E 102 25.49 -0.15 5.82
C SER E 102 24.99 -1.02 6.96
N ASP E 103 23.90 -1.75 6.70
CA ASP E 103 23.31 -2.57 7.75
C ASP E 103 24.14 -3.80 8.04
N VAL E 104 24.77 -4.40 7.02
CA VAL E 104 25.51 -5.63 7.17
C VAL E 104 26.89 -5.49 6.54
N CYS E 105 27.82 -6.33 7.01
CA CYS E 105 29.15 -6.45 6.43
C CYS E 105 29.25 -7.64 5.49
N TYR E 106 28.73 -8.79 5.90
CA TYR E 106 28.58 -9.92 4.99
C TYR E 106 27.54 -9.58 3.93
N PRO E 107 27.72 -10.03 2.69
CA PRO E 107 26.74 -9.75 1.63
C PRO E 107 25.41 -10.44 1.91
N GLY E 108 24.36 -9.65 2.05
CA GLY E 108 23.04 -10.18 2.34
C GLY E 108 22.05 -9.05 2.48
N LYS E 109 20.81 -9.43 2.81
CA LYS E 109 19.73 -8.46 2.96
C LYS E 109 18.72 -8.99 3.97
N PHE E 110 17.90 -8.07 4.48
CA PHE E 110 16.87 -8.40 5.44
C PHE E 110 15.57 -8.78 4.73
N VAL E 111 14.55 -9.10 5.52
CA VAL E 111 13.19 -9.34 5.04
C VAL E 111 12.27 -8.44 5.84
N ASN E 112 11.41 -7.70 5.12
CA ASN E 112 10.60 -6.61 5.68
C ASN E 112 11.50 -5.58 6.36
N GLU E 113 12.56 -5.18 5.64
CA GLU E 113 13.55 -4.27 6.20
C GLU E 113 12.98 -2.87 6.43
N GLU E 114 12.04 -2.43 5.60
CA GLU E 114 11.42 -1.12 5.82
C GLU E 114 10.55 -1.15 7.07
N ALA E 115 9.82 -2.25 7.29
CA ALA E 115 9.03 -2.39 8.51
C ALA E 115 9.92 -2.44 9.74
N LEU E 116 11.04 -3.15 9.65
CA LEU E 116 11.98 -3.21 10.78
C LEU E 116 12.62 -1.85 11.06
N ARG E 117 12.92 -1.09 10.00
CA ARG E 117 13.47 0.24 10.18
C ARG E 117 12.45 1.18 10.81
N GLN E 118 11.17 1.06 10.41
CA GLN E 118 10.13 1.90 11.01
C GLN E 118 9.85 1.50 12.45
N ILE E 119 10.07 0.23 12.80
CA ILE E 119 9.99 -0.18 14.20
C ILE E 119 11.16 0.40 14.99
N LEU E 120 12.37 0.34 14.42
CA LEU E 120 13.56 0.76 15.14
C LEU E 120 13.65 2.28 15.29
N ARG E 121 13.04 3.04 14.36
CA ARG E 121 13.16 4.50 14.39
C ARG E 121 12.46 5.09 15.60
N GLU E 122 11.29 4.58 15.96
CA GLU E 122 10.55 5.05 17.12
C GLU E 122 10.82 4.21 18.36
N SER E 123 11.84 3.35 18.32
CA SER E 123 12.07 2.41 19.41
C SER E 123 12.63 3.09 20.65
N GLY E 124 13.31 4.22 20.49
CA GLY E 124 13.95 4.83 21.64
C GLY E 124 15.20 4.12 22.09
N GLY E 125 15.84 3.37 21.21
CA GLY E 125 16.96 2.54 21.58
C GLY E 125 16.50 1.13 21.95
N ILE E 126 17.45 0.20 21.92
CA ILE E 126 17.18 -1.21 22.16
C ILE E 126 18.00 -1.69 23.33
N ASP E 127 17.40 -2.55 24.16
CA ASP E 127 18.02 -3.12 25.33
C ASP E 127 18.26 -4.60 25.05
N LYS E 128 19.52 -5.01 25.03
CA LYS E 128 19.86 -6.39 24.69
C LYS E 128 19.82 -7.26 25.94
N GLU E 129 19.13 -8.39 25.83
CA GLU E 129 19.12 -9.42 26.85
C GLU E 129 19.57 -10.73 26.22
N ALA E 130 20.51 -11.40 26.87
CA ALA E 130 21.03 -12.67 26.35
C ALA E 130 19.97 -13.75 26.43
N MET E 131 19.79 -14.49 25.34
CA MET E 131 18.75 -15.51 25.30
C MET E 131 19.20 -16.82 25.94
N GLY E 132 20.49 -16.97 26.21
CA GLY E 132 20.98 -18.11 26.96
C GLY E 132 21.28 -19.36 26.17
N PHE E 133 21.32 -19.28 24.85
CA PHE E 133 21.65 -20.46 24.06
C PHE E 133 23.13 -20.81 24.18
N THR E 134 23.41 -22.07 24.46
CA THR E 134 24.73 -22.64 24.29
C THR E 134 24.58 -23.97 23.56
N TYR E 135 25.56 -24.30 22.73
CA TYR E 135 25.44 -25.37 21.76
C TYR E 135 26.51 -26.41 22.00
N SER E 136 26.10 -27.68 22.03
CA SER E 136 27.00 -28.80 22.21
C SER E 136 26.93 -29.71 20.99
N GLY E 137 28.08 -30.05 20.43
CA GLY E 137 28.16 -30.88 19.25
C GLY E 137 28.40 -30.14 17.95
N ILE E 138 28.29 -28.81 17.96
CA ILE E 138 28.51 -27.99 16.78
C ILE E 138 29.47 -26.86 17.13
N ARG E 139 30.06 -26.27 16.09
CA ARG E 139 31.00 -25.17 16.27
C ARG E 139 30.26 -23.84 16.15
N THR E 140 30.50 -22.95 17.10
CA THR E 140 29.86 -21.65 17.15
C THR E 140 30.86 -20.51 16.96
N ASN E 141 31.99 -20.82 16.32
CA ASN E 141 33.07 -19.84 16.12
C ASN E 141 33.31 -19.56 14.65
N GLY E 142 32.25 -19.56 13.85
CA GLY E 142 32.35 -19.27 12.43
C GLY E 142 32.78 -17.85 12.15
N ALA E 143 33.61 -17.66 11.13
CA ALA E 143 34.15 -16.35 10.79
C ALA E 143 34.18 -16.17 9.29
N THR E 144 34.50 -14.95 8.87
CA THR E 144 34.63 -14.62 7.46
C THR E 144 35.62 -13.49 7.30
N SER E 145 36.15 -13.35 6.09
CA SER E 145 37.10 -12.29 5.79
C SER E 145 36.43 -10.96 5.46
N SER E 146 35.12 -10.96 5.23
CA SER E 146 34.44 -9.71 4.90
C SER E 146 34.30 -8.80 6.11
N CYS E 147 33.99 -9.38 7.28
CA CYS E 147 33.84 -8.62 8.51
C CYS E 147 35.10 -8.79 9.36
N ARG E 148 35.77 -7.68 9.67
CA ARG E 148 37.05 -7.72 10.36
C ARG E 148 37.07 -6.64 11.44
N ARG E 149 36.98 -7.06 12.70
CA ARG E 149 37.28 -6.15 13.80
C ARG E 149 38.79 -6.08 14.04
N SER E 150 39.39 -7.21 14.40
CA SER E 150 40.84 -7.36 14.47
C SER E 150 41.34 -8.42 13.50
N GLY E 151 40.71 -9.59 13.49
CA GLY E 151 40.99 -10.61 12.50
C GLY E 151 39.71 -11.02 11.79
N SER E 152 39.68 -12.24 11.24
CA SER E 152 38.46 -12.75 10.64
C SER E 152 37.47 -13.12 11.74
N SER E 153 36.30 -12.48 11.71
CA SER E 153 35.30 -12.65 12.75
C SER E 153 33.92 -12.67 12.12
N PHE E 154 32.90 -12.57 12.96
CA PHE E 154 31.50 -12.56 12.55
C PHE E 154 30.78 -11.54 13.40
N TYR E 155 29.45 -11.58 13.38
CA TYR E 155 28.66 -10.63 14.15
C TYR E 155 28.78 -10.88 15.64
N ALA E 156 28.77 -9.81 16.43
CA ALA E 156 28.89 -9.94 17.87
C ALA E 156 27.57 -10.39 18.52
N GLU E 157 26.44 -10.08 17.90
CA GLU E 157 25.13 -10.35 18.49
C GLU E 157 24.57 -11.71 18.10
N MET E 158 25.02 -12.31 17.01
CA MET E 158 24.54 -13.61 16.56
C MET E 158 25.72 -14.50 16.18
N LYS E 159 25.50 -15.80 16.29
CA LYS E 159 26.57 -16.79 16.20
C LYS E 159 26.32 -17.69 15.00
N TRP E 160 27.33 -17.80 14.13
CA TRP E 160 27.25 -18.69 12.98
C TRP E 160 27.53 -20.12 13.44
N LEU E 161 26.66 -21.04 13.05
CA LEU E 161 26.78 -22.45 13.43
C LEU E 161 27.40 -23.24 12.29
N LEU E 162 28.40 -24.06 12.62
CA LEU E 162 29.02 -24.96 11.65
C LEU E 162 29.01 -26.39 12.19
N SER E 163 29.71 -27.29 11.51
CA SER E 163 29.87 -28.66 11.99
C SER E 163 31.15 -28.75 12.82
N ASN E 164 31.41 -29.95 13.35
CA ASN E 164 32.65 -30.20 14.07
C ASN E 164 33.84 -30.15 13.12
N THR E 165 33.85 -31.04 12.13
CA THR E 165 34.79 -30.99 11.02
C THR E 165 34.02 -30.93 9.72
N ASP E 166 34.75 -30.73 8.63
CA ASP E 166 34.12 -30.55 7.33
C ASP E 166 33.48 -31.84 6.83
N ASN E 167 32.29 -31.70 6.23
CA ASN E 167 31.52 -32.78 5.59
C ASN E 167 31.11 -33.88 6.57
N ALA E 168 31.08 -33.61 7.87
CA ALA E 168 30.77 -34.68 8.82
C ALA E 168 29.27 -34.90 8.98
N ALA E 169 28.58 -33.92 9.56
CA ALA E 169 27.17 -34.05 9.96
C ALA E 169 26.63 -32.73 10.50
N PHE E 170 25.36 -32.72 10.88
CA PHE E 170 24.76 -31.62 11.62
C PHE E 170 23.58 -32.16 12.43
N PRO E 171 23.66 -32.15 13.76
CA PRO E 171 22.56 -32.67 14.58
C PRO E 171 21.33 -31.78 14.50
N GLN E 172 20.16 -32.40 14.65
CA GLN E 172 18.89 -31.69 14.66
C GLN E 172 18.72 -31.04 16.02
N MET E 173 19.11 -29.77 16.13
CA MET E 173 19.06 -29.03 17.39
C MET E 173 17.85 -28.10 17.37
N THR E 174 17.08 -28.11 18.45
CA THR E 174 15.96 -27.21 18.63
C THR E 174 16.09 -26.45 19.94
N LYS E 175 15.91 -25.13 19.86
CA LYS E 175 16.10 -24.22 20.98
C LYS E 175 14.83 -23.41 21.21
N SER E 176 14.76 -22.74 22.36
CA SER E 176 13.56 -21.97 22.70
C SER E 176 13.90 -20.84 23.66
N TYR E 177 13.08 -19.79 23.62
CA TYR E 177 13.23 -18.64 24.51
C TYR E 177 11.85 -18.16 24.94
N LYS E 178 11.69 -17.88 26.23
CA LYS E 178 10.45 -17.38 26.78
C LYS E 178 10.65 -15.96 27.28
N ASN E 179 9.75 -15.06 26.88
CA ASN E 179 9.84 -13.65 27.24
C ASN E 179 9.41 -13.48 28.69
N THR E 180 10.38 -13.25 29.58
CA THR E 180 10.06 -13.04 30.99
C THR E 180 9.46 -11.66 31.25
N ARG E 181 10.00 -10.62 30.61
CA ARG E 181 9.53 -9.27 30.87
C ARG E 181 8.28 -8.97 30.03
N LYS E 182 7.66 -7.82 30.32
CA LYS E 182 6.38 -7.45 29.74
C LYS E 182 6.49 -6.68 28.44
N ASN E 183 7.71 -6.32 28.02
CA ASN E 183 7.80 -5.67 26.73
C ASN E 183 7.88 -6.68 25.61
N PRO E 184 7.36 -6.36 24.41
CA PRO E 184 7.52 -7.26 23.27
C PRO E 184 8.97 -7.37 22.84
N ALA E 185 9.33 -8.55 22.34
CA ALA E 185 10.70 -8.84 21.94
C ALA E 185 10.90 -8.50 20.47
N LEU E 186 12.17 -8.54 20.05
CA LEU E 186 12.60 -8.18 18.70
C LEU E 186 13.55 -9.25 18.17
N ILE E 187 13.12 -10.50 18.26
CA ILE E 187 13.95 -11.64 17.88
C ILE E 187 14.22 -11.63 16.39
N VAL E 188 15.49 -11.81 16.02
CA VAL E 188 15.89 -11.91 14.62
C VAL E 188 16.89 -13.05 14.48
N TRP E 189 16.77 -13.80 13.39
CA TRP E 189 17.72 -14.87 13.07
C TRP E 189 18.21 -14.71 11.65
N GLY E 190 18.92 -15.70 11.13
CA GLY E 190 19.43 -15.62 9.77
C GLY E 190 19.52 -16.97 9.13
N ILE E 191 19.36 -16.99 7.80
CA ILE E 191 19.49 -18.19 6.99
C ILE E 191 20.64 -17.97 6.02
N HIS E 192 21.57 -18.93 5.98
CA HIS E 192 22.80 -18.79 5.20
C HIS E 192 22.59 -19.44 3.84
N HIS E 193 22.37 -18.62 2.80
CA HIS E 193 22.31 -19.09 1.43
C HIS E 193 23.73 -19.14 0.90
N SER E 194 24.30 -20.34 0.84
CA SER E 194 25.69 -20.52 0.46
C SER E 194 25.90 -20.24 -1.03
N GLY E 195 27.15 -19.94 -1.38
CA GLY E 195 27.47 -19.69 -2.78
C GLY E 195 27.36 -20.94 -3.64
N SER E 196 27.81 -22.09 -3.12
CA SER E 196 27.81 -23.32 -3.89
C SER E 196 27.34 -24.48 -3.02
N THR E 197 26.82 -25.50 -3.69
CA THR E 197 26.36 -26.72 -3.00
C THR E 197 27.52 -27.45 -2.34
N ALA E 198 28.70 -27.42 -2.96
CA ALA E 198 29.89 -28.02 -2.35
C ALA E 198 30.28 -27.30 -1.06
N GLU E 199 30.20 -25.97 -1.07
CA GLU E 199 30.47 -25.19 0.15
C GLU E 199 29.43 -25.45 1.21
N GLN E 200 28.16 -25.61 0.81
CA GLN E 200 27.11 -25.93 1.77
C GLN E 200 27.33 -27.29 2.42
N THR E 201 27.73 -28.29 1.62
CA THR E 201 28.00 -29.61 2.16
C THR E 201 29.23 -29.60 3.06
N LYS E 202 30.25 -28.81 2.70
CA LYS E 202 31.43 -28.68 3.55
C LYS E 202 31.07 -28.02 4.89
N LEU E 203 30.23 -26.99 4.87
CA LEU E 203 29.91 -26.27 6.09
C LEU E 203 28.94 -27.04 6.99
N TYR E 204 27.92 -27.69 6.42
CA TYR E 204 26.83 -28.23 7.22
C TYR E 204 26.56 -29.71 6.96
N GLY E 205 27.51 -30.45 6.41
CA GLY E 205 27.29 -31.85 6.12
C GLY E 205 26.44 -32.06 4.88
N SER E 206 26.26 -33.33 4.53
CA SER E 206 25.52 -33.70 3.34
C SER E 206 24.03 -33.86 3.66
N GLY E 207 23.20 -33.49 2.71
CA GLY E 207 21.76 -33.61 2.83
C GLY E 207 21.06 -32.27 2.71
N ASN E 208 19.73 -32.36 2.59
CA ASN E 208 18.91 -31.16 2.53
C ASN E 208 18.78 -30.54 3.92
N LYS E 209 18.56 -29.23 3.94
CA LYS E 209 18.49 -28.48 5.19
C LYS E 209 17.09 -27.89 5.36
N LEU E 210 16.59 -27.94 6.60
CA LEU E 210 15.26 -27.44 6.92
C LEU E 210 15.33 -26.66 8.21
N VAL E 211 14.96 -25.39 8.15
CA VAL E 211 14.93 -24.51 9.32
C VAL E 211 13.51 -23.95 9.45
N THR E 212 12.88 -24.16 10.60
CA THR E 212 11.55 -23.64 10.87
C THR E 212 11.56 -22.86 12.18
N VAL E 213 10.76 -21.80 12.24
CA VAL E 213 10.61 -20.97 13.43
C VAL E 213 9.12 -20.90 13.76
N GLY E 214 8.78 -21.22 15.01
CA GLY E 214 7.40 -21.23 15.44
C GLY E 214 7.19 -20.42 16.70
N SER E 215 5.98 -19.90 16.84
CA SER E 215 5.57 -19.14 18.00
C SER E 215 4.05 -19.21 18.10
N SER E 216 3.45 -18.34 18.92
CA SER E 216 2.00 -18.31 19.05
C SER E 216 1.34 -17.79 17.77
N ASN E 217 1.93 -16.76 17.16
CA ASN E 217 1.38 -16.18 15.94
C ASN E 217 2.24 -16.46 14.72
N TYR E 218 3.56 -16.30 14.83
CA TYR E 218 4.45 -16.56 13.71
C TYR E 218 4.68 -18.05 13.54
N GLN E 219 4.63 -18.51 12.29
CA GLN E 219 4.90 -19.92 11.97
C GLN E 219 5.33 -20.00 10.52
N GLN E 220 6.60 -20.31 10.29
CA GLN E 220 7.13 -20.38 8.94
C GLN E 220 8.26 -21.40 8.90
N SER E 221 8.74 -21.69 7.69
CA SER E 221 9.86 -22.58 7.46
C SER E 221 10.73 -22.02 6.35
N PHE E 222 12.04 -22.25 6.44
CA PHE E 222 12.99 -21.74 5.47
C PHE E 222 13.91 -22.85 5.01
N VAL E 223 14.25 -22.84 3.73
CA VAL E 223 15.20 -23.78 3.14
C VAL E 223 16.26 -22.98 2.39
N PRO E 224 17.54 -23.20 2.65
CA PRO E 224 18.58 -22.51 1.87
C PRO E 224 18.62 -23.00 0.43
N SER E 225 18.96 -22.09 -0.48
CA SER E 225 19.01 -22.37 -1.91
C SER E 225 20.36 -21.94 -2.45
N PRO E 226 21.34 -22.86 -2.49
CA PRO E 226 22.68 -22.53 -2.98
C PRO E 226 22.71 -22.37 -4.50
N ARG E 238 24.05 -13.23 0.73
CA ARG E 238 24.21 -14.66 0.97
C ARG E 238 23.60 -15.06 2.31
N ILE E 239 23.23 -14.08 3.12
CA ILE E 239 22.58 -14.33 4.41
C ILE E 239 21.31 -13.49 4.45
N ASP E 240 20.17 -14.14 4.66
CA ASP E 240 18.88 -13.48 4.72
C ASP E 240 18.40 -13.46 6.16
N PHE E 241 18.23 -12.26 6.72
CA PHE E 241 17.83 -12.10 8.10
C PHE E 241 16.32 -11.94 8.19
N HIS E 242 15.68 -12.73 9.03
CA HIS E 242 14.25 -12.67 9.26
C HIS E 242 13.99 -12.33 10.72
N TRP E 243 13.19 -11.31 10.97
CA TRP E 243 12.89 -10.87 12.33
C TRP E 243 11.51 -11.39 12.74
N LEU E 244 11.14 -11.07 13.98
CA LEU E 244 9.90 -11.57 14.56
C LEU E 244 9.48 -10.65 15.69
N MET E 245 8.17 -10.44 15.82
CA MET E 245 7.61 -9.68 16.93
C MET E 245 7.01 -10.68 17.91
N LEU E 246 7.59 -10.77 19.10
CA LEU E 246 7.27 -11.81 20.07
C LEU E 246 6.53 -11.19 21.25
N ASN E 247 5.27 -11.58 21.42
CA ASN E 247 4.46 -11.13 22.54
C ASN E 247 4.98 -11.73 23.84
N PRO E 248 4.74 -11.06 24.98
CA PRO E 248 5.19 -11.61 26.26
C PRO E 248 4.52 -12.92 26.61
N ASN E 249 5.24 -13.73 27.39
CA ASN E 249 4.85 -15.09 27.79
C ASN E 249 4.60 -15.99 26.58
N ASP E 250 5.39 -15.82 25.52
CA ASP E 250 5.35 -16.67 24.34
C ASP E 250 6.72 -17.29 24.11
N THR E 251 6.73 -18.52 23.61
CA THR E 251 7.95 -19.28 23.42
C THR E 251 8.23 -19.44 21.94
N VAL E 252 9.32 -18.82 21.47
CA VAL E 252 9.81 -19.08 20.12
C VAL E 252 10.45 -20.47 20.10
N THR E 253 10.48 -21.09 18.93
CA THR E 253 11.11 -22.40 18.76
C THR E 253 11.97 -22.38 17.52
N PHE E 254 13.27 -22.55 17.69
CA PHE E 254 14.25 -22.53 16.60
C PHE E 254 14.66 -23.97 16.30
N SER E 255 13.91 -24.63 15.44
CA SER E 255 14.25 -25.99 15.00
C SER E 255 15.02 -25.89 13.69
N PHE E 256 16.20 -26.50 13.65
CA PHE E 256 17.07 -26.40 12.49
C PHE E 256 17.90 -27.67 12.36
N ASN E 257 18.34 -27.95 11.13
CA ASN E 257 19.25 -29.06 10.87
C ASN E 257 20.30 -28.70 9.82
N GLY E 258 20.72 -27.44 9.79
CA GLY E 258 21.63 -26.99 8.74
C GLY E 258 22.07 -25.55 8.88
N ALA E 259 22.00 -24.80 7.78
CA ALA E 259 22.44 -23.42 7.76
C ALA E 259 21.51 -22.56 8.61
N PHE E 260 22.08 -21.94 9.65
CA PHE E 260 21.30 -21.11 10.57
C PHE E 260 22.25 -20.15 11.27
N ILE E 261 22.05 -18.85 11.06
CA ILE E 261 22.76 -17.83 11.82
C ILE E 261 22.00 -17.65 13.12
N ALA E 262 22.37 -18.42 14.13
CA ALA E 262 21.61 -18.52 15.36
C ALA E 262 21.75 -17.25 16.20
N PRO E 263 20.66 -16.79 16.82
CA PRO E 263 20.75 -15.60 17.66
C PRO E 263 21.38 -15.91 19.00
N ASP E 264 21.88 -14.86 19.66
CA ASP E 264 22.46 -14.97 20.98
C ASP E 264 21.83 -14.01 21.98
N ARG E 265 21.44 -12.82 21.55
CA ARG E 265 20.83 -11.84 22.43
C ARG E 265 19.55 -11.30 21.81
N ALA E 266 18.58 -11.00 22.68
CA ALA E 266 17.28 -10.50 22.27
C ALA E 266 17.20 -8.99 22.50
N SER E 267 16.71 -8.27 21.49
CA SER E 267 16.54 -6.83 21.60
C SER E 267 15.18 -6.51 22.21
N PHE E 268 15.17 -5.59 23.15
CA PHE E 268 13.94 -5.13 23.80
C PHE E 268 13.82 -3.62 23.62
N LEU E 269 12.64 -3.17 23.24
CA LEU E 269 12.42 -1.76 22.94
C LEU E 269 12.39 -0.94 24.22
N ARG E 270 12.98 0.25 24.16
CA ARG E 270 13.11 1.08 25.36
C ARG E 270 11.95 2.04 25.54
N GLY E 271 11.46 2.67 24.47
CA GLY E 271 10.39 3.63 24.60
C GLY E 271 9.98 4.31 23.30
N LYS E 272 9.86 5.63 23.34
CA LYS E 272 9.39 6.41 22.19
C LYS E 272 10.45 7.42 21.78
N SER E 273 10.69 7.49 20.46
CA SER E 273 11.62 8.45 19.90
C SER E 273 11.18 8.76 18.47
N MET E 274 12.08 9.36 17.69
CA MET E 274 11.84 9.62 16.28
C MET E 274 13.18 9.67 15.56
N GLY E 275 13.25 9.05 14.39
CA GLY E 275 14.49 8.93 13.64
C GLY E 275 14.44 9.73 12.37
N ILE E 276 15.59 10.28 11.98
CA ILE E 276 15.71 11.11 10.78
C ILE E 276 16.69 10.45 9.83
N GLN E 277 16.82 11.05 8.65
CA GLN E 277 17.72 10.56 7.60
C GLN E 277 18.35 11.79 6.94
N SER E 278 19.52 12.18 7.42
CA SER E 278 20.14 13.45 7.05
C SER E 278 21.48 13.23 6.37
N GLY E 279 22.17 14.34 6.11
CA GLY E 279 23.51 14.32 5.57
C GLY E 279 24.39 15.44 6.08
N VAL E 280 24.01 16.04 7.21
CA VAL E 280 24.74 17.16 7.79
C VAL E 280 25.18 16.78 9.20
N GLN E 281 25.95 17.68 9.81
CA GLN E 281 26.53 17.43 11.12
C GLN E 281 25.50 17.63 12.23
N VAL E 282 25.92 17.33 13.46
CA VAL E 282 25.06 17.37 14.63
C VAL E 282 25.51 18.51 15.53
N ASP E 283 24.55 19.32 15.99
CA ASP E 283 24.83 20.45 16.87
C ASP E 283 23.98 20.30 18.13
N ALA E 284 24.31 21.09 19.14
CA ALA E 284 23.67 21.00 20.46
C ALA E 284 23.29 22.40 20.96
N ASP E 285 22.64 23.19 20.12
CA ASP E 285 22.31 24.57 20.49
C ASP E 285 20.84 24.91 20.42
N CYS E 286 20.06 24.34 19.50
CA CYS E 286 18.70 24.76 19.30
C CYS E 286 17.74 23.99 20.20
N GLU E 287 16.50 24.47 20.25
CA GLU E 287 15.37 23.72 20.79
C GLU E 287 14.49 23.41 19.59
N GLY E 288 14.71 22.23 18.98
CA GLY E 288 14.10 21.87 17.73
C GLY E 288 13.12 20.72 17.89
N ASP E 289 12.16 20.66 16.95
CA ASP E 289 11.16 19.61 16.95
C ASP E 289 11.14 18.77 15.68
N CYS E 290 11.42 19.36 14.52
CA CYS E 290 11.34 18.65 13.25
C CYS E 290 12.62 18.85 12.46
N TYR E 291 13.12 17.76 11.88
CA TYR E 291 14.34 17.77 11.10
C TYR E 291 14.08 17.10 9.76
N TYR E 292 14.61 17.68 8.70
CA TYR E 292 14.47 17.12 7.36
C TYR E 292 15.84 16.62 6.89
N SER E 293 15.89 16.14 5.64
CA SER E 293 17.07 15.45 5.12
C SER E 293 18.27 16.35 4.91
N GLY E 294 18.12 17.67 4.99
CA GLY E 294 19.24 18.56 4.75
C GLY E 294 19.42 19.63 5.81
N GLY E 295 18.89 19.41 6.99
CA GLY E 295 19.04 20.37 8.07
C GLY E 295 17.86 20.30 9.02
N THR E 296 17.67 21.40 9.75
CA THR E 296 16.65 21.51 10.79
C THR E 296 15.76 22.71 10.50
N ILE E 297 14.46 22.50 10.53
CA ILE E 297 13.47 23.54 10.27
C ILE E 297 12.77 23.85 11.59
N ILE E 298 13.03 25.03 12.15
CA ILE E 298 12.30 25.51 13.33
C ILE E 298 11.66 26.85 13.00
N SER E 299 10.39 26.98 13.36
CA SER E 299 9.56 28.18 13.21
C SER E 299 8.24 27.94 13.91
N ASN E 300 7.52 29.03 14.16
CA ASN E 300 6.13 28.96 14.62
C ASN E 300 5.14 29.08 13.47
N LEU E 301 5.63 29.21 12.24
CA LEU E 301 4.77 29.36 11.07
C LEU E 301 4.02 28.06 10.79
N PRO E 302 2.88 28.14 10.10
CA PRO E 302 2.13 26.91 9.80
C PRO E 302 2.57 26.20 8.53
N PHE E 303 3.18 26.90 7.58
CA PHE E 303 3.49 26.31 6.27
C PHE E 303 4.96 26.48 5.93
N GLN E 304 5.46 25.60 5.06
CA GLN E 304 6.86 25.58 4.67
C GLN E 304 6.96 25.38 3.16
N ASN E 305 8.19 25.45 2.66
CA ASN E 305 8.46 25.18 1.25
C ASN E 305 9.74 24.38 1.03
N ILE E 306 10.42 23.95 2.09
CA ILE E 306 11.77 23.39 1.94
C ILE E 306 11.69 21.94 1.46
N ASP E 307 11.04 21.07 2.24
CA ASP E 307 10.93 19.68 1.86
C ASP E 307 9.64 19.10 2.43
N SER E 308 9.02 18.21 1.65
CA SER E 308 7.77 17.57 2.07
C SER E 308 7.99 16.30 2.89
N ARG E 309 9.22 15.80 2.97
CA ARG E 309 9.54 14.58 3.69
C ARG E 309 10.09 14.85 5.08
N ALA E 310 9.78 16.01 5.65
CA ALA E 310 10.26 16.33 6.99
C ALA E 310 9.52 15.53 8.04
N VAL E 311 10.24 15.08 9.07
CA VAL E 311 9.71 14.22 10.11
C VAL E 311 9.86 14.91 11.46
N GLY E 312 8.77 14.93 12.23
CA GLY E 312 8.75 15.62 13.51
C GLY E 312 7.52 16.50 13.67
N LYS E 313 7.69 17.64 14.33
CA LYS E 313 6.62 18.62 14.51
C LYS E 313 7.06 19.93 13.84
N CYS E 314 6.62 20.14 12.61
CA CYS E 314 7.12 21.24 11.79
C CYS E 314 5.98 21.73 10.91
N PRO E 315 6.16 22.90 10.26
CA PRO E 315 5.15 23.38 9.30
C PRO E 315 4.87 22.39 8.18
N ARG E 316 3.61 22.37 7.76
CA ARG E 316 3.16 21.51 6.67
C ARG E 316 3.68 22.03 5.33
N TYR E 317 3.82 21.12 4.38
CA TYR E 317 4.39 21.47 3.08
C TYR E 317 3.32 22.05 2.16
N VAL E 318 3.62 23.19 1.55
CA VAL E 318 2.78 23.79 0.52
C VAL E 318 3.68 24.14 -0.67
N LYS E 319 3.05 24.24 -1.85
CA LYS E 319 3.81 24.49 -3.06
C LYS E 319 4.26 25.94 -3.19
N GLN E 320 3.47 26.88 -2.69
CA GLN E 320 3.78 28.29 -2.84
C GLN E 320 5.01 28.68 -2.01
N ARG E 321 5.81 29.60 -2.56
CA ARG E 321 7.06 29.99 -1.92
C ARG E 321 6.91 31.20 -1.01
N SER E 322 5.87 32.00 -1.20
CA SER E 322 5.70 33.21 -0.38
C SER E 322 4.21 33.50 -0.25
N LEU E 323 3.64 33.10 0.88
CA LEU E 323 2.26 33.44 1.22
C LEU E 323 2.29 34.49 2.31
N LEU E 324 1.88 35.70 1.96
CA LEU E 324 2.03 36.87 2.83
C LEU E 324 0.70 37.19 3.50
N LEU E 325 0.67 37.08 4.82
CA LEU E 325 -0.51 37.46 5.58
C LEU E 325 -0.46 38.95 5.87
N ALA E 326 -1.49 39.68 5.46
CA ALA E 326 -1.53 41.14 5.64
C ALA E 326 -1.79 41.44 7.11
N THR E 327 -0.71 41.47 7.89
CA THR E 327 -0.79 41.88 9.28
C THR E 327 -1.18 43.35 9.39
N GLY E 328 -0.68 44.18 8.46
CA GLY E 328 -1.05 45.57 8.43
C GLY E 328 -2.37 45.81 7.73
N MET E 329 -2.67 47.08 7.53
CA MET E 329 -3.92 47.55 6.96
C MET E 329 -3.66 48.16 5.58
N LYS E 330 -4.74 48.65 4.95
CA LYS E 330 -4.70 49.04 3.55
C LYS E 330 -3.92 50.35 3.37
N ASN E 331 -2.96 50.33 2.46
CA ASN E 331 -2.03 51.44 2.27
C ASN E 331 -2.51 52.31 1.12
N VAL E 332 -2.67 53.60 1.40
CA VAL E 332 -2.97 54.60 0.38
C VAL E 332 -1.88 55.67 0.42
N PRO E 333 -0.75 55.47 -0.25
CA PRO E 333 0.33 56.44 -0.19
C PRO E 333 0.03 57.67 -1.05
N GLU E 334 0.84 58.71 -0.86
CA GLU E 334 0.69 59.94 -1.61
C GLU E 334 1.26 59.80 -3.01
N LEU E 346 -13.91 46.83 2.71
CA LEU E 346 -15.06 46.97 1.81
C LEU E 346 -16.00 48.07 2.28
N PHE E 347 -15.81 48.52 3.52
CA PHE E 347 -16.77 49.43 4.14
C PHE E 347 -16.70 50.85 3.56
N GLY E 348 -15.64 51.17 2.83
CA GLY E 348 -15.58 52.42 2.10
C GLY E 348 -15.00 53.60 2.84
N ALA E 349 -14.33 53.37 3.97
CA ALA E 349 -13.66 54.46 4.67
C ALA E 349 -12.19 54.55 4.24
N ILE E 350 -11.45 53.46 4.38
CA ILE E 350 -10.10 53.40 3.84
C ILE E 350 -10.18 53.24 2.33
N ALA E 351 -9.42 54.06 1.60
CA ALA E 351 -9.51 54.19 0.13
C ALA E 351 -10.93 54.51 -0.30
N GLY E 352 -11.57 55.41 0.44
CA GLY E 352 -12.94 55.83 0.18
C GLY E 352 -13.06 57.34 0.20
N PHE E 353 -13.93 57.86 1.07
CA PHE E 353 -14.01 59.30 1.25
C PHE E 353 -12.73 59.88 1.84
N ILE E 354 -11.99 59.08 2.62
CA ILE E 354 -10.65 59.47 3.02
C ILE E 354 -9.75 59.45 1.79
N GLU E 355 -9.04 60.55 1.56
CA GLU E 355 -8.27 60.70 0.33
C GLU E 355 -7.03 59.82 0.33
N ASN E 356 -6.14 60.02 1.29
CA ASN E 356 -4.88 59.27 1.32
C ASN E 356 -4.48 59.02 2.76
N GLY E 357 -3.59 58.06 2.94
CA GLY E 357 -3.07 57.75 4.27
C GLY E 357 -2.09 58.80 4.76
N TRP E 358 -1.76 58.70 6.03
CA TRP E 358 -0.88 59.65 6.70
C TRP E 358 0.42 58.96 7.09
N GLU E 359 1.52 59.71 6.98
CA GLU E 359 2.85 59.18 7.26
C GLU E 359 3.39 59.58 8.64
N GLY E 360 2.84 60.63 9.25
CA GLY E 360 3.35 61.14 10.50
C GLY E 360 2.86 60.46 11.75
N LEU E 361 2.06 59.40 11.63
CA LEU E 361 1.50 58.71 12.78
C LEU E 361 2.43 57.59 13.22
N ILE E 362 3.01 57.73 14.41
CA ILE E 362 3.83 56.68 15.00
C ILE E 362 3.29 56.19 16.33
N ASP E 363 2.47 56.97 17.03
CA ASP E 363 1.92 56.53 18.31
C ASP E 363 0.84 55.46 18.11
N GLY E 364 -0.07 55.67 17.15
CA GLY E 364 -1.12 54.73 16.89
C GLY E 364 -1.42 54.67 15.41
N TRP E 365 -2.24 53.69 15.04
CA TRP E 365 -2.63 53.53 13.64
C TRP E 365 -3.57 54.65 13.19
N TYR E 366 -4.58 54.95 14.00
CA TYR E 366 -5.62 55.91 13.63
C TYR E 366 -5.42 57.18 14.44
N GLY E 367 -5.30 58.31 13.75
CA GLY E 367 -4.96 59.56 14.40
C GLY E 367 -5.92 60.68 14.03
N PHE E 368 -5.62 61.86 14.56
CA PHE E 368 -6.46 63.04 14.38
C PHE E 368 -5.59 64.19 13.86
N ARG E 369 -6.20 65.07 13.07
CA ARG E 369 -5.54 66.28 12.56
C ARG E 369 -6.27 67.48 13.14
N HIS E 370 -5.73 68.02 14.23
CA HIS E 370 -6.40 69.09 14.97
C HIS E 370 -6.10 70.42 14.27
N GLN E 371 -7.10 70.96 13.58
CA GLN E 371 -6.98 72.23 12.87
C GLN E 371 -7.82 73.27 13.62
N ASN E 372 -7.18 73.91 14.61
CA ASN E 372 -7.83 74.90 15.46
C ASN E 372 -7.46 76.32 15.08
N ALA E 373 -6.77 76.50 13.94
CA ALA E 373 -6.11 77.75 13.54
C ALA E 373 -5.14 78.24 14.61
N GLN E 374 -4.54 77.30 15.34
CA GLN E 374 -3.50 77.58 16.33
C GLN E 374 -2.29 76.67 16.20
N GLY E 375 -2.42 75.54 15.52
CA GLY E 375 -1.31 74.63 15.38
C GLY E 375 -1.73 73.39 14.63
N GLU E 376 -0.88 72.38 14.64
CA GLU E 376 -1.15 71.11 13.99
C GLU E 376 -0.97 69.99 15.01
N GLY E 377 -2.09 69.52 15.58
CA GLY E 377 -2.03 68.46 16.55
C GLY E 377 -2.19 67.09 15.93
N THR E 378 -1.08 66.38 15.75
CA THR E 378 -1.12 65.02 15.20
C THR E 378 -1.21 64.04 16.37
N ALA E 379 -2.42 63.94 16.90
CA ALA E 379 -2.71 63.05 18.01
C ALA E 379 -2.99 61.65 17.48
N ALA E 380 -3.24 60.71 18.40
CA ALA E 380 -3.58 59.35 18.04
C ALA E 380 -4.67 58.84 18.96
N ASP E 381 -5.63 58.12 18.39
CA ASP E 381 -6.68 57.51 19.20
C ASP E 381 -6.13 56.28 19.93
N TYR E 382 -6.93 55.74 20.83
CA TYR E 382 -6.53 54.56 21.60
C TYR E 382 -7.50 53.39 21.49
N LYS E 383 -8.80 53.65 21.52
CA LYS E 383 -9.78 52.57 21.62
C LYS E 383 -9.84 51.76 20.32
N SER E 384 -9.99 52.43 19.19
CA SER E 384 -10.18 51.72 17.92
C SER E 384 -8.89 51.04 17.46
N THR E 385 -7.75 51.74 17.57
CA THR E 385 -6.50 51.10 17.21
C THR E 385 -6.10 50.00 18.20
N GLN E 386 -6.50 50.13 19.47
CA GLN E 386 -6.24 49.06 20.42
C GLN E 386 -7.08 47.83 20.10
N SER E 387 -8.34 48.04 19.69
CA SER E 387 -9.17 46.93 19.27
C SER E 387 -8.62 46.27 18.00
N ALA E 388 -8.11 47.07 17.07
CA ALA E 388 -7.54 46.53 15.84
C ALA E 388 -6.27 45.71 16.10
N ILE E 389 -5.37 46.24 16.92
CA ILE E 389 -4.16 45.48 17.27
C ILE E 389 -4.50 44.24 18.07
N ASP E 390 -5.50 44.33 18.97
CA ASP E 390 -5.92 43.16 19.74
C ASP E 390 -6.48 42.07 18.84
N CYS E 391 -7.32 42.44 17.87
CA CYS E 391 -7.88 41.46 16.95
C CYS E 391 -6.81 40.86 16.03
N ILE E 392 -5.88 41.68 15.55
CA ILE E 392 -4.86 41.17 14.63
C ILE E 392 -3.86 40.27 15.36
N THR E 393 -3.41 40.66 16.56
CA THR E 393 -2.53 39.79 17.32
C THR E 393 -3.24 38.54 17.82
N GLY E 394 -4.55 38.61 18.08
CA GLY E 394 -5.30 37.39 18.35
C GLY E 394 -5.39 36.49 17.15
N LYS E 395 -5.50 37.07 15.96
CA LYS E 395 -5.53 36.30 14.71
C LYS E 395 -4.20 35.59 14.50
N LEU E 396 -3.08 36.29 14.74
CA LEU E 396 -1.77 35.66 14.62
C LEU E 396 -1.52 34.65 15.72
N ASN E 397 -2.08 34.86 16.93
CA ASN E 397 -1.95 33.85 17.98
C ASN E 397 -2.76 32.61 17.64
N ARG E 398 -3.89 32.78 16.95
CA ARG E 398 -4.67 31.65 16.48
C ARG E 398 -3.93 30.87 15.40
N LEU E 399 -3.40 31.58 14.40
CA LEU E 399 -2.93 30.87 13.21
C LEU E 399 -1.46 30.50 13.28
N ILE E 400 -0.59 31.40 13.73
CA ILE E 400 0.85 31.12 13.70
C ILE E 400 1.19 30.20 14.86
N GLU E 401 1.12 28.90 14.61
CA GLU E 401 1.36 27.87 15.62
C GLU E 401 1.88 26.61 14.94
N LYS E 402 2.69 25.86 15.68
CA LYS E 402 3.24 24.60 15.14
C LYS E 402 2.19 23.50 15.26
N THR E 403 2.39 22.39 14.57
CA THR E 403 1.47 21.27 14.61
C THR E 403 1.57 20.53 15.95
N ASN E 404 0.47 19.87 16.31
CA ASN E 404 0.40 19.10 17.55
C ASN E 404 0.53 17.60 17.32
N GLN E 405 0.74 17.18 16.08
CA GLN E 405 0.84 15.76 15.74
C GLN E 405 2.22 15.47 15.19
N GLN E 406 2.89 14.49 15.80
CA GLN E 406 4.22 14.06 15.35
C GLN E 406 4.05 13.02 14.26
N PHE E 407 4.67 13.26 13.10
CA PHE E 407 4.59 12.33 11.98
C PHE E 407 5.77 11.37 12.03
N GLU E 408 5.80 10.45 11.06
CA GLU E 408 6.86 9.46 10.97
C GLU E 408 7.35 9.39 9.53
N LEU E 409 8.57 8.89 9.37
CA LEU E 409 9.20 8.78 8.05
C LEU E 409 8.74 7.47 7.41
N ILE E 410 8.03 7.57 6.30
CA ILE E 410 7.44 6.41 5.65
C ILE E 410 8.34 5.86 4.55
N ASP E 411 8.86 6.72 3.68
CA ASP E 411 9.75 6.28 2.61
C ASP E 411 11.16 6.12 3.15
N ASN E 412 12.10 5.83 2.25
CA ASN E 412 13.51 5.73 2.59
C ASN E 412 14.30 6.46 1.53
N GLU E 413 15.17 7.38 1.95
CA GLU E 413 15.90 8.22 1.00
C GLU E 413 17.12 7.53 0.41
N PHE E 414 17.73 6.58 1.12
CA PHE E 414 18.96 5.97 0.62
C PHE E 414 18.68 4.70 -0.17
N THR E 415 18.07 3.70 0.46
CA THR E 415 17.60 2.52 -0.26
C THR E 415 16.16 2.74 -0.71
N GLU E 416 15.73 1.94 -1.67
CA GLU E 416 14.45 2.12 -2.32
C GLU E 416 13.43 1.12 -1.80
N VAL E 417 12.23 1.61 -1.52
CA VAL E 417 11.09 0.77 -1.17
C VAL E 417 10.56 0.11 -2.45
N GLU E 418 9.62 -0.83 -2.29
CA GLU E 418 8.96 -1.44 -3.43
C GLU E 418 8.25 -0.38 -4.27
N LYS E 419 8.31 -0.55 -5.59
CA LYS E 419 7.95 0.53 -6.52
C LYS E 419 6.47 0.88 -6.45
N GLN E 420 5.60 -0.12 -6.33
CA GLN E 420 4.16 0.14 -6.31
C GLN E 420 3.73 0.88 -5.05
N ILE E 421 4.18 0.42 -3.88
CA ILE E 421 3.85 1.11 -2.64
C ILE E 421 4.54 2.47 -2.56
N GLY E 422 5.72 2.62 -3.15
CA GLY E 422 6.36 3.93 -3.19
C GLY E 422 5.61 4.91 -4.07
N ASN E 423 5.07 4.44 -5.20
CA ASN E 423 4.25 5.29 -6.05
C ASN E 423 2.93 5.65 -5.38
N VAL E 424 2.35 4.71 -4.61
CA VAL E 424 1.15 5.01 -3.84
C VAL E 424 1.43 6.08 -2.79
N ILE E 425 2.57 5.97 -2.10
CA ILE E 425 2.95 6.95 -1.08
C ILE E 425 3.20 8.32 -1.71
N ASN E 426 3.89 8.37 -2.86
CA ASN E 426 4.06 9.64 -3.56
C ASN E 426 2.76 10.23 -4.06
N TRP E 427 1.82 9.41 -4.53
CA TRP E 427 0.53 9.92 -4.95
C TRP E 427 -0.26 10.50 -3.78
N THR E 428 -0.26 9.80 -2.65
CA THR E 428 -0.94 10.30 -1.45
C THR E 428 -0.29 11.57 -0.94
N ARG E 429 1.04 11.64 -0.93
CA ARG E 429 1.73 12.83 -0.46
C ARG E 429 1.54 14.01 -1.41
N ASP E 430 1.47 13.76 -2.71
CA ASP E 430 1.22 14.84 -3.66
C ASP E 430 -0.21 15.37 -3.54
N SER E 431 -1.18 14.47 -3.32
CA SER E 431 -2.55 14.91 -3.10
C SER E 431 -2.70 15.71 -1.81
N ILE E 432 -2.01 15.27 -0.74
CA ILE E 432 -2.02 15.99 0.53
C ILE E 432 -1.34 17.35 0.38
N THR E 433 -0.27 17.41 -0.42
CA THR E 433 0.40 18.67 -0.72
C THR E 433 -0.53 19.61 -1.49
N GLU E 434 -1.29 19.09 -2.44
CA GLU E 434 -2.26 19.90 -3.17
C GLU E 434 -3.35 20.44 -2.25
N VAL E 435 -3.87 19.59 -1.36
CA VAL E 435 -4.91 20.01 -0.42
C VAL E 435 -4.39 21.09 0.53
N TRP E 436 -3.18 20.90 1.07
CA TRP E 436 -2.63 21.88 1.99
C TRP E 436 -2.23 23.17 1.28
N SER E 437 -1.79 23.10 0.02
CA SER E 437 -1.46 24.32 -0.72
C SER E 437 -2.71 25.12 -1.03
N TYR E 438 -3.78 24.45 -1.46
CA TYR E 438 -5.06 25.13 -1.68
C TYR E 438 -5.60 25.72 -0.38
N ASN E 439 -5.51 24.97 0.73
CA ASN E 439 -5.97 25.47 2.01
C ASN E 439 -5.15 26.66 2.49
N ALA E 440 -3.83 26.64 2.31
CA ALA E 440 -2.99 27.77 2.69
C ALA E 440 -3.29 29.01 1.85
N GLU E 441 -3.46 28.84 0.54
CA GLU E 441 -3.78 29.97 -0.32
C GLU E 441 -5.13 30.58 0.03
N LEU E 442 -6.15 29.73 0.24
CA LEU E 442 -7.47 30.22 0.59
C LEU E 442 -7.48 30.86 1.97
N LEU E 443 -6.72 30.31 2.91
CA LEU E 443 -6.64 30.86 4.26
C LEU E 443 -5.96 32.22 4.25
N VAL E 444 -4.84 32.35 3.53
CA VAL E 444 -4.13 33.62 3.45
C VAL E 444 -5.01 34.68 2.81
N ALA E 445 -5.74 34.31 1.74
CA ALA E 445 -6.69 35.23 1.12
C ALA E 445 -7.81 35.61 2.08
N MET E 446 -8.31 34.64 2.87
CA MET E 446 -9.45 34.87 3.75
C MET E 446 -9.12 35.87 4.85
N GLU E 447 -8.04 35.66 5.61
CA GLU E 447 -7.75 36.70 6.61
C GLU E 447 -7.04 37.93 6.06
N ASN E 448 -6.48 37.93 4.84
CA ASN E 448 -6.12 39.22 4.24
C ASN E 448 -7.36 40.07 3.97
N GLN E 449 -8.40 39.45 3.38
CA GLN E 449 -9.64 40.17 3.13
C GLN E 449 -10.31 40.58 4.43
N HIS E 450 -10.28 39.71 5.45
CA HIS E 450 -10.91 40.03 6.72
C HIS E 450 -10.14 41.12 7.46
N THR E 451 -8.81 41.14 7.36
CA THR E 451 -8.04 42.19 7.99
C THR E 451 -8.28 43.54 7.34
N ILE E 452 -8.36 43.57 6.00
CA ILE E 452 -8.66 44.80 5.29
C ILE E 452 -10.06 45.31 5.65
N ASP E 453 -11.04 44.40 5.68
CA ASP E 453 -12.40 44.79 6.02
C ASP E 453 -12.54 45.18 7.49
N LEU E 454 -11.77 44.56 8.38
CA LEU E 454 -11.81 44.91 9.79
C LEU E 454 -11.20 46.29 10.02
N ALA E 455 -10.10 46.60 9.32
CA ALA E 455 -9.52 47.94 9.40
C ALA E 455 -10.48 48.99 8.85
N ASP E 456 -11.13 48.70 7.72
CA ASP E 456 -12.11 49.62 7.15
C ASP E 456 -13.30 49.81 8.08
N SER E 457 -13.74 48.73 8.73
CA SER E 457 -14.87 48.81 9.65
C SER E 457 -14.52 49.59 10.90
N GLU E 458 -13.29 49.43 11.41
CA GLU E 458 -12.85 50.22 12.56
C GLU E 458 -12.75 51.70 12.22
N MET E 459 -12.26 52.02 11.01
CA MET E 459 -12.20 53.40 10.56
C MET E 459 -13.60 54.00 10.44
N ASP E 460 -14.54 53.26 9.85
CA ASP E 460 -15.91 53.74 9.73
C ASP E 460 -16.59 53.84 11.09
N LYS E 461 -16.24 52.94 12.01
CA LYS E 461 -16.81 52.97 13.36
C LYS E 461 -16.37 54.21 14.12
N LEU E 462 -15.08 54.57 14.01
CA LEU E 462 -14.62 55.77 14.70
C LEU E 462 -15.19 57.02 14.02
N TYR E 463 -15.35 56.98 12.70
CA TYR E 463 -15.97 58.08 11.97
C TYR E 463 -17.41 58.31 12.43
N GLU E 464 -18.20 57.24 12.52
CA GLU E 464 -19.57 57.38 12.99
C GLU E 464 -19.64 57.68 14.47
N ARG E 465 -18.62 57.30 15.25
CA ARG E 465 -18.57 57.69 16.65
C ARG E 465 -18.40 59.20 16.79
N VAL E 466 -17.52 59.79 15.99
CA VAL E 466 -17.34 61.24 15.99
C VAL E 466 -18.61 61.93 15.46
N LYS E 467 -19.26 61.33 14.46
CA LYS E 467 -20.52 61.86 13.94
C LYS E 467 -21.62 61.84 14.99
N ARG E 468 -21.69 60.77 15.79
CA ARG E 468 -22.68 60.70 16.86
C ARG E 468 -22.34 61.68 17.99
N GLN E 469 -21.06 61.91 18.23
CA GLN E 469 -20.66 62.90 19.22
C GLN E 469 -21.00 64.32 18.80
N LEU E 470 -20.85 64.65 17.52
CA LEU E 470 -21.16 65.99 17.00
C LEU E 470 -22.56 65.96 16.39
N ARG E 471 -23.56 66.36 17.19
CA ARG E 471 -24.96 66.25 16.78
C ARG E 471 -25.29 67.19 15.63
N GLU E 472 -25.14 68.49 15.85
CA GLU E 472 -25.51 69.48 14.84
C GLU E 472 -24.37 70.48 14.75
N ASN E 473 -23.42 70.38 15.68
CA ASN E 473 -22.28 71.29 15.74
C ASN E 473 -21.37 71.20 14.53
N ALA E 474 -21.29 70.03 13.89
CA ALA E 474 -20.46 69.85 12.71
C ALA E 474 -21.17 68.96 11.71
N GLU E 475 -20.86 69.17 10.43
CA GLU E 475 -21.46 68.41 9.34
C GLU E 475 -20.37 67.86 8.43
N GLU E 476 -20.70 66.77 7.73
CA GLU E 476 -19.79 66.17 6.77
C GLU E 476 -19.84 66.98 5.47
N ASP E 477 -18.68 67.49 5.04
CA ASP E 477 -18.64 68.28 3.81
C ASP E 477 -18.80 67.41 2.58
N GLY E 478 -18.21 66.21 2.61
CA GLY E 478 -18.20 65.34 1.45
C GLY E 478 -16.85 64.70 1.26
N THR E 479 -15.80 65.40 1.67
CA THR E 479 -14.44 64.86 1.69
C THR E 479 -14.11 64.17 3.01
N GLY E 480 -15.07 64.11 3.94
CA GLY E 480 -14.84 63.43 5.19
C GLY E 480 -14.26 64.28 6.30
N CYS E 481 -14.36 65.60 6.21
CA CYS E 481 -13.87 66.48 7.27
C CYS E 481 -15.02 67.32 7.82
N PHE E 482 -15.15 67.30 9.14
CA PHE E 482 -16.23 68.03 9.80
C PHE E 482 -15.96 69.53 9.79
N GLU E 483 -17.03 70.31 9.63
CA GLU E 483 -16.97 71.76 9.65
C GLU E 483 -17.72 72.23 10.90
N ILE E 484 -16.98 72.51 11.96
CA ILE E 484 -17.61 72.98 13.20
C ILE E 484 -17.99 74.44 13.04
N PHE E 485 -19.28 74.74 13.25
CA PHE E 485 -19.75 76.10 13.09
C PHE E 485 -19.28 76.99 14.24
N HIS E 486 -19.36 76.49 15.47
CA HIS E 486 -19.05 77.27 16.66
C HIS E 486 -17.55 77.26 16.93
N LYS E 487 -17.16 77.99 17.97
CA LYS E 487 -15.76 78.07 18.39
C LYS E 487 -15.43 76.88 19.29
N CYS E 488 -14.56 76.00 18.81
CA CYS E 488 -14.22 74.76 19.48
C CYS E 488 -12.70 74.74 19.69
N ASP E 489 -12.28 75.00 20.93
CA ASP E 489 -10.88 75.28 21.26
C ASP E 489 -10.10 73.98 21.44
N ASP E 490 -8.89 74.09 22.01
CA ASP E 490 -8.04 72.92 22.24
C ASP E 490 -8.62 72.01 23.33
N ASP E 491 -9.30 72.60 24.33
CA ASP E 491 -10.04 71.76 25.26
C ASP E 491 -11.19 71.03 24.58
N CYS E 492 -11.76 71.63 23.54
CA CYS E 492 -12.82 70.95 22.79
C CYS E 492 -12.25 69.87 21.87
N MET E 493 -11.05 70.11 21.30
CA MET E 493 -10.24 69.06 20.69
C MET E 493 -10.06 67.87 21.62
N ALA E 494 -9.62 68.13 22.86
CA ALA E 494 -9.42 67.05 23.84
C ALA E 494 -10.74 66.36 24.20
N SER E 495 -11.83 67.14 24.31
CA SER E 495 -13.13 66.59 24.67
C SER E 495 -13.65 65.64 23.61
N ILE E 496 -13.52 66.01 22.33
CA ILE E 496 -13.91 65.07 21.28
C ILE E 496 -12.85 63.98 21.06
N ARG E 497 -11.63 64.17 21.57
CA ARG E 497 -10.62 63.13 21.43
C ARG E 497 -10.84 61.98 22.41
N ASN E 498 -11.09 62.31 23.68
CA ASN E 498 -11.29 61.28 24.69
C ASN E 498 -12.77 61.04 25.02
N ASN E 499 -13.67 61.58 24.20
CA ASN E 499 -15.12 61.39 24.27
C ASN E 499 -15.63 61.86 25.64
N THR E 500 -15.55 63.18 25.81
CA THR E 500 -16.21 63.88 26.91
C THR E 500 -16.96 65.11 26.41
N TYR E 501 -17.08 65.28 25.09
CA TYR E 501 -17.77 66.43 24.54
C TYR E 501 -19.27 66.30 24.74
N ASP E 502 -19.93 67.45 24.97
CA ASP E 502 -21.37 67.50 25.14
C ASP E 502 -21.99 68.52 24.20
N HIS E 503 -23.18 68.20 23.70
CA HIS E 503 -23.95 69.10 22.85
C HIS E 503 -24.76 70.12 23.67
N SER E 504 -24.89 69.88 24.98
CA SER E 504 -25.67 70.76 25.85
C SER E 504 -25.02 72.11 26.07
N LYS E 505 -23.75 72.27 25.72
CA LYS E 505 -23.07 73.54 25.92
C LYS E 505 -22.98 74.36 24.64
N TYR E 506 -23.12 73.75 23.46
CA TYR E 506 -23.03 74.47 22.19
C TYR E 506 -24.08 74.01 21.17
N ARG E 507 -25.28 73.66 21.60
CA ARG E 507 -26.37 73.55 20.62
C ARG E 507 -26.69 74.89 19.96
N GLU E 508 -26.90 75.94 20.76
CA GLU E 508 -27.53 77.15 20.24
C GLU E 508 -26.59 77.97 19.37
N GLU E 509 -25.31 78.06 19.77
CA GLU E 509 -24.34 78.84 19.01
C GLU E 509 -24.10 78.23 17.62
N ALA E 510 -24.04 76.90 17.55
CA ALA E 510 -23.88 76.25 16.26
C ALA E 510 -25.18 76.23 15.46
N MET E 511 -26.34 76.22 16.13
CA MET E 511 -27.61 76.24 15.43
C MET E 511 -27.85 77.60 14.79
N GLN E 512 -27.45 78.68 15.46
CA GLN E 512 -27.64 80.02 14.91
C GLN E 512 -26.74 80.29 13.71
N ASN E 513 -25.67 79.52 13.52
CA ASN E 513 -24.80 79.67 12.36
C ASN E 513 -25.24 78.76 11.23
N GLN F 1 32.10 -24.05 26.97
CA GLN F 1 31.24 -24.74 27.93
C GLN F 1 31.14 -23.96 29.23
N VAL F 2 29.98 -24.02 29.86
CA VAL F 2 29.73 -23.34 31.14
C VAL F 2 29.92 -24.40 32.23
N GLN F 3 31.09 -24.37 32.87
CA GLN F 3 31.39 -25.31 33.94
C GLN F 3 30.97 -24.72 35.28
N LEU F 4 30.35 -25.57 36.10
CA LEU F 4 29.84 -25.15 37.40
C LEU F 4 30.55 -25.91 38.51
N GLN F 5 30.69 -25.25 39.66
CA GLN F 5 31.36 -25.84 40.82
C GLN F 5 30.78 -25.22 42.07
N GLU F 6 30.43 -26.06 43.04
CA GLU F 6 29.79 -25.63 44.27
C GLU F 6 30.68 -25.90 45.47
N SER F 7 30.47 -25.13 46.53
CA SER F 7 31.22 -25.28 47.77
C SER F 7 30.35 -24.84 48.93
N GLY F 8 30.71 -25.28 50.13
CA GLY F 8 29.98 -24.93 51.33
C GLY F 8 30.37 -25.77 52.52
N PRO F 9 29.74 -25.48 53.67
CA PRO F 9 30.04 -26.25 54.89
C PRO F 9 29.44 -27.65 54.82
N GLY F 10 29.97 -28.52 55.67
CA GLY F 10 29.50 -29.89 55.74
C GLY F 10 28.92 -30.26 57.09
N LEU F 11 29.29 -29.53 58.13
CA LEU F 11 28.81 -29.76 59.50
C LEU F 11 27.95 -28.57 59.89
N VAL F 12 26.64 -28.78 59.96
CA VAL F 12 25.68 -27.72 60.21
C VAL F 12 24.79 -28.13 61.39
N LYS F 13 24.68 -27.24 62.38
CA LYS F 13 23.85 -27.51 63.54
C LYS F 13 22.36 -27.49 63.16
N PRO F 14 21.53 -28.25 63.88
CA PRO F 14 20.08 -28.18 63.64
C PRO F 14 19.52 -26.80 63.98
N SER F 15 18.46 -26.43 63.24
CA SER F 15 17.78 -25.14 63.35
C SER F 15 18.75 -23.97 63.17
N GLU F 16 19.65 -24.11 62.21
CA GLU F 16 20.62 -23.07 61.87
C GLU F 16 20.54 -22.78 60.39
N THR F 17 20.83 -21.54 60.01
CA THR F 17 20.70 -21.13 58.62
C THR F 17 21.82 -21.74 57.77
N LEU F 18 21.44 -22.36 56.66
CA LEU F 18 22.40 -22.94 55.73
C LEU F 18 22.73 -21.96 54.63
N SER F 19 24.00 -21.96 54.20
CA SER F 19 24.46 -21.07 53.13
C SER F 19 25.47 -21.82 52.27
N LEU F 20 25.18 -21.93 50.98
CA LEU F 20 26.08 -22.52 50.01
C LEU F 20 26.60 -21.45 49.05
N THR F 21 27.34 -21.90 48.05
CA THR F 21 27.76 -21.07 46.93
C THR F 21 27.97 -21.97 45.72
N CYS F 22 27.95 -21.35 44.54
CA CYS F 22 28.15 -22.09 43.29
C CYS F 22 28.69 -21.10 42.26
N SER F 23 30.00 -21.14 42.04
CA SER F 23 30.68 -20.21 41.15
C SER F 23 30.84 -20.84 39.78
N VAL F 24 30.30 -20.18 38.75
CA VAL F 24 30.39 -20.70 37.40
C VAL F 24 31.73 -20.33 36.79
N SER F 25 32.09 -21.05 35.72
CA SER F 25 33.31 -20.77 34.97
C SER F 25 33.05 -21.07 33.51
N GLY F 26 33.59 -20.24 32.63
CA GLY F 26 33.31 -20.32 31.21
C GLY F 26 32.20 -19.42 30.73
N GLY F 27 31.44 -18.85 31.65
CA GLY F 27 30.38 -17.92 31.29
C GLY F 27 30.11 -17.01 32.47
N SER F 28 28.89 -16.47 32.50
CA SER F 28 28.46 -15.61 33.60
C SER F 28 26.95 -15.68 33.70
N ILE F 29 26.44 -15.31 34.87
CA ILE F 29 24.99 -15.28 35.08
C ILE F 29 24.48 -13.98 34.48
N ASN F 30 24.06 -14.05 33.22
CA ASN F 30 23.39 -12.93 32.57
C ASN F 30 22.19 -13.41 31.77
N SER F 31 21.86 -14.69 31.86
CA SER F 31 20.76 -15.28 31.11
C SER F 31 20.35 -16.57 31.79
N TYR F 32 19.18 -17.08 31.40
CA TYR F 32 18.70 -18.42 31.69
C TYR F 32 18.43 -18.70 33.17
N TYR F 33 17.85 -19.85 33.45
CA TYR F 33 17.41 -20.23 34.78
C TYR F 33 18.50 -21.05 35.43
N TRP F 34 18.67 -20.90 36.74
CA TRP F 34 19.71 -21.59 37.48
C TRP F 34 19.08 -22.40 38.61
N THR F 35 19.31 -23.70 38.59
CA THR F 35 18.51 -24.66 39.35
C THR F 35 19.35 -25.25 40.48
N TRP F 36 18.69 -25.61 41.59
CA TRP F 36 19.34 -25.97 42.83
C TRP F 36 18.93 -27.37 43.30
N ILE F 37 19.09 -28.37 42.43
CA ILE F 37 18.57 -29.73 42.59
C ILE F 37 19.00 -30.35 43.93
N ARG F 38 18.03 -30.91 44.65
CA ARG F 38 18.21 -31.56 45.93
C ARG F 38 18.27 -33.07 45.73
N GLN F 39 19.08 -33.75 46.56
CA GLN F 39 19.06 -35.21 46.55
C GLN F 39 19.36 -35.76 47.94
N PRO F 40 18.36 -36.27 48.65
CA PRO F 40 18.62 -37.02 49.88
C PRO F 40 19.32 -38.33 49.57
N PRO F 41 20.08 -38.88 50.52
CA PRO F 41 20.81 -40.13 50.25
C PRO F 41 19.86 -41.31 50.09
N GLY F 42 19.92 -41.93 48.91
CA GLY F 42 19.06 -43.06 48.59
C GLY F 42 17.68 -42.72 48.10
N LYS F 43 17.36 -41.43 47.96
CA LYS F 43 16.04 -40.99 47.51
C LYS F 43 16.18 -40.28 46.16
N GLY F 44 15.02 -39.91 45.59
CA GLY F 44 14.99 -39.30 44.28
C GLY F 44 15.35 -37.83 44.30
N LEU F 45 15.56 -37.29 43.09
CA LEU F 45 15.91 -35.88 42.94
C LEU F 45 14.69 -35.01 43.19
N GLU F 46 14.89 -33.91 43.91
CA GLU F 46 13.82 -32.96 44.21
C GLU F 46 14.24 -31.57 43.74
N TRP F 47 13.45 -30.98 42.86
CA TRP F 47 13.66 -29.61 42.43
C TRP F 47 13.13 -28.66 43.49
N VAL F 48 13.94 -27.67 43.88
CA VAL F 48 13.56 -26.75 44.93
C VAL F 48 13.34 -25.33 44.42
N GLY F 49 13.77 -25.00 43.21
CA GLY F 49 13.53 -23.66 42.69
C GLY F 49 14.63 -23.14 41.79
N TYR F 50 14.24 -22.54 40.67
CA TYR F 50 15.18 -21.89 39.77
C TYR F 50 15.20 -20.39 40.03
N ILE F 51 16.22 -19.73 39.49
CA ILE F 51 16.38 -18.29 39.62
C ILE F 51 16.80 -17.73 38.26
N TYR F 52 16.13 -16.66 37.83
CA TYR F 52 16.51 -15.98 36.60
C TYR F 52 17.64 -14.98 36.89
N HIS F 53 18.30 -14.52 35.83
CA HIS F 53 19.35 -13.53 36.00
C HIS F 53 18.80 -12.17 36.37
N SER F 54 17.53 -11.89 36.07
CA SER F 54 16.93 -10.62 36.46
C SER F 54 16.62 -10.59 37.95
N GLY F 55 16.13 -11.70 38.50
CA GLY F 55 15.84 -11.78 39.92
C GLY F 55 14.58 -12.56 40.23
N SER F 56 13.77 -12.83 39.21
CA SER F 56 12.53 -13.58 39.40
C SER F 56 12.83 -15.04 39.70
N THR F 57 12.09 -15.61 40.64
CA THR F 57 12.28 -16.98 41.06
C THR F 57 10.92 -17.67 41.22
N SER F 58 10.96 -19.00 41.17
CA SER F 58 9.78 -19.83 41.36
C SER F 58 10.15 -20.94 42.34
N TYR F 59 9.83 -20.75 43.61
CA TYR F 59 10.26 -21.65 44.67
C TYR F 59 9.41 -22.91 44.68
N ASN F 60 9.89 -23.92 45.41
CA ASN F 60 9.12 -25.15 45.54
C ASN F 60 7.97 -24.94 46.52
N PRO F 61 6.74 -25.30 46.12
CA PRO F 61 5.59 -25.15 47.03
C PRO F 61 5.68 -26.01 48.28
N SER F 62 6.32 -27.18 48.20
CA SER F 62 6.46 -28.02 49.39
C SER F 62 7.45 -27.44 50.39
N LEU F 63 8.39 -26.61 49.91
CA LEU F 63 9.39 -25.99 50.77
C LEU F 63 9.30 -24.47 50.71
N LYS F 64 8.08 -23.94 50.73
CA LYS F 64 7.86 -22.50 50.63
C LYS F 64 8.28 -21.79 51.92
N SER F 65 8.79 -20.56 51.76
CA SER F 65 9.21 -19.68 52.85
C SER F 65 10.31 -20.30 53.70
N ARG F 66 11.17 -21.11 53.09
CA ARG F 66 12.33 -21.67 53.76
C ARG F 66 13.65 -21.43 53.03
N ILE F 67 13.62 -21.15 51.74
CA ILE F 67 14.83 -21.03 50.94
C ILE F 67 14.81 -19.68 50.23
N THR F 68 15.92 -18.94 50.36
CA THR F 68 16.08 -17.63 49.72
C THR F 68 17.23 -17.72 48.72
N ILE F 69 16.93 -18.11 47.48
CA ILE F 69 17.94 -18.14 46.42
C ILE F 69 18.16 -16.72 45.91
N SER F 70 19.43 -16.30 45.90
CA SER F 70 19.78 -14.98 45.42
C SER F 70 21.06 -15.06 44.61
N VAL F 71 21.17 -14.16 43.64
CA VAL F 71 22.36 -14.01 42.81
C VAL F 71 23.16 -12.82 43.32
N ALA F 72 24.47 -13.00 43.43
CA ALA F 72 25.36 -11.95 43.94
C ALA F 72 25.42 -10.78 42.96
N PRO F 73 25.80 -9.59 43.45
CA PRO F 73 26.06 -8.47 42.53
C PRO F 73 27.11 -8.77 41.48
N SER F 74 28.13 -9.57 41.80
CA SER F 74 29.01 -10.11 40.78
C SER F 74 28.23 -11.12 39.93
N LYS F 75 28.43 -11.05 38.63
CA LYS F 75 27.63 -11.84 37.69
C LYS F 75 28.17 -13.25 37.47
N ASN F 76 29.12 -13.70 38.29
CA ASN F 76 29.65 -15.05 38.21
C ASN F 76 29.50 -15.78 39.53
N HIS F 77 28.41 -15.50 40.26
CA HIS F 77 28.23 -16.04 41.60
C HIS F 77 26.76 -16.00 41.97
N PHE F 78 26.17 -17.16 42.27
CA PHE F 78 24.83 -17.23 42.81
C PHE F 78 24.78 -18.34 43.85
N SER F 79 23.93 -18.16 44.85
CA SER F 79 24.00 -18.97 46.06
C SER F 79 22.61 -19.34 46.56
N LEU F 80 22.58 -20.38 47.39
CA LEU F 80 21.39 -20.81 48.12
C LEU F 80 21.52 -20.38 49.57
N GLU F 81 20.38 -20.06 50.21
CA GLU F 81 20.37 -19.73 51.62
C GLU F 81 19.08 -20.30 52.21
N LEU F 82 19.21 -21.37 53.00
CA LEU F 82 18.08 -22.09 53.56
C LEU F 82 17.97 -21.77 55.05
N THR F 83 16.75 -21.50 55.50
CA THR F 83 16.48 -21.24 56.91
C THR F 83 15.81 -22.45 57.55
N SER F 84 16.04 -22.62 58.86
CA SER F 84 15.49 -23.68 59.68
C SER F 84 15.83 -25.07 59.15
N MET F 85 17.13 -25.37 59.16
CA MET F 85 17.63 -26.61 58.60
C MET F 85 17.22 -27.78 59.49
N THR F 86 16.70 -28.84 58.86
CA THR F 86 16.10 -29.95 59.57
C THR F 86 16.99 -31.18 59.41
N ALA F 87 16.99 -32.05 60.42
CA ALA F 87 17.73 -33.30 60.34
C ALA F 87 17.17 -34.22 59.27
N ALA F 88 15.86 -34.14 59.00
CA ALA F 88 15.29 -34.87 57.87
C ALA F 88 15.63 -34.24 56.53
N ASP F 89 16.13 -33.01 56.53
CA ASP F 89 16.49 -32.30 55.31
C ASP F 89 17.92 -32.57 54.87
N THR F 90 18.61 -33.53 55.49
CA THR F 90 19.97 -33.88 55.11
C THR F 90 19.99 -34.47 53.71
N ALA F 91 20.74 -33.85 52.82
CA ALA F 91 20.72 -34.21 51.41
C ALA F 91 22.08 -33.91 50.79
N VAL F 92 22.20 -34.26 49.50
CA VAL F 92 23.39 -33.97 48.72
C VAL F 92 22.99 -32.91 47.71
N TYR F 93 23.34 -31.66 47.97
CA TYR F 93 22.86 -30.55 47.17
C TYR F 93 23.63 -30.43 45.87
N TYR F 94 22.92 -30.19 44.78
CA TYR F 94 23.51 -30.06 43.45
C TYR F 94 23.32 -28.64 42.92
N CYS F 95 24.02 -28.35 41.83
CA CYS F 95 23.96 -27.02 41.22
C CYS F 95 24.03 -27.18 39.71
N ALA F 96 23.00 -26.72 39.01
CA ALA F 96 22.93 -26.96 37.58
C ALA F 96 22.04 -25.92 36.91
N ARG F 97 22.20 -25.82 35.59
CA ARG F 97 21.21 -25.20 34.71
C ARG F 97 20.66 -26.29 33.81
N LEU F 98 19.34 -26.39 33.73
CA LEU F 98 18.71 -27.55 33.13
C LEU F 98 18.20 -27.23 31.73
N GLY F 99 18.38 -28.19 30.82
CA GLY F 99 18.01 -28.01 29.43
C GLY F 99 16.57 -28.32 29.11
N GLY F 100 15.65 -27.69 29.84
CA GLY F 100 14.24 -27.82 29.56
C GLY F 100 13.54 -26.48 29.56
N HIS F 101 14.28 -25.45 29.94
CA HIS F 101 13.78 -24.08 30.02
C HIS F 101 14.07 -23.29 28.75
N GLY F 102 14.63 -23.92 27.73
CA GLY F 102 15.36 -23.19 26.72
C GLY F 102 16.11 -24.14 25.80
N ASP F 103 17.43 -23.96 25.69
CA ASP F 103 18.26 -24.85 24.90
C ASP F 103 18.14 -26.28 25.38
N TYR F 104 17.56 -27.13 24.54
CA TYR F 104 17.04 -28.41 25.00
C TYR F 104 18.11 -29.49 25.08
N GLY F 105 19.07 -29.49 24.16
CA GLY F 105 20.07 -30.53 24.13
C GLY F 105 21.36 -30.18 24.81
N SER F 106 21.30 -29.37 25.86
CA SER F 106 22.51 -28.95 26.56
C SER F 106 22.18 -28.64 28.01
N ASP F 107 22.87 -29.29 28.94
CA ASP F 107 22.79 -28.97 30.35
C ASP F 107 24.15 -29.19 31.00
N TYR F 108 24.38 -28.49 32.11
CA TYR F 108 25.64 -28.58 32.84
C TYR F 108 25.33 -28.69 34.33
N TRP F 109 25.80 -29.77 34.95
CA TRP F 109 25.59 -30.02 36.36
C TRP F 109 26.83 -29.66 37.16
N GLY F 110 26.68 -29.68 38.48
CA GLY F 110 27.81 -29.43 39.36
C GLY F 110 28.54 -30.71 39.72
N GLN F 111 29.07 -30.77 40.94
CA GLN F 111 29.76 -31.95 41.43
C GLN F 111 29.01 -32.66 42.54
N GLY F 112 28.37 -31.93 43.43
CA GLY F 112 27.62 -32.53 44.52
C GLY F 112 28.30 -32.35 45.87
N THR F 113 27.81 -31.40 46.66
CA THR F 113 28.37 -31.13 47.98
C THR F 113 27.61 -31.91 49.04
N LEU F 114 28.26 -32.14 50.17
CA LEU F 114 27.70 -32.90 51.28
C LEU F 114 27.39 -31.96 52.44
N VAL F 115 26.14 -31.97 52.89
CA VAL F 115 25.74 -31.29 54.11
C VAL F 115 25.20 -32.33 55.08
N THR F 116 25.41 -32.10 56.37
CA THR F 116 25.02 -33.05 57.41
C THR F 116 24.50 -32.27 58.61
N VAL F 117 23.34 -32.68 59.12
CA VAL F 117 22.71 -32.04 60.27
C VAL F 117 22.97 -32.94 61.47
N SER F 118 23.90 -32.52 62.34
CA SER F 118 24.21 -33.26 63.54
C SER F 118 24.73 -32.29 64.59
N SER F 119 24.64 -32.71 65.85
CA SER F 119 25.10 -31.89 66.96
C SER F 119 26.51 -32.30 67.39
N ASP G 1 0.83 -28.88 40.93
CA ASP G 1 1.81 -29.95 41.04
C ASP G 1 1.51 -31.09 40.07
N ILE G 2 2.54 -31.58 39.39
CA ILE G 2 2.42 -32.69 38.46
C ILE G 2 3.25 -33.84 39.00
N VAL G 3 2.61 -34.98 39.22
CA VAL G 3 3.26 -36.16 39.80
C VAL G 3 3.82 -37.02 38.68
N MET G 4 4.92 -37.70 38.96
CA MET G 4 5.59 -38.58 38.01
C MET G 4 5.53 -40.02 38.50
N THR G 5 5.25 -40.93 37.58
CA THR G 5 5.31 -42.36 37.87
C THR G 5 5.96 -43.07 36.68
N GLN G 6 6.56 -44.23 36.97
CA GLN G 6 7.26 -44.98 35.95
C GLN G 6 7.30 -46.44 36.34
N SER G 7 7.46 -47.31 35.34
CA SER G 7 7.47 -48.75 35.54
C SER G 7 8.63 -49.34 34.74
N PRO G 8 9.38 -50.31 35.29
CA PRO G 8 9.22 -50.82 36.65
C PRO G 8 10.06 -50.07 37.67
N VAL G 9 10.19 -50.62 38.88
CA VAL G 9 11.04 -50.00 39.89
C VAL G 9 12.49 -50.43 39.69
N SER G 10 12.72 -51.72 39.52
CA SER G 10 14.06 -52.25 39.30
C SER G 10 14.01 -53.28 38.18
N LEU G 11 14.69 -52.99 37.08
CA LEU G 11 14.73 -53.89 35.93
C LEU G 11 16.17 -54.37 35.74
N PRO G 12 16.48 -55.62 36.11
CA PRO G 12 17.85 -56.09 35.96
C PRO G 12 18.19 -56.42 34.52
N VAL G 13 19.43 -56.10 34.14
CA VAL G 13 19.91 -56.30 32.78
C VAL G 13 21.16 -57.16 32.79
N THR G 14 21.26 -58.06 31.82
CA THR G 14 22.35 -58.88 31.32
C THR G 14 23.08 -58.11 30.22
N PRO G 15 24.43 -58.18 30.15
CA PRO G 15 25.13 -57.45 29.08
C PRO G 15 24.82 -58.00 27.70
N GLY G 16 24.00 -57.23 26.99
CA GLY G 16 23.44 -57.58 25.71
C GLY G 16 22.01 -58.06 25.82
N GLU G 17 21.06 -57.12 25.66
CA GLU G 17 19.61 -57.27 25.71
C GLU G 17 18.93 -56.07 25.06
N PRO G 18 17.74 -56.25 24.48
CA PRO G 18 16.87 -55.10 24.19
C PRO G 18 16.05 -54.78 25.43
N ALA G 19 16.20 -53.56 25.93
CA ALA G 19 15.60 -53.16 27.21
C ALA G 19 14.73 -51.93 27.01
N SER G 20 13.74 -51.79 27.89
CA SER G 20 12.75 -50.72 27.77
C SER G 20 12.38 -50.19 29.15
N ILE G 21 12.53 -48.88 29.33
CA ILE G 21 12.10 -48.16 30.52
C ILE G 21 11.02 -47.17 30.11
N SER G 22 9.88 -47.20 30.80
CA SER G 22 8.74 -46.36 30.46
C SER G 22 8.42 -45.43 31.64
N CYS G 23 8.23 -44.15 31.34
CA CYS G 23 7.86 -43.15 32.34
C CYS G 23 6.53 -42.52 31.95
N ASN G 24 5.57 -42.53 32.87
CA ASN G 24 4.23 -42.01 32.64
C ASN G 24 4.08 -40.65 33.31
N SER G 25 3.00 -39.96 32.94
CA SER G 25 2.70 -38.63 33.46
C SER G 25 1.22 -38.53 33.77
N SER G 26 0.88 -37.64 34.71
CA SER G 26 -0.49 -37.41 35.10
C SER G 26 -1.18 -36.33 34.26
N GLN G 27 -0.46 -35.70 33.34
CA GLN G 27 -1.02 -34.66 32.50
C GLN G 27 -0.20 -34.62 31.21
N SER G 28 -0.87 -34.35 30.09
CA SER G 28 -0.23 -34.33 28.78
C SER G 28 0.82 -33.21 28.71
N LEU G 29 2.07 -33.60 28.49
CA LEU G 29 3.23 -32.71 28.58
C LEU G 29 3.61 -32.10 27.24
N LEU G 30 2.67 -31.48 26.54
CA LEU G 30 2.95 -30.83 25.25
C LEU G 30 2.82 -29.32 25.42
N HIS G 31 3.90 -28.60 25.15
CA HIS G 31 3.90 -27.14 25.17
C HIS G 31 3.35 -26.60 23.85
N SER G 32 3.26 -25.28 23.76
CA SER G 32 2.94 -24.64 22.49
C SER G 32 4.10 -24.85 21.53
N ASN G 33 3.92 -25.76 20.58
CA ASN G 33 4.98 -26.37 19.73
C ASN G 33 6.03 -26.96 20.69
N GLY G 34 7.32 -26.91 20.33
CA GLY G 34 8.39 -27.31 21.22
C GLY G 34 8.41 -28.77 21.62
N TYR G 35 7.76 -29.63 20.81
CA TYR G 35 7.59 -31.07 21.05
C TYR G 35 6.98 -31.36 22.42
N ALA G 36 7.44 -32.42 23.07
CA ALA G 36 6.92 -32.84 24.37
C ALA G 36 7.99 -32.59 25.43
N HIS G 37 7.63 -31.81 26.45
CA HIS G 37 8.60 -31.33 27.44
C HIS G 37 8.84 -32.37 28.55
N LEU G 38 9.54 -33.44 28.19
CA LEU G 38 10.08 -34.38 29.17
C LEU G 38 11.49 -34.77 28.75
N ASP G 39 12.39 -34.86 29.72
CA ASP G 39 13.79 -35.19 29.47
C ASP G 39 14.19 -36.37 30.34
N TRP G 40 15.24 -37.06 29.91
CA TRP G 40 15.71 -38.29 30.56
C TRP G 40 17.08 -38.05 31.18
N TYR G 41 17.22 -38.40 32.46
CA TYR G 41 18.48 -38.26 33.18
C TYR G 41 18.98 -39.62 33.63
N LEU G 42 20.30 -39.75 33.69
CA LEU G 42 20.96 -41.03 33.98
C LEU G 42 22.07 -40.76 34.97
N GLN G 43 21.96 -41.32 36.18
CA GLN G 43 22.87 -41.03 37.27
C GLN G 43 23.78 -42.23 37.54
N LYS G 44 25.08 -42.02 37.37
CA LYS G 44 26.07 -42.96 37.87
C LYS G 44 26.10 -42.91 39.40
N PRO G 45 26.45 -44.01 40.07
CA PRO G 45 26.61 -43.97 41.52
C PRO G 45 27.79 -43.10 41.94
N GLY G 46 27.52 -42.15 42.84
CA GLY G 46 28.54 -41.24 43.33
C GLY G 46 29.03 -40.23 42.32
N GLN G 47 28.15 -39.81 41.41
CA GLN G 47 28.43 -38.75 40.44
C GLN G 47 27.16 -37.93 40.28
N SER G 48 27.09 -37.14 39.22
CA SER G 48 25.95 -36.32 38.89
C SER G 48 25.28 -36.83 37.61
N PRO G 49 23.95 -36.70 37.50
CA PRO G 49 23.28 -37.14 36.27
C PRO G 49 23.64 -36.24 35.10
N LYS G 50 23.63 -36.82 33.90
CA LYS G 50 23.82 -36.08 32.67
C LYS G 50 22.74 -36.44 31.68
N LEU G 51 22.41 -35.51 30.79
CA LEU G 51 21.25 -35.66 29.91
C LEU G 51 21.48 -36.73 28.85
N MET G 52 20.51 -37.65 28.73
CA MET G 52 20.53 -38.67 27.70
C MET G 52 19.56 -38.36 26.57
N ILE G 53 18.28 -38.22 26.88
CA ILE G 53 17.26 -37.95 25.88
C ILE G 53 16.52 -36.69 26.29
N TYR G 54 16.48 -35.70 25.38
CA TYR G 54 15.75 -34.47 25.61
C TYR G 54 14.57 -34.38 24.67
N LEU G 55 13.49 -33.80 25.18
CA LEU G 55 12.19 -33.66 24.49
C LEU G 55 11.64 -35.01 24.03
N GLY G 56 11.82 -36.03 24.85
CA GLY G 56 11.18 -37.31 24.59
C GLY G 56 11.83 -38.25 23.60
N LEU G 57 12.27 -37.73 22.45
CA LEU G 57 12.73 -38.59 21.37
C LEU G 57 14.02 -38.12 20.71
N ASN G 58 14.68 -37.08 21.22
CA ASN G 58 15.90 -36.57 20.62
C ASN G 58 17.10 -36.93 21.50
N ARG G 59 18.19 -37.34 20.86
CA ARG G 59 19.39 -37.79 21.55
C ARG G 59 20.35 -36.62 21.76
N ALA G 60 20.89 -36.53 22.97
CA ALA G 60 21.84 -35.47 23.30
C ALA G 60 23.23 -35.82 22.79
N PHE G 61 24.13 -34.84 22.84
CA PHE G 61 25.51 -35.07 22.46
C PHE G 61 26.21 -35.94 23.48
N GLY G 62 27.11 -36.80 23.00
CA GLY G 62 27.80 -37.74 23.85
C GLY G 62 27.02 -38.99 24.18
N VAL G 63 25.82 -39.13 23.64
CA VAL G 63 24.94 -40.26 23.90
C VAL G 63 25.15 -41.28 22.78
N PRO G 64 25.48 -42.53 23.08
CA PRO G 64 25.58 -43.54 22.01
C PRO G 64 24.24 -43.84 21.38
N ASP G 65 24.30 -44.43 20.19
CA ASP G 65 23.10 -44.70 19.39
C ASP G 65 22.21 -45.79 19.97
N ARG G 66 22.69 -46.51 20.99
CA ARG G 66 21.86 -47.55 21.62
C ARG G 66 20.64 -46.95 22.33
N PHE G 67 20.79 -45.78 22.94
CA PHE G 67 19.67 -45.12 23.59
C PHE G 67 18.74 -44.52 22.54
N SER G 68 17.43 -44.71 22.74
CA SER G 68 16.44 -44.19 21.79
C SER G 68 15.13 -43.99 22.56
N GLY G 69 14.84 -42.74 22.91
CA GLY G 69 13.58 -42.42 23.54
C GLY G 69 12.45 -42.28 22.53
N SER G 70 11.23 -42.50 22.99
CA SER G 70 10.06 -42.41 22.14
C SER G 70 8.83 -42.20 23.00
N GLY G 71 7.74 -41.79 22.35
CA GLY G 71 6.49 -41.59 23.04
C GLY G 71 5.82 -40.28 22.73
N SER G 72 4.51 -40.19 23.02
CA SER G 72 3.76 -38.96 22.79
C SER G 72 2.63 -38.90 23.81
N GLY G 73 2.14 -37.69 24.03
CA GLY G 73 1.06 -37.47 24.98
C GLY G 73 1.49 -37.63 26.42
N THR G 74 1.03 -38.70 27.06
CA THR G 74 1.39 -38.99 28.44
C THR G 74 2.17 -40.28 28.62
N ASP G 75 2.37 -41.06 27.55
CA ASP G 75 3.13 -42.30 27.60
C ASP G 75 4.49 -42.06 26.94
N PHE G 76 5.55 -42.12 27.75
CA PHE G 76 6.91 -41.93 27.27
C PHE G 76 7.74 -43.15 27.66
N THR G 77 8.56 -43.62 26.72
CA THR G 77 9.30 -44.87 26.92
C THR G 77 10.70 -44.73 26.35
N LEU G 78 11.69 -45.13 27.14
CA LEU G 78 13.08 -45.18 26.72
C LEU G 78 13.46 -46.60 26.31
N LYS G 79 14.07 -46.73 25.13
CA LYS G 79 14.49 -48.02 24.61
C LYS G 79 16.01 -48.08 24.53
N ILE G 80 16.57 -49.24 24.88
CA ILE G 80 17.99 -49.52 24.72
C ILE G 80 18.11 -50.81 23.91
N SER G 81 18.81 -50.71 22.77
CA SER G 81 18.93 -51.85 21.86
C SER G 81 20.13 -52.73 22.16
N ARG G 82 21.03 -52.32 23.04
CA ARG G 82 22.22 -53.09 23.35
C ARG G 82 22.73 -52.63 24.71
N VAL G 83 22.75 -53.53 25.69
CA VAL G 83 23.11 -53.18 27.06
C VAL G 83 24.55 -53.60 27.32
N GLU G 84 25.38 -52.64 27.71
CA GLU G 84 26.73 -52.90 28.19
C GLU G 84 26.82 -52.61 29.67
N ALA G 85 28.04 -52.69 30.22
CA ALA G 85 28.26 -52.54 31.64
C ALA G 85 28.18 -51.10 32.13
N GLU G 86 28.22 -50.12 31.23
CA GLU G 86 28.23 -48.72 31.61
C GLU G 86 26.84 -48.10 31.66
N ASP G 87 25.78 -48.91 31.52
CA ASP G 87 24.41 -48.42 31.61
C ASP G 87 23.81 -48.64 32.99
N VAL G 88 24.60 -49.08 33.96
CA VAL G 88 24.11 -49.35 35.30
C VAL G 88 23.97 -48.04 36.05
N GLY G 89 22.80 -47.79 36.59
CA GLY G 89 22.54 -46.58 37.34
C GLY G 89 21.06 -46.29 37.44
N VAL G 90 20.74 -45.30 38.26
CA VAL G 90 19.36 -44.91 38.51
C VAL G 90 18.89 -43.98 37.39
N TYR G 91 17.67 -44.20 36.91
CA TYR G 91 17.11 -43.47 35.78
C TYR G 91 16.05 -42.52 36.31
N TYR G 92 16.13 -41.25 35.92
CA TYR G 92 15.17 -40.23 36.33
C TYR G 92 14.55 -39.58 35.11
N CYS G 93 13.23 -39.48 35.10
CA CYS G 93 12.48 -38.74 34.09
C CYS G 93 11.94 -37.46 34.70
N MET G 94 12.15 -36.33 34.02
CA MET G 94 11.76 -35.02 34.50
C MET G 94 10.83 -34.35 33.49
N GLN G 95 9.71 -33.82 33.98
CA GLN G 95 8.83 -32.96 33.20
C GLN G 95 9.31 -31.52 33.31
N ALA G 96 9.21 -30.78 32.21
CA ALA G 96 9.64 -29.38 32.17
C ALA G 96 8.58 -28.54 31.44
N LEU G 97 7.31 -28.81 31.75
CA LEU G 97 6.19 -28.12 31.13
C LEU G 97 5.73 -26.92 31.95
N GLN G 98 5.41 -27.11 33.23
CA GLN G 98 4.93 -26.03 34.08
C GLN G 98 5.48 -26.20 35.48
N THR G 99 5.64 -25.07 36.17
CA THR G 99 6.04 -25.11 37.57
C THR G 99 4.89 -25.66 38.43
N PRO G 100 5.19 -26.44 39.47
CA PRO G 100 6.49 -26.91 39.96
C PRO G 100 7.06 -28.08 39.17
N PHE G 101 8.36 -28.33 39.34
CA PHE G 101 9.08 -29.35 38.60
C PHE G 101 9.35 -30.53 39.52
N THR G 102 9.03 -31.73 39.05
CA THR G 102 9.19 -32.96 39.82
C THR G 102 9.97 -33.98 39.01
N PHE G 103 10.61 -34.91 39.71
CA PHE G 103 11.28 -36.05 39.10
C PHE G 103 10.43 -37.30 39.32
N GLY G 104 10.89 -38.41 38.76
CA GLY G 104 10.29 -39.70 39.01
C GLY G 104 10.81 -40.31 40.29
N PRO G 105 10.18 -41.39 40.74
CA PRO G 105 10.72 -42.15 41.89
C PRO G 105 12.11 -42.71 41.66
N GLY G 106 12.46 -43.03 40.42
CA GLY G 106 13.77 -43.56 40.08
C GLY G 106 13.69 -45.02 39.69
N THR G 107 14.44 -45.40 38.66
CA THR G 107 14.51 -46.77 38.18
C THR G 107 15.91 -47.28 38.48
N ARG G 108 16.04 -48.01 39.58
CA ARG G 108 17.32 -48.60 39.98
C ARG G 108 17.62 -49.78 39.06
N VAL G 109 18.46 -49.54 38.05
CA VAL G 109 18.79 -50.56 37.06
C VAL G 109 20.02 -51.30 37.58
N ASP G 110 19.81 -52.49 38.14
CA ASP G 110 20.89 -53.33 38.61
C ASP G 110 21.31 -54.30 37.49
N ILE G 111 22.09 -55.32 37.84
CA ILE G 111 22.57 -56.28 36.86
C ILE G 111 21.99 -57.65 37.15
N LYS G 112 22.30 -58.63 36.29
CA LYS G 112 21.83 -60.01 36.35
C LYS G 112 20.31 -60.12 36.38
N GLN H 1 26.49 -17.44 -36.55
CA GLN H 1 27.83 -17.07 -36.11
C GLN H 1 28.27 -15.77 -36.76
N VAL H 2 29.05 -14.98 -36.02
CA VAL H 2 29.57 -13.70 -36.51
C VAL H 2 30.98 -13.97 -37.01
N GLN H 3 31.11 -14.20 -38.32
CA GLN H 3 32.40 -14.45 -38.93
C GLN H 3 33.07 -13.13 -39.30
N LEU H 4 34.36 -13.03 -39.02
CA LEU H 4 35.13 -11.82 -39.28
C LEU H 4 36.21 -12.10 -40.30
N GLN H 5 36.55 -11.07 -41.09
CA GLN H 5 37.57 -11.18 -42.11
C GLN H 5 38.20 -9.82 -42.32
N GLU H 6 39.52 -9.76 -42.31
CA GLU H 6 40.26 -8.51 -42.43
C GLU H 6 41.13 -8.52 -43.67
N SER H 7 41.45 -7.32 -44.15
CA SER H 7 42.27 -7.14 -45.34
C SER H 7 43.00 -5.82 -45.24
N GLY H 8 44.07 -5.69 -46.04
CA GLY H 8 44.83 -4.47 -46.06
C GLY H 8 46.14 -4.62 -46.82
N PRO H 9 46.93 -3.55 -46.87
CA PRO H 9 48.21 -3.60 -47.59
C PRO H 9 49.25 -4.41 -46.82
N GLY H 10 50.29 -4.81 -47.54
CA GLY H 10 51.37 -5.58 -46.94
C GLY H 10 52.71 -4.89 -47.02
N LEU H 11 52.88 -3.99 -47.98
CA LEU H 11 54.10 -3.23 -48.16
C LEU H 11 53.82 -1.77 -47.82
N VAL H 12 54.34 -1.31 -46.69
CA VAL H 12 54.05 0.02 -46.17
C VAL H 12 55.36 0.71 -45.85
N LYS H 13 55.54 1.92 -46.37
CA LYS H 13 56.76 2.68 -46.15
C LYS H 13 56.84 3.13 -44.69
N PRO H 14 58.06 3.31 -44.15
CA PRO H 14 58.19 3.85 -42.80
C PRO H 14 57.69 5.28 -42.70
N SER H 15 57.20 5.62 -41.50
CA SER H 15 56.61 6.93 -41.18
C SER H 15 55.47 7.29 -42.14
N GLU H 16 54.63 6.31 -42.43
CA GLU H 16 53.47 6.48 -43.30
C GLU H 16 52.23 6.00 -42.57
N THR H 17 51.09 6.62 -42.86
CA THR H 17 49.85 6.29 -42.16
C THR H 17 49.31 4.94 -42.63
N LEU H 18 49.31 3.97 -41.72
CA LEU H 18 48.75 2.66 -42.00
C LEU H 18 47.23 2.68 -41.90
N SER H 19 46.58 1.86 -42.72
CA SER H 19 45.12 1.77 -42.75
C SER H 19 44.72 0.34 -43.08
N LEU H 20 43.90 -0.27 -42.24
CA LEU H 20 43.37 -1.61 -42.45
C LEU H 20 41.85 -1.54 -42.61
N THR H 21 41.24 -2.73 -42.69
CA THR H 21 39.80 -2.88 -42.66
C THR H 21 39.48 -4.28 -42.13
N CYS H 22 38.24 -4.44 -41.65
CA CYS H 22 37.79 -5.73 -41.13
C CYS H 22 36.28 -5.78 -41.29
N SER H 23 35.82 -6.48 -42.32
CA SER H 23 34.40 -6.57 -42.66
C SER H 23 33.81 -7.82 -42.03
N VAL H 24 32.78 -7.64 -41.21
CA VAL H 24 32.15 -8.78 -40.55
C VAL H 24 31.12 -9.42 -41.46
N SER H 25 30.73 -10.64 -41.11
CA SER H 25 29.68 -11.35 -41.85
C SER H 25 28.91 -12.22 -40.85
N GLY H 26 27.60 -12.30 -41.04
CA GLY H 26 26.73 -12.98 -40.11
C GLY H 26 26.08 -12.07 -39.08
N GLY H 27 26.54 -10.84 -38.97
CA GLY H 27 25.94 -9.88 -38.06
C GLY H 27 26.27 -8.49 -38.53
N SER H 28 26.29 -7.54 -37.59
CA SER H 28 26.63 -6.16 -37.89
C SER H 28 27.16 -5.50 -36.64
N ILE H 29 27.89 -4.41 -36.82
CA ILE H 29 28.42 -3.66 -35.69
C ILE H 29 27.30 -2.79 -35.14
N ASN H 30 26.59 -3.31 -34.14
CA ASN H 30 25.60 -2.53 -33.42
C ASN H 30 25.64 -2.86 -31.92
N SER H 31 26.60 -3.67 -31.48
CA SER H 31 26.70 -4.09 -30.09
C SER H 31 28.13 -4.51 -29.83
N TYR H 32 28.49 -4.48 -28.54
CA TYR H 32 29.70 -5.10 -27.98
C TYR H 32 31.00 -4.41 -28.44
N TYR H 33 32.12 -4.81 -27.83
CA TYR H 33 33.42 -4.22 -28.11
C TYR H 33 34.09 -4.98 -29.24
N TRP H 34 34.79 -4.25 -30.10
CA TRP H 34 35.48 -4.84 -31.24
C TRP H 34 36.97 -4.56 -31.09
N THR H 35 37.77 -5.61 -31.06
CA THR H 35 39.11 -5.59 -30.51
C THR H 35 40.13 -5.84 -31.63
N TRP H 36 41.32 -5.25 -31.48
CA TRP H 36 42.32 -5.17 -32.55
C TRP H 36 43.65 -5.78 -32.12
N ILE H 37 43.64 -7.05 -31.67
CA ILE H 37 44.79 -7.75 -31.10
C ILE H 37 46.01 -7.68 -32.03
N ARG H 38 47.16 -7.36 -31.44
CA ARG H 38 48.42 -7.15 -32.12
C ARG H 38 49.39 -8.28 -31.83
N GLN H 39 50.18 -8.68 -32.82
CA GLN H 39 51.22 -9.67 -32.57
C GLN H 39 52.46 -9.45 -33.43
N PRO H 40 53.57 -9.00 -32.84
CA PRO H 40 54.86 -9.03 -33.54
C PRO H 40 55.30 -10.46 -33.77
N PRO H 41 56.09 -10.72 -34.82
CA PRO H 41 56.49 -12.10 -35.14
C PRO H 41 57.41 -12.68 -34.08
N GLY H 42 56.98 -13.80 -33.49
CA GLY H 42 57.75 -14.44 -32.44
C GLY H 42 57.54 -13.89 -31.05
N LYS H 43 56.71 -12.87 -30.89
CA LYS H 43 56.44 -12.23 -29.61
C LYS H 43 55.01 -12.53 -29.18
N GLY H 44 54.67 -12.10 -27.96
CA GLY H 44 53.36 -12.35 -27.40
C GLY H 44 52.29 -11.42 -27.94
N LEU H 45 51.05 -11.78 -27.65
CA LEU H 45 49.91 -10.96 -28.07
C LEU H 45 49.85 -9.68 -27.26
N GLU H 46 49.50 -8.58 -27.90
CA GLU H 46 49.36 -7.28 -27.24
C GLU H 46 48.05 -6.65 -27.67
N TRP H 47 47.32 -6.08 -26.71
CA TRP H 47 46.05 -5.42 -27.00
C TRP H 47 46.29 -3.93 -27.19
N VAL H 48 45.75 -3.38 -28.27
CA VAL H 48 45.95 -1.96 -28.59
C VAL H 48 44.70 -1.12 -28.32
N GLY H 49 43.51 -1.70 -28.37
CA GLY H 49 42.33 -0.92 -28.09
C GLY H 49 41.06 -1.45 -28.72
N TYR H 50 39.97 -1.42 -27.98
CA TYR H 50 38.67 -1.83 -28.49
C TYR H 50 37.83 -0.62 -28.86
N ILE H 51 36.78 -0.88 -29.64
CA ILE H 51 35.84 0.15 -30.07
C ILE H 51 34.43 -0.35 -29.82
N TYR H 52 33.61 0.46 -29.16
CA TYR H 52 32.22 0.15 -28.96
C TYR H 52 31.42 0.68 -30.14
N HIS H 53 30.17 0.21 -30.30
CA HIS H 53 29.43 0.57 -31.50
C HIS H 53 28.99 2.02 -31.50
N SER H 54 28.88 2.66 -30.33
CA SER H 54 28.52 4.07 -30.27
C SER H 54 29.67 4.96 -30.70
N GLY H 55 30.90 4.61 -30.29
CA GLY H 55 32.06 5.40 -30.64
C GLY H 55 33.05 5.52 -29.50
N SER H 56 32.67 5.06 -28.31
CA SER H 56 33.52 5.15 -27.14
C SER H 56 34.73 4.23 -27.26
N THR H 57 35.89 4.71 -26.82
CA THR H 57 37.15 4.03 -27.04
C THR H 57 37.90 3.88 -25.73
N SER H 58 38.78 2.89 -25.69
CA SER H 58 39.77 2.71 -24.62
C SER H 58 41.06 2.26 -25.28
N TYR H 59 41.98 3.18 -25.49
CA TYR H 59 43.21 2.91 -26.22
C TYR H 59 44.30 2.40 -25.28
N ASN H 60 45.32 1.80 -25.87
CA ASN H 60 46.47 1.33 -25.10
C ASN H 60 47.34 2.52 -24.68
N PRO H 61 47.74 2.59 -23.41
CA PRO H 61 48.61 3.69 -22.96
C PRO H 61 49.99 3.69 -23.62
N SER H 62 50.51 2.53 -24.02
CA SER H 62 51.82 2.49 -24.66
C SER H 62 51.78 3.05 -26.07
N LEU H 63 50.62 2.99 -26.74
CA LEU H 63 50.46 3.50 -28.09
C LEU H 63 49.43 4.64 -28.13
N LYS H 64 49.43 5.51 -27.13
CA LYS H 64 48.51 6.64 -27.12
C LYS H 64 48.94 7.67 -28.14
N SER H 65 47.95 8.31 -28.78
CA SER H 65 48.12 9.31 -29.84
C SER H 65 48.92 8.78 -31.03
N ARG H 66 48.75 7.49 -31.32
CA ARG H 66 49.35 6.87 -32.49
C ARG H 66 48.35 6.14 -33.37
N ILE H 67 47.14 5.89 -32.89
CA ILE H 67 46.16 5.06 -33.60
C ILE H 67 44.83 5.79 -33.58
N THR H 68 44.04 5.61 -34.64
CA THR H 68 42.67 6.14 -34.73
C THR H 68 41.75 5.00 -35.13
N ILE H 69 41.23 4.27 -34.14
CA ILE H 69 40.28 3.20 -34.40
C ILE H 69 38.89 3.79 -34.51
N SER H 70 38.21 3.51 -35.63
CA SER H 70 36.91 4.09 -35.90
C SER H 70 36.07 3.12 -36.70
N VAL H 71 34.75 3.30 -36.62
CA VAL H 71 33.78 2.49 -37.36
C VAL H 71 33.22 3.32 -38.50
N ALA H 72 33.11 2.69 -39.68
CA ALA H 72 32.47 3.31 -40.83
C ALA H 72 30.98 3.54 -40.55
N PRO H 73 30.36 4.54 -41.20
CA PRO H 73 28.91 4.72 -41.01
C PRO H 73 28.06 3.55 -41.49
N SER H 74 28.56 2.76 -42.45
CA SER H 74 27.97 1.45 -42.69
C SER H 74 28.23 0.55 -41.50
N LYS H 75 27.20 -0.16 -41.05
CA LYS H 75 27.26 -0.90 -39.80
C LYS H 75 27.88 -2.28 -39.93
N ASN H 76 28.48 -2.60 -41.07
CA ASN H 76 29.17 -3.86 -41.27
C ASN H 76 30.63 -3.64 -41.64
N HIS H 77 31.24 -2.59 -41.11
CA HIS H 77 32.60 -2.21 -41.51
C HIS H 77 33.22 -1.36 -40.42
N PHE H 78 34.30 -1.84 -39.82
CA PHE H 78 35.09 -1.03 -38.89
C PHE H 78 36.56 -1.28 -39.15
N SER H 79 37.37 -0.26 -38.94
CA SER H 79 38.73 -0.24 -39.47
C SER H 79 39.72 0.30 -38.45
N LEU H 80 40.99 -0.02 -38.69
CA LEU H 80 42.12 0.52 -37.96
C LEU H 80 42.85 1.53 -38.82
N GLU H 81 43.41 2.56 -38.18
CA GLU H 81 44.21 3.55 -38.89
C GLU H 81 45.27 4.07 -37.92
N LEU H 82 46.52 3.68 -38.16
CA LEU H 82 47.63 4.02 -37.28
C LEU H 82 48.58 4.96 -38.01
N THR H 83 48.98 6.04 -37.33
CA THR H 83 49.90 7.02 -37.86
C THR H 83 51.30 6.80 -37.29
N SER H 84 52.30 7.29 -38.04
CA SER H 84 53.73 7.19 -37.71
C SER H 84 54.15 5.74 -37.51
N MET H 85 54.04 4.97 -38.58
CA MET H 85 54.33 3.54 -38.52
C MET H 85 55.83 3.31 -38.39
N THR H 86 56.20 2.44 -37.47
CA THR H 86 57.59 2.22 -37.09
C THR H 86 58.02 0.83 -37.55
N ALA H 87 59.28 0.69 -37.97
CA ALA H 87 59.82 -0.60 -38.37
C ALA H 87 59.81 -1.60 -37.23
N ALA H 88 59.90 -1.14 -35.99
CA ALA H 88 59.77 -2.02 -34.84
C ALA H 88 58.32 -2.48 -34.63
N ASP H 89 57.36 -1.79 -35.24
CA ASP H 89 55.95 -2.15 -35.12
C ASP H 89 55.48 -3.11 -36.20
N THR H 90 56.41 -3.77 -36.91
CA THR H 90 56.03 -4.81 -37.85
C THR H 90 55.42 -5.99 -37.10
N ALA H 91 54.20 -6.34 -37.47
CA ALA H 91 53.42 -7.27 -36.65
C ALA H 91 52.38 -7.97 -37.52
N VAL H 92 51.70 -8.94 -36.92
CA VAL H 92 50.59 -9.66 -37.52
C VAL H 92 49.33 -9.16 -36.84
N TYR H 93 48.52 -8.38 -37.56
CA TYR H 93 47.37 -7.74 -36.97
C TYR H 93 46.16 -8.67 -37.01
N TYR H 94 45.44 -8.75 -35.89
CA TYR H 94 44.31 -9.64 -35.74
C TYR H 94 43.04 -8.81 -35.53
N CYS H 95 41.90 -9.42 -35.82
CA CYS H 95 40.62 -8.73 -35.71
C CYS H 95 39.62 -9.65 -35.03
N ALA H 96 39.08 -9.24 -33.89
CA ALA H 96 38.24 -10.13 -33.09
C ALA H 96 37.34 -9.32 -32.18
N ARG H 97 36.29 -9.99 -31.69
CA ARG H 97 35.55 -9.55 -30.51
C ARG H 97 35.75 -10.60 -29.44
N LEU H 98 36.19 -10.16 -28.26
CA LEU H 98 36.70 -11.07 -27.25
C LEU H 98 35.67 -11.33 -26.16
N GLY H 99 35.57 -12.59 -25.75
CA GLY H 99 34.58 -13.01 -24.78
C GLY H 99 34.96 -12.81 -23.33
N GLY H 100 35.27 -11.57 -22.97
CA GLY H 100 35.54 -11.23 -21.59
C GLY H 100 34.82 -9.97 -21.18
N HIS H 101 34.19 -9.33 -22.16
CA HIS H 101 33.46 -8.08 -21.97
C HIS H 101 31.96 -8.30 -21.77
N GLY H 102 31.51 -9.55 -21.75
CA GLY H 102 30.12 -9.84 -22.06
C GLY H 102 29.89 -11.33 -22.17
N ASP H 103 29.37 -11.77 -23.32
CA ASP H 103 29.20 -13.20 -23.60
C ASP H 103 30.52 -13.94 -23.45
N TYR H 104 30.60 -14.79 -22.43
CA TYR H 104 31.89 -15.28 -21.96
C TYR H 104 32.37 -16.51 -22.71
N GLY H 105 31.47 -17.40 -23.10
CA GLY H 105 31.88 -18.63 -23.76
C GLY H 105 31.83 -18.55 -25.28
N SER H 106 32.06 -17.37 -25.84
CA SER H 106 31.96 -17.18 -27.28
C SER H 106 32.84 -16.03 -27.71
N ASP H 107 33.84 -16.32 -28.54
CA ASP H 107 34.61 -15.29 -29.21
C ASP H 107 34.87 -15.69 -30.65
N TYR H 108 35.06 -14.69 -31.51
CA TYR H 108 35.25 -14.90 -32.93
C TYR H 108 36.46 -14.10 -33.39
N TRP H 109 37.47 -14.79 -33.90
CA TRP H 109 38.70 -14.16 -34.34
C TRP H 109 38.72 -14.01 -35.86
N GLY H 110 39.71 -13.27 -36.34
CA GLY H 110 39.90 -13.10 -37.77
C GLY H 110 40.80 -14.16 -38.36
N GLN H 111 41.47 -13.86 -39.46
CA GLN H 111 42.37 -14.81 -40.11
C GLN H 111 43.84 -14.45 -39.95
N GLY H 112 44.18 -13.18 -40.03
CA GLY H 112 45.56 -12.76 -39.87
C GLY H 112 46.17 -12.13 -41.10
N THR H 113 46.32 -10.81 -41.08
CA THR H 113 46.95 -10.08 -42.16
C THR H 113 48.41 -9.81 -41.82
N LEU H 114 49.23 -9.61 -42.85
CA LEU H 114 50.65 -9.33 -42.67
C LEU H 114 50.94 -7.91 -43.14
N VAL H 115 51.57 -7.12 -42.28
CA VAL H 115 52.07 -5.80 -42.64
C VAL H 115 53.58 -5.78 -42.42
N THR H 116 54.29 -5.13 -43.33
CA THR H 116 55.75 -5.10 -43.31
C THR H 116 56.21 -3.67 -43.55
N VAL H 117 57.11 -3.19 -42.69
CA VAL H 117 57.64 -1.83 -42.77
C VAL H 117 59.03 -1.93 -43.40
N SER H 118 59.12 -1.60 -44.68
CA SER H 118 60.39 -1.63 -45.39
C SER H 118 60.35 -0.62 -46.52
N SER H 119 61.54 -0.25 -47.00
CA SER H 119 61.66 0.71 -48.09
C SER H 119 61.90 -0.01 -49.41
N ASP I 1 47.78 -0.26 -15.44
CA ASP I 1 48.31 -1.43 -16.12
C ASP I 1 48.45 -2.60 -15.15
N ILE I 2 48.01 -3.78 -15.60
CA ILE I 2 48.05 -5.00 -14.81
C ILE I 2 48.94 -5.99 -15.55
N VAL I 3 49.98 -6.49 -14.88
CA VAL I 3 50.98 -7.32 -15.52
C VAL I 3 50.69 -8.80 -15.27
N MET I 4 50.95 -9.62 -16.28
CA MET I 4 50.78 -11.06 -16.22
C MET I 4 52.14 -11.75 -16.14
N THR I 5 52.21 -12.79 -15.32
CA THR I 5 53.34 -13.70 -15.30
C THR I 5 52.80 -15.13 -15.21
N GLN I 6 53.58 -16.06 -15.72
CA GLN I 6 53.15 -17.45 -15.73
C GLN I 6 54.38 -18.37 -15.74
N SER I 7 54.18 -19.59 -15.23
CA SER I 7 55.24 -20.56 -15.09
C SER I 7 54.73 -21.90 -15.60
N PRO I 8 55.55 -22.66 -16.35
CA PRO I 8 56.90 -22.27 -16.79
C PRO I 8 56.88 -21.55 -18.13
N VAL I 9 58.07 -21.27 -18.66
CA VAL I 9 58.16 -20.62 -19.97
C VAL I 9 57.93 -21.64 -21.08
N SER I 10 58.60 -22.79 -20.99
CA SER I 10 58.45 -23.85 -21.99
C SER I 10 58.33 -25.17 -21.25
N LEU I 11 57.19 -25.84 -21.40
CA LEU I 11 56.95 -27.14 -20.78
C LEU I 11 56.80 -28.18 -21.89
N PRO I 12 57.81 -28.99 -22.14
CA PRO I 12 57.67 -30.06 -23.15
C PRO I 12 56.69 -31.12 -22.69
N VAL I 13 55.95 -31.68 -23.65
CA VAL I 13 54.95 -32.70 -23.39
C VAL I 13 55.26 -33.93 -24.22
N THR I 14 54.99 -35.10 -23.65
CA THR I 14 54.96 -36.50 -24.05
C THR I 14 53.51 -36.92 -24.28
N PRO I 15 53.19 -37.66 -25.36
CA PRO I 15 51.79 -37.99 -25.64
C PRO I 15 51.21 -38.96 -24.61
N GLY I 16 50.43 -38.37 -23.71
CA GLY I 16 49.72 -39.07 -22.64
C GLY I 16 50.45 -38.97 -21.32
N GLU I 17 50.09 -37.94 -20.53
CA GLU I 17 50.57 -37.55 -19.21
C GLU I 17 49.59 -36.53 -18.64
N PRO I 18 49.52 -36.35 -17.31
CA PRO I 18 48.84 -35.18 -16.77
C PRO I 18 49.78 -33.98 -16.72
N ALA I 19 49.37 -32.89 -17.36
CA ALA I 19 50.18 -31.69 -17.47
C ALA I 19 49.45 -30.50 -16.87
N SER I 20 50.22 -29.51 -16.43
CA SER I 20 49.66 -28.35 -15.73
C SER I 20 50.36 -27.08 -16.19
N ILE I 21 49.55 -26.06 -16.49
CA ILE I 21 50.03 -24.72 -16.83
C ILE I 21 49.37 -23.73 -15.89
N SER I 22 50.18 -22.90 -15.23
CA SER I 22 49.69 -21.96 -14.23
C SER I 22 50.03 -20.53 -14.66
N CYS I 23 49.06 -19.63 -14.55
CA CYS I 23 49.24 -18.23 -14.87
C CYS I 23 48.87 -17.37 -13.66
N ASN I 24 49.77 -16.48 -13.28
CA ASN I 24 49.59 -15.64 -12.10
C ASN I 24 49.24 -14.22 -12.50
N SER I 25 48.77 -13.45 -11.53
CA SER I 25 48.36 -12.06 -11.75
C SER I 25 48.87 -11.20 -10.60
N SER I 26 49.01 -9.90 -10.87
CA SER I 26 49.50 -8.95 -9.89
C SER I 26 48.40 -8.30 -9.06
N GLN I 27 47.13 -8.60 -9.36
CA GLN I 27 46.01 -8.00 -8.65
C GLN I 27 44.83 -8.96 -8.74
N SER I 28 44.03 -9.01 -7.67
CA SER I 28 42.89 -9.92 -7.59
C SER I 28 41.88 -9.66 -8.69
N LEU I 29 41.64 -10.68 -9.51
CA LEU I 29 40.86 -10.54 -10.74
C LEU I 29 39.42 -11.02 -10.52
N LEU I 30 38.66 -10.22 -9.77
CA LEU I 30 37.24 -10.47 -9.55
C LEU I 30 36.46 -9.20 -9.83
N HIS I 31 35.50 -9.28 -10.74
CA HIS I 31 34.65 -8.15 -11.10
C HIS I 31 33.27 -8.39 -10.48
N SER I 32 33.11 -7.94 -9.23
CA SER I 32 31.92 -8.13 -8.41
C SER I 32 31.50 -9.59 -8.33
N ASN I 33 30.32 -9.91 -8.85
CA ASN I 33 29.84 -11.29 -8.88
C ASN I 33 30.06 -11.96 -10.22
N GLY I 34 30.79 -11.33 -11.14
CA GLY I 34 31.05 -11.88 -12.45
C GLY I 34 32.21 -12.84 -12.53
N TYR I 35 32.46 -13.62 -11.47
CA TYR I 35 33.45 -14.69 -11.41
C TYR I 35 34.86 -14.14 -11.54
N ALA I 36 35.81 -14.98 -11.96
CA ALA I 36 37.20 -14.58 -12.11
C ALA I 36 37.47 -14.23 -13.56
N HIS I 37 37.61 -12.93 -13.86
CA HIS I 37 37.79 -12.46 -15.22
C HIS I 37 39.20 -12.76 -15.72
N LEU I 38 39.41 -14.02 -16.07
CA LEU I 38 40.62 -14.44 -16.80
C LEU I 38 40.25 -15.54 -17.78
N ASP I 39 40.79 -15.44 -18.99
CA ASP I 39 40.46 -16.35 -20.08
C ASP I 39 41.73 -17.03 -20.58
N TRP I 40 41.56 -18.23 -21.12
CA TRP I 40 42.67 -19.04 -21.61
C TRP I 40 42.55 -19.23 -23.12
N TYR I 41 43.64 -18.99 -23.83
CA TYR I 41 43.70 -19.11 -25.28
C TYR I 41 44.66 -20.22 -25.67
N LEU I 42 44.73 -20.49 -26.97
CA LEU I 42 45.65 -21.49 -27.51
C LEU I 42 45.93 -21.11 -28.96
N GLN I 43 47.18 -20.70 -29.23
CA GLN I 43 47.53 -20.23 -30.59
C GLN I 43 48.29 -21.30 -31.38
N LYS I 44 47.61 -21.98 -32.30
CA LYS I 44 48.28 -22.91 -33.19
C LYS I 44 49.29 -22.15 -34.05
N PRO I 45 50.39 -22.80 -34.46
CA PRO I 45 51.35 -22.13 -35.35
C PRO I 45 50.74 -21.88 -36.73
N GLY I 46 50.77 -20.63 -37.16
CA GLY I 46 50.14 -20.24 -38.40
C GLY I 46 48.63 -20.16 -38.34
N GLN I 47 48.07 -19.91 -37.16
CA GLN I 47 46.63 -19.88 -36.99
C GLN I 47 46.31 -18.97 -35.80
N SER I 48 45.20 -18.20 -35.94
CA SER I 48 44.67 -17.33 -34.90
C SER I 48 44.20 -18.15 -33.70
N PRO I 49 44.36 -17.64 -32.48
CA PRO I 49 43.96 -18.39 -31.30
C PRO I 49 42.45 -18.48 -31.18
N LYS I 50 42.04 -19.49 -30.40
CA LYS I 50 40.60 -19.69 -30.12
C LYS I 50 40.47 -19.83 -28.60
N LEU I 51 39.28 -19.58 -28.06
CA LEU I 51 39.05 -19.69 -26.63
C LEU I 51 39.00 -21.14 -26.19
N MET I 52 39.67 -21.44 -25.08
CA MET I 52 39.69 -22.78 -24.49
C MET I 52 38.97 -22.82 -23.16
N ILE I 53 39.39 -22.00 -22.20
CA ILE I 53 38.75 -21.91 -20.89
C ILE I 53 38.40 -20.46 -20.63
N TYR I 54 37.13 -20.20 -20.35
CA TYR I 54 36.66 -18.85 -20.03
C TYR I 54 36.29 -18.78 -18.56
N LEU I 55 36.59 -17.62 -17.96
CA LEU I 55 36.40 -17.32 -16.54
C LEU I 55 37.10 -18.32 -15.64
N GLY I 56 38.29 -18.75 -16.04
CA GLY I 56 39.11 -19.59 -15.18
C GLY I 56 38.81 -21.07 -15.07
N LEU I 57 37.53 -21.43 -14.96
CA LEU I 57 37.17 -22.82 -14.69
C LEU I 57 36.04 -23.35 -15.56
N ASN I 58 35.55 -22.59 -16.53
CA ASN I 58 34.46 -23.03 -17.39
C ASN I 58 34.98 -23.34 -18.79
N ARG I 59 34.49 -24.43 -19.38
CA ARG I 59 34.95 -24.90 -20.67
C ARG I 59 34.07 -24.35 -21.79
N ALA I 60 34.70 -23.86 -22.85
CA ALA I 60 33.99 -23.35 -24.00
C ALA I 60 33.53 -24.48 -24.90
N PHE I 61 32.72 -24.14 -25.90
CA PHE I 61 32.26 -25.12 -26.87
C PHE I 61 33.41 -25.55 -27.78
N GLY I 62 33.37 -26.82 -28.20
CA GLY I 62 34.42 -27.38 -29.02
C GLY I 62 35.66 -27.79 -28.27
N VAL I 63 35.67 -27.64 -26.95
CA VAL I 63 36.82 -27.96 -26.11
C VAL I 63 36.64 -29.39 -25.61
N PRO I 64 37.61 -30.28 -25.81
CA PRO I 64 37.50 -31.62 -25.24
C PRO I 64 37.58 -31.59 -23.72
N ASP I 65 37.11 -32.68 -23.11
CA ASP I 65 37.02 -32.79 -21.66
C ASP I 65 38.38 -32.90 -20.98
N ARG I 66 39.46 -33.09 -21.73
CA ARG I 66 40.80 -33.17 -21.15
C ARG I 66 41.22 -31.84 -20.51
N PHE I 67 40.83 -30.71 -21.11
CA PHE I 67 41.13 -29.41 -20.53
C PHE I 67 40.23 -29.17 -19.33
N SER I 68 40.80 -28.65 -18.24
CA SER I 68 40.03 -28.33 -17.04
C SER I 68 40.79 -27.24 -16.28
N GLY I 69 40.32 -26.01 -16.42
CA GLY I 69 40.92 -24.91 -15.67
C GLY I 69 40.42 -24.84 -14.25
N SER I 70 41.22 -24.20 -13.40
CA SER I 70 40.87 -24.05 -11.99
C SER I 70 41.62 -22.86 -11.42
N GLY I 71 41.16 -22.39 -10.27
CA GLY I 71 41.83 -21.30 -9.58
C GLY I 71 40.90 -20.20 -9.12
N SER I 72 41.35 -19.41 -8.16
CA SER I 72 40.58 -18.29 -7.64
C SER I 72 41.53 -17.20 -7.15
N GLY I 73 41.01 -15.98 -7.06
CA GLY I 73 41.79 -14.85 -6.60
C GLY I 73 42.83 -14.40 -7.60
N THR I 74 44.10 -14.65 -7.31
CA THR I 74 45.19 -14.29 -8.20
C THR I 74 45.98 -15.47 -8.73
N ASP I 75 45.65 -16.70 -8.29
CA ASP I 75 46.32 -17.90 -8.76
C ASP I 75 45.34 -18.69 -9.63
N PHE I 76 45.67 -18.82 -10.91
CA PHE I 76 44.89 -19.59 -11.87
C PHE I 76 45.79 -20.62 -12.54
N THR I 77 45.27 -21.84 -12.71
CA THR I 77 46.08 -22.94 -13.23
C THR I 77 45.21 -23.79 -14.15
N LEU I 78 45.76 -24.13 -15.31
CA LEU I 78 45.11 -25.00 -16.28
C LEU I 78 45.63 -26.42 -16.14
N LYS I 79 44.71 -27.40 -16.15
CA LYS I 79 45.05 -28.81 -16.07
C LYS I 79 44.73 -29.48 -17.39
N ILE I 80 45.60 -30.38 -17.82
CA ILE I 80 45.34 -31.27 -18.94
C ILE I 80 45.53 -32.70 -18.45
N SER I 81 44.47 -33.51 -18.55
CA SER I 81 44.50 -34.87 -18.03
C SER I 81 44.98 -35.88 -19.06
N ARG I 82 45.13 -35.50 -20.32
CA ARG I 82 45.55 -36.41 -21.37
C ARG I 82 46.11 -35.57 -22.51
N VAL I 83 47.38 -35.75 -22.84
CA VAL I 83 48.05 -34.93 -23.84
C VAL I 83 48.11 -35.69 -25.16
N GLU I 84 47.53 -35.11 -26.20
CA GLU I 84 47.63 -35.64 -27.56
C GLU I 84 48.55 -34.73 -28.38
N ALA I 85 48.68 -35.06 -29.66
CA ALA I 85 49.56 -34.33 -30.56
C ALA I 85 48.98 -32.99 -31.02
N GLU I 86 47.69 -32.74 -30.80
CA GLU I 86 47.05 -31.52 -31.24
C GLU I 86 47.04 -30.43 -30.17
N ASP I 87 47.73 -30.65 -29.06
CA ASP I 87 47.80 -29.67 -27.98
C ASP I 87 49.04 -28.80 -28.07
N VAL I 88 49.82 -28.92 -29.15
CA VAL I 88 51.05 -28.15 -29.31
C VAL I 88 50.69 -26.74 -29.75
N GLY I 89 51.21 -25.75 -29.03
CA GLY I 89 50.98 -24.36 -29.37
C GLY I 89 51.28 -23.46 -28.20
N VAL I 90 51.30 -22.16 -28.48
CA VAL I 90 51.58 -21.16 -27.47
C VAL I 90 50.32 -20.89 -26.65
N TYR I 91 50.46 -20.87 -25.33
CA TYR I 91 49.35 -20.71 -24.41
C TYR I 91 49.38 -19.29 -23.85
N TYR I 92 48.30 -18.56 -24.05
CA TYR I 92 48.18 -17.18 -23.59
C TYR I 92 47.07 -17.07 -22.56
N CYS I 93 47.36 -16.43 -21.43
CA CYS I 93 46.35 -16.13 -20.42
C CYS I 93 46.03 -14.64 -20.47
N MET I 94 44.73 -14.33 -20.55
CA MET I 94 44.24 -12.96 -20.68
C MET I 94 43.25 -12.65 -19.58
N GLN I 95 43.45 -11.47 -18.96
CA GLN I 95 42.49 -11.00 -17.93
C GLN I 95 41.54 -10.00 -18.60
N ALA I 96 40.32 -9.87 -18.07
CA ALA I 96 39.31 -8.96 -18.60
C ALA I 96 38.64 -8.21 -17.45
N LEU I 97 39.46 -7.74 -16.50
CA LEU I 97 38.96 -7.01 -15.34
C LEU I 97 38.85 -5.52 -15.58
N GLN I 98 39.95 -4.85 -15.91
CA GLN I 98 39.97 -3.41 -16.08
C GLN I 98 40.93 -3.03 -17.20
N THR I 99 40.63 -1.91 -17.85
CA THR I 99 41.54 -1.37 -18.84
C THR I 99 42.80 -0.82 -18.16
N PRO I 100 43.98 -0.97 -18.78
CA PRO I 100 44.30 -1.62 -20.05
C PRO I 100 44.38 -3.14 -19.98
N PHE I 101 44.31 -3.79 -21.14
CA PHE I 101 44.25 -5.24 -21.24
C PHE I 101 45.59 -5.76 -21.74
N THR I 102 46.14 -6.75 -21.05
CA THR I 102 47.43 -7.35 -21.38
C THR I 102 47.30 -8.86 -21.43
N PHE I 103 48.21 -9.49 -22.17
CA PHE I 103 48.31 -10.94 -22.24
C PHE I 103 49.45 -11.42 -21.35
N GLY I 104 49.71 -12.72 -21.40
CA GLY I 104 50.88 -13.29 -20.77
C GLY I 104 52.08 -13.21 -21.69
N PRO I 105 53.27 -13.52 -21.15
CA PRO I 105 54.46 -13.59 -22.02
C PRO I 105 54.39 -14.69 -23.06
N GLY I 106 53.70 -15.79 -22.77
CA GLY I 106 53.54 -16.89 -23.71
C GLY I 106 54.20 -18.15 -23.19
N THR I 107 53.48 -19.27 -23.27
CA THR I 107 53.99 -20.57 -22.85
C THR I 107 54.19 -21.40 -24.13
N ARG I 108 55.43 -21.47 -24.58
CA ARG I 108 55.77 -22.24 -25.78
C ARG I 108 55.79 -23.72 -25.40
N VAL I 109 54.70 -24.43 -25.69
CA VAL I 109 54.57 -25.83 -25.34
C VAL I 109 55.11 -26.64 -26.52
N ASP I 110 56.34 -27.12 -26.39
CA ASP I 110 56.96 -27.97 -27.40
C ASP I 110 56.70 -29.43 -27.06
N ILE I 111 57.38 -30.34 -27.74
CA ILE I 111 57.18 -31.77 -27.54
C ILE I 111 58.42 -32.38 -26.92
N LYS I 112 58.35 -33.68 -26.61
CA LYS I 112 59.42 -34.49 -26.01
C LYS I 112 59.92 -33.92 -24.68
C1 NAG J . -23.28 35.92 -17.56
C2 NAG J . -22.94 36.90 -18.68
C3 NAG J . -22.46 36.15 -19.91
C4 NAG J . -21.33 35.20 -19.57
C5 NAG J . -21.73 34.29 -18.40
C6 NAG J . -20.60 33.41 -17.92
C7 NAG J . -24.23 38.99 -18.52
C8 NAG J . -25.46 39.71 -18.96
N2 NAG J . -24.08 37.75 -19.00
O3 NAG J . -22.04 37.08 -20.90
O4 NAG J . -21.00 34.40 -20.69
O5 NAG J . -22.14 35.08 -17.28
O6 NAG J . -19.45 33.51 -18.76
O7 NAG J . -23.40 39.50 -17.77
C1 NAG K . -11.91 0.59 -6.93
C2 NAG K . -12.21 -0.91 -7.15
C3 NAG K . -12.65 -1.16 -8.59
C4 NAG K . -13.81 -0.23 -8.96
C5 NAG K . -13.43 1.21 -8.70
C6 NAG K . -14.57 2.18 -8.95
C7 NAG K . -11.13 -2.81 -6.03
C8 NAG K . -9.84 -3.54 -5.80
N2 NAG K . -11.05 -1.72 -6.81
O3 NAG K . -13.04 -2.52 -8.73
O4 NAG K . -14.12 -0.40 -10.35
O5 NAG K . -13.05 1.37 -7.32
O6 NAG K . -14.10 3.52 -9.03
O7 NAG K . -12.19 -3.19 -5.55
C1 NAG L . 31.43 5.20 -16.20
C2 NAG L . 31.20 6.64 -15.74
C3 NAG L . 31.75 7.62 -16.78
C4 NAG L . 33.22 7.32 -17.09
C5 NAG L . 33.38 5.84 -17.47
C6 NAG L . 34.83 5.44 -17.64
C7 NAG L . 29.31 7.30 -14.32
C8 NAG L . 27.83 7.51 -14.25
N2 NAG L . 29.79 6.90 -15.50
O3 NAG L . 31.62 8.95 -16.31
O4 NAG L . 33.68 8.13 -18.15
O5 NAG L . 32.83 4.99 -16.45
O6 NAG L . 35.64 5.96 -16.60
O7 NAG L . 30.05 7.48 -13.36
C1 NAG M . -2.11 1.86 13.33
C2 NAG M . -1.15 0.81 13.92
C3 NAG M . -1.87 -0.03 14.98
C4 NAG M . -2.50 0.88 16.04
C5 NAG M . -3.42 1.89 15.37
C6 NAG M . -4.00 2.89 16.33
C7 NAG M . 0.67 -0.46 12.86
C8 NAG M . 1.05 -1.34 11.71
N2 NAG M . -0.61 -0.04 12.88
O3 NAG M . -0.93 -0.91 15.60
O4 NAG M . -3.26 0.09 16.95
O5 NAG M . -2.67 2.64 14.40
O6 NAG M . -4.93 3.76 15.70
O7 NAG M . 1.46 -0.14 13.73
C1 NAG N . -29.90 27.10 22.58
C2 NAG N . -31.42 27.22 22.73
C3 NAG N . -32.02 25.89 23.25
C4 NAG N . -31.55 24.72 22.39
C5 NAG N . -30.02 24.72 22.27
C6 NAG N . -29.50 23.65 21.35
C7 NAG N . -31.53 28.55 24.86
C8 NAG N . -32.09 29.80 25.46
N2 NAG N . -31.84 28.34 23.56
O3 NAG N . -33.43 25.97 23.24
O4 NAG N . -31.98 23.49 22.97
O5 NAG N . -29.57 25.98 21.75
O6 NAG N . -28.23 23.19 21.75
O7 NAG N . -30.85 27.76 25.52
C1 NAG O . 8.81 9.31 -4.72
C2 NAG O . 9.68 8.42 -5.61
C3 NAG O . 11.17 8.73 -5.37
C4 NAG O . 11.45 10.21 -5.55
C5 NAG O . 10.52 11.02 -4.65
C6 NAG O . 10.66 12.52 -4.83
C7 NAG O . 9.31 6.10 -6.34
C8 NAG O . 9.02 4.70 -5.90
N2 NAG O . 9.42 7.01 -5.36
O3 NAG O . 11.95 7.97 -6.29
O4 NAG O . 12.79 10.50 -5.22
O5 NAG O . 9.15 10.69 -4.94
O6 NAG O . 9.94 13.24 -3.84
O7 NAG O . 9.44 6.41 -7.52
C1 NAG P . 6.05 44.59 10.47
C2 NAG P . 6.40 45.48 11.67
C3 NAG P . 7.81 45.15 12.19
C4 NAG P . 7.95 43.66 12.45
C5 NAG P . 7.55 42.86 11.21
C6 NAG P . 7.57 41.36 11.44
C7 NAG P . 6.92 47.62 10.46
C8 NAG P . 6.56 49.07 10.39
N2 NAG P . 6.25 46.90 11.39
O3 NAG P . 8.04 45.88 13.40
O4 NAG P . 9.29 43.35 12.80
O5 NAG P . 6.22 43.20 10.82
O6 NAG P . 7.66 40.65 10.21
O7 NAG P . 7.78 47.12 9.72
#